data_3CJL
# 
_entry.id   3CJL 
# 
_audit_conform.dict_name       mmcif_pdbx.dic 
_audit_conform.dict_version    5.398 
_audit_conform.dict_location   http://mmcif.pdb.org/dictionaries/ascii/mmcif_pdbx.dic 
# 
loop_
_database_2.database_id 
_database_2.database_code 
_database_2.pdbx_database_accession 
_database_2.pdbx_DOI 
PDB   3CJL         pdb_00003cjl 10.2210/pdb3cjl/pdb 
RCSB  RCSB046854   ?            ?                   
WWPDB D_1000046854 ?            ?                   
# 
loop_
_pdbx_audit_revision_history.ordinal 
_pdbx_audit_revision_history.data_content_type 
_pdbx_audit_revision_history.major_revision 
_pdbx_audit_revision_history.minor_revision 
_pdbx_audit_revision_history.revision_date 
1 'Structure model' 1 0 2008-04-01 
2 'Structure model' 1 1 2011-07-13 
3 'Structure model' 1 2 2017-10-25 
4 'Structure model' 1 3 2019-07-24 
5 'Structure model' 1 4 2023-02-01 
6 'Structure model' 1 5 2024-11-13 
# 
_pdbx_audit_revision_details.ordinal             1 
_pdbx_audit_revision_details.revision_ordinal    1 
_pdbx_audit_revision_details.data_content_type   'Structure model' 
_pdbx_audit_revision_details.provider            repository 
_pdbx_audit_revision_details.type                'Initial release' 
_pdbx_audit_revision_details.description         ? 
_pdbx_audit_revision_details.details             ? 
# 
loop_
_pdbx_audit_revision_group.ordinal 
_pdbx_audit_revision_group.revision_ordinal 
_pdbx_audit_revision_group.data_content_type 
_pdbx_audit_revision_group.group 
1  2 'Structure model' Advisory                    
2  2 'Structure model' 'Version format compliance' 
3  3 'Structure model' 'Refinement description'    
4  4 'Structure model' 'Data collection'           
5  4 'Structure model' 'Derived calculations'      
6  4 'Structure model' 'Refinement description'    
7  5 'Structure model' 'Database references'       
8  5 'Structure model' 'Derived calculations'      
9  6 'Structure model' 'Data collection'           
10 6 'Structure model' 'Refinement description'    
11 6 'Structure model' 'Structure summary'         
# 
loop_
_pdbx_audit_revision_category.ordinal 
_pdbx_audit_revision_category.revision_ordinal 
_pdbx_audit_revision_category.data_content_type 
_pdbx_audit_revision_category.category 
1  3 'Structure model' software                  
2  4 'Structure model' software                  
3  4 'Structure model' struct_conn               
4  5 'Structure model' database_2                
5  5 'Structure model' struct_ref_seq_dif        
6  5 'Structure model' struct_site               
7  6 'Structure model' chem_comp_atom            
8  6 'Structure model' chem_comp_bond            
9  6 'Structure model' pdbx_entry_details        
10 6 'Structure model' pdbx_modification_feature 
11 6 'Structure model' struct_ncs_dom_lim        
# 
loop_
_pdbx_audit_revision_item.ordinal 
_pdbx_audit_revision_item.revision_ordinal 
_pdbx_audit_revision_item.data_content_type 
_pdbx_audit_revision_item.item 
1  3 'Structure model' '_software.classification'                     
2  3 'Structure model' '_software.name'                               
3  4 'Structure model' '_software.classification'                     
4  4 'Structure model' '_software.contact_author'                     
5  4 'Structure model' '_software.contact_author_email'               
6  4 'Structure model' '_software.language'                           
7  4 'Structure model' '_software.location'                           
8  4 'Structure model' '_software.name'                               
9  4 'Structure model' '_software.type'                               
10 4 'Structure model' '_software.version'                            
11 4 'Structure model' '_struct_conn.pdbx_leaving_atom_flag'          
12 5 'Structure model' '_database_2.pdbx_DOI'                         
13 5 'Structure model' '_database_2.pdbx_database_accession'          
14 5 'Structure model' '_struct_ref_seq_dif.details'                  
15 5 'Structure model' '_struct_site.pdbx_auth_asym_id'               
16 5 'Structure model' '_struct_site.pdbx_auth_comp_id'               
17 5 'Structure model' '_struct_site.pdbx_auth_seq_id'                
18 6 'Structure model' '_pdbx_entry_details.has_protein_modification' 
19 6 'Structure model' '_struct_ncs_dom_lim.beg_auth_comp_id'         
20 6 'Structure model' '_struct_ncs_dom_lim.end_auth_comp_id'         
# 
_pdbx_database_status.SG_entry                        Y 
_pdbx_database_status.entry_id                        3CJL 
_pdbx_database_status.deposit_site                    RCSB 
_pdbx_database_status.process_site                    RCSB 
_pdbx_database_status.recvd_initial_deposition_date   2008-03-13 
_pdbx_database_status.status_code                     REL 
_pdbx_database_status.status_code_sf                  REL 
_pdbx_database_status.status_code_mr                  ? 
_pdbx_database_status.status_code_cs                  ? 
_pdbx_database_status.pdb_format_compatible           Y 
_pdbx_database_status.methods_development_category    ? 
_pdbx_database_status.status_code_nmr_data            ? 
# 
_pdbx_database_related.db_name        TargetDB 
_pdbx_database_related.db_id          367548 
_pdbx_database_related.details        . 
_pdbx_database_related.content_type   unspecified 
# 
_audit_author.name           'Joint Center for Structural Genomics (JCSG)' 
_audit_author.pdbx_ordinal   1 
# 
_citation.id                        primary 
_citation.title                     
'Crystal structure of domain of unknown function (YP_050007.1) from Erwinia carotovora atroseptica SCRI1043 at 2.20 A resolution' 
_citation.journal_abbrev            'To be published' 
_citation.journal_volume            ? 
_citation.page_first                ? 
_citation.page_last                 ? 
_citation.year                      ? 
_citation.journal_id_ASTM           ? 
_citation.country                   ? 
_citation.journal_id_ISSN           ? 
_citation.journal_id_CSD            0353 
_citation.book_publisher            ? 
_citation.pdbx_database_id_PubMed   ? 
_citation.pdbx_database_id_DOI      ? 
# 
_citation_author.citation_id        primary 
_citation_author.name               'Joint Center for Structural Genomics (JCSG)' 
_citation_author.ordinal            1 
_citation_author.identifier_ORCID   ? 
# 
loop_
_entity.id 
_entity.type 
_entity.src_method 
_entity.pdbx_description 
_entity.formula_weight 
_entity.pdbx_number_of_molecules 
_entity.pdbx_ec 
_entity.pdbx_mutation 
_entity.pdbx_fragment 
_entity.details 
1 polymer     man 'Domain of unknown function' 10765.312 2  ? ? ? ? 
2 non-polymer syn 1,2-ETHANEDIOL               62.068    1  ? ? ? ? 
3 water       nat water                        18.015    56 ? ? ? ? 
# 
_entity_poly.entity_id                      1 
_entity_poly.type                           'polypeptide(L)' 
_entity_poly.nstd_linkage                   no 
_entity_poly.nstd_monomer                   yes 
_entity_poly.pdbx_seq_one_letter_code       
;G(MSE)GNIYQITVEEKAEHQRTLSFEFSLHDDLFKLLEKVDGK(MSE)D(MSE)TPEQTQAF(MSE)VGLKLFGEV
(MSE)(MSE)QQRKHPLFKEFSAPFRAF(MSE)(MSE)NLKKQ
;
_entity_poly.pdbx_seq_one_letter_code_can   
;GMGNIYQITVEEKAEHQRTLSFEFSLHDDLFKLLEKVDGKMDMTPEQTQAFMVGLKLFGEVMMQQRKHPLFKEFSAPFRA
FMMNLKKQ
;
_entity_poly.pdbx_strand_id                 A,B 
_entity_poly.pdbx_target_identifier         367548 
# 
loop_
_pdbx_entity_nonpoly.entity_id 
_pdbx_entity_nonpoly.name 
_pdbx_entity_nonpoly.comp_id 
2 1,2-ETHANEDIOL EDO 
3 water          HOH 
# 
loop_
_entity_poly_seq.entity_id 
_entity_poly_seq.num 
_entity_poly_seq.mon_id 
_entity_poly_seq.hetero 
1 1  GLY n 
1 2  MSE n 
1 3  GLY n 
1 4  ASN n 
1 5  ILE n 
1 6  TYR n 
1 7  GLN n 
1 8  ILE n 
1 9  THR n 
1 10 VAL n 
1 11 GLU n 
1 12 GLU n 
1 13 LYS n 
1 14 ALA n 
1 15 GLU n 
1 16 HIS n 
1 17 GLN n 
1 18 ARG n 
1 19 THR n 
1 20 LEU n 
1 21 SER n 
1 22 PHE n 
1 23 GLU n 
1 24 PHE n 
1 25 SER n 
1 26 LEU n 
1 27 HIS n 
1 28 ASP n 
1 29 ASP n 
1 30 LEU n 
1 31 PHE n 
1 32 LYS n 
1 33 LEU n 
1 34 LEU n 
1 35 GLU n 
1 36 LYS n 
1 37 VAL n 
1 38 ASP n 
1 39 GLY n 
1 40 LYS n 
1 41 MSE n 
1 42 ASP n 
1 43 MSE n 
1 44 THR n 
1 45 PRO n 
1 46 GLU n 
1 47 GLN n 
1 48 THR n 
1 49 GLN n 
1 50 ALA n 
1 51 PHE n 
1 52 MSE n 
1 53 VAL n 
1 54 GLY n 
1 55 LEU n 
1 56 LYS n 
1 57 LEU n 
1 58 PHE n 
1 59 GLY n 
1 60 GLU n 
1 61 VAL n 
1 62 MSE n 
1 63 MSE n 
1 64 GLN n 
1 65 GLN n 
1 66 ARG n 
1 67 LYS n 
1 68 HIS n 
1 69 PRO n 
1 70 LEU n 
1 71 PHE n 
1 72 LYS n 
1 73 GLU n 
1 74 PHE n 
1 75 SER n 
1 76 ALA n 
1 77 PRO n 
1 78 PHE n 
1 79 ARG n 
1 80 ALA n 
1 81 PHE n 
1 82 MSE n 
1 83 MSE n 
1 84 ASN n 
1 85 LEU n 
1 86 LYS n 
1 87 LYS n 
1 88 GLN n 
# 
_entity_src_gen.entity_id                          1 
_entity_src_gen.pdbx_src_id                        1 
_entity_src_gen.pdbx_alt_source_flag               sample 
_entity_src_gen.pdbx_seq_type                      ? 
_entity_src_gen.pdbx_beg_seq_num                   ? 
_entity_src_gen.pdbx_end_seq_num                   ? 
_entity_src_gen.gene_src_common_name               ? 
_entity_src_gen.gene_src_genus                     Pectobacterium 
_entity_src_gen.pdbx_gene_src_gene                 'YP_050007.1, ECA1910' 
_entity_src_gen.gene_src_species                   'Pectobacterium atrosepticum' 
_entity_src_gen.gene_src_strain                    'SCRI 1043' 
_entity_src_gen.gene_src_tissue                    ? 
_entity_src_gen.gene_src_tissue_fraction           ? 
_entity_src_gen.gene_src_details                   ? 
_entity_src_gen.pdbx_gene_src_fragment             ? 
_entity_src_gen.pdbx_gene_src_scientific_name      'Pectobacterium atrosepticum SCRI1043' 
_entity_src_gen.pdbx_gene_src_ncbi_taxonomy_id     218491 
_entity_src_gen.pdbx_gene_src_variant              ? 
_entity_src_gen.pdbx_gene_src_cell_line            ? 
_entity_src_gen.pdbx_gene_src_atcc                 BAA-672 
_entity_src_gen.pdbx_gene_src_organ                ? 
_entity_src_gen.pdbx_gene_src_organelle            ? 
_entity_src_gen.pdbx_gene_src_cell                 ? 
_entity_src_gen.pdbx_gene_src_cellular_location    ? 
_entity_src_gen.host_org_common_name               ? 
_entity_src_gen.pdbx_host_org_scientific_name      'Escherichia coli' 
_entity_src_gen.pdbx_host_org_ncbi_taxonomy_id     562 
_entity_src_gen.host_org_genus                     Escherichia 
_entity_src_gen.pdbx_host_org_gene                 ? 
_entity_src_gen.pdbx_host_org_organ                ? 
_entity_src_gen.host_org_species                   ? 
_entity_src_gen.pdbx_host_org_tissue               ? 
_entity_src_gen.pdbx_host_org_tissue_fraction      ? 
_entity_src_gen.pdbx_host_org_strain               HK100 
_entity_src_gen.pdbx_host_org_variant              ? 
_entity_src_gen.pdbx_host_org_cell_line            ? 
_entity_src_gen.pdbx_host_org_atcc                 ? 
_entity_src_gen.pdbx_host_org_culture_collection   ? 
_entity_src_gen.pdbx_host_org_cell                 ? 
_entity_src_gen.pdbx_host_org_organelle            ? 
_entity_src_gen.pdbx_host_org_cellular_location    ? 
_entity_src_gen.pdbx_host_org_vector_type          Plasmid 
_entity_src_gen.pdbx_host_org_vector               ? 
_entity_src_gen.host_org_details                   ? 
_entity_src_gen.expression_system_id               ? 
_entity_src_gen.plasmid_name                       SpeedET 
_entity_src_gen.plasmid_details                    ? 
_entity_src_gen.pdbx_description                   ? 
# 
loop_
_chem_comp.id 
_chem_comp.type 
_chem_comp.mon_nstd_flag 
_chem_comp.name 
_chem_comp.pdbx_synonyms 
_chem_comp.formula 
_chem_comp.formula_weight 
ALA 'L-peptide linking' y ALANINE          ?                 'C3 H7 N O2'     89.093  
ARG 'L-peptide linking' y ARGININE         ?                 'C6 H15 N4 O2 1' 175.209 
ASN 'L-peptide linking' y ASPARAGINE       ?                 'C4 H8 N2 O3'    132.118 
ASP 'L-peptide linking' y 'ASPARTIC ACID'  ?                 'C4 H7 N O4'     133.103 
EDO non-polymer         . 1,2-ETHANEDIOL   'ETHYLENE GLYCOL' 'C2 H6 O2'       62.068  
GLN 'L-peptide linking' y GLUTAMINE        ?                 'C5 H10 N2 O3'   146.144 
GLU 'L-peptide linking' y 'GLUTAMIC ACID'  ?                 'C5 H9 N O4'     147.129 
GLY 'peptide linking'   y GLYCINE          ?                 'C2 H5 N O2'     75.067  
HIS 'L-peptide linking' y HISTIDINE        ?                 'C6 H10 N3 O2 1' 156.162 
HOH non-polymer         . WATER            ?                 'H2 O'           18.015  
ILE 'L-peptide linking' y ISOLEUCINE       ?                 'C6 H13 N O2'    131.173 
LEU 'L-peptide linking' y LEUCINE          ?                 'C6 H13 N O2'    131.173 
LYS 'L-peptide linking' y LYSINE           ?                 'C6 H15 N2 O2 1' 147.195 
MSE 'L-peptide linking' n SELENOMETHIONINE ?                 'C5 H11 N O2 Se' 196.106 
PHE 'L-peptide linking' y PHENYLALANINE    ?                 'C9 H11 N O2'    165.189 
PRO 'L-peptide linking' y PROLINE          ?                 'C5 H9 N O2'     115.130 
SER 'L-peptide linking' y SERINE           ?                 'C3 H7 N O3'     105.093 
THR 'L-peptide linking' y THREONINE        ?                 'C4 H9 N O3'     119.119 
TYR 'L-peptide linking' y TYROSINE         ?                 'C9 H11 N O3'    181.189 
VAL 'L-peptide linking' y VALINE           ?                 'C5 H11 N O2'    117.146 
# 
loop_
_pdbx_poly_seq_scheme.asym_id 
_pdbx_poly_seq_scheme.entity_id 
_pdbx_poly_seq_scheme.seq_id 
_pdbx_poly_seq_scheme.mon_id 
_pdbx_poly_seq_scheme.ndb_seq_num 
_pdbx_poly_seq_scheme.pdb_seq_num 
_pdbx_poly_seq_scheme.auth_seq_num 
_pdbx_poly_seq_scheme.pdb_mon_id 
_pdbx_poly_seq_scheme.auth_mon_id 
_pdbx_poly_seq_scheme.pdb_strand_id 
_pdbx_poly_seq_scheme.pdb_ins_code 
_pdbx_poly_seq_scheme.hetero 
A 1 1  GLY 1  0  0  GLY GLY A . n 
A 1 2  MSE 2  1  1  MSE MSE A . n 
A 1 3  GLY 3  2  2  GLY GLY A . n 
A 1 4  ASN 4  3  3  ASN ASN A . n 
A 1 5  ILE 5  4  4  ILE ILE A . n 
A 1 6  TYR 6  5  5  TYR TYR A . n 
A 1 7  GLN 7  6  6  GLN GLN A . n 
A 1 8  ILE 8  7  7  ILE ILE A . n 
A 1 9  THR 9  8  8  THR THR A . n 
A 1 10 VAL 10 9  9  VAL VAL A . n 
A 1 11 GLU 11 10 10 GLU GLU A . n 
A 1 12 GLU 12 11 11 GLU GLU A . n 
A 1 13 LYS 13 12 12 LYS LYS A . n 
A 1 14 ALA 14 13 13 ALA ALA A . n 
A 1 15 GLU 15 14 14 GLU GLU A . n 
A 1 16 HIS 16 15 15 HIS HIS A . n 
A 1 17 GLN 17 16 16 GLN GLN A . n 
A 1 18 ARG 18 17 17 ARG ARG A . n 
A 1 19 THR 19 18 18 THR THR A . n 
A 1 20 LEU 20 19 19 LEU LEU A . n 
A 1 21 SER 21 20 20 SER SER A . n 
A 1 22 PHE 22 21 21 PHE PHE A . n 
A 1 23 GLU 23 22 22 GLU GLU A . n 
A 1 24 PHE 24 23 23 PHE PHE A . n 
A 1 25 SER 25 24 24 SER SER A . n 
A 1 26 LEU 26 25 25 LEU LEU A . n 
A 1 27 HIS 27 26 26 HIS HIS A . n 
A 1 28 ASP 28 27 27 ASP ASP A . n 
A 1 29 ASP 29 28 28 ASP ASP A . n 
A 1 30 LEU 30 29 29 LEU LEU A . n 
A 1 31 PHE 31 30 30 PHE PHE A . n 
A 1 32 LYS 32 31 31 LYS LYS A . n 
A 1 33 LEU 33 32 32 LEU LEU A . n 
A 1 34 LEU 34 33 33 LEU LEU A . n 
A 1 35 GLU 35 34 34 GLU GLU A . n 
A 1 36 LYS 36 35 35 LYS LYS A . n 
A 1 37 VAL 37 36 36 VAL VAL A . n 
A 1 38 ASP 38 37 37 ASP ASP A . n 
A 1 39 GLY 39 38 38 GLY GLY A . n 
A 1 40 LYS 40 39 39 LYS LYS A . n 
A 1 41 MSE 41 40 40 MSE MSE A . n 
A 1 42 ASP 42 41 41 ASP ASP A . n 
A 1 43 MSE 43 42 42 MSE MSE A . n 
A 1 44 THR 44 43 43 THR THR A . n 
A 1 45 PRO 45 44 44 PRO PRO A . n 
A 1 46 GLU 46 45 45 GLU GLU A . n 
A 1 47 GLN 47 46 46 GLN GLN A . n 
A 1 48 THR 48 47 47 THR THR A . n 
A 1 49 GLN 49 48 48 GLN GLN A . n 
A 1 50 ALA 50 49 49 ALA ALA A . n 
A 1 51 PHE 51 50 50 PHE PHE A . n 
A 1 52 MSE 52 51 51 MSE MSE A . n 
A 1 53 VAL 53 52 52 VAL VAL A . n 
A 1 54 GLY 54 53 53 GLY GLY A . n 
A 1 55 LEU 55 54 54 LEU LEU A . n 
A 1 56 LYS 56 55 55 LYS LYS A . n 
A 1 57 LEU 57 56 56 LEU LEU A . n 
A 1 58 PHE 58 57 57 PHE PHE A . n 
A 1 59 GLY 59 58 58 GLY GLY A . n 
A 1 60 GLU 60 59 59 GLU GLU A . n 
A 1 61 VAL 61 60 60 VAL VAL A . n 
A 1 62 MSE 62 61 61 MSE MSE A . n 
A 1 63 MSE 63 62 62 MSE MSE A . n 
A 1 64 GLN 64 63 63 GLN GLN A . n 
A 1 65 GLN 65 64 64 GLN GLN A . n 
A 1 66 ARG 66 65 65 ARG ARG A . n 
A 1 67 LYS 67 66 66 LYS LYS A . n 
A 1 68 HIS 68 67 67 HIS HIS A . n 
A 1 69 PRO 69 68 68 PRO PRO A . n 
A 1 70 LEU 70 69 69 LEU LEU A . n 
A 1 71 PHE 71 70 70 PHE PHE A . n 
A 1 72 LYS 72 71 71 LYS LYS A . n 
A 1 73 GLU 73 72 72 GLU GLU A . n 
A 1 74 PHE 74 73 73 PHE PHE A . n 
A 1 75 SER 75 74 74 SER SER A . n 
A 1 76 ALA 76 75 75 ALA ALA A . n 
A 1 77 PRO 77 76 76 PRO PRO A . n 
A 1 78 PHE 78 77 77 PHE PHE A . n 
A 1 79 ARG 79 78 78 ARG ARG A . n 
A 1 80 ALA 80 79 79 ALA ALA A . n 
A 1 81 PHE 81 80 80 PHE PHE A . n 
A 1 82 MSE 82 81 81 MSE MSE A . n 
A 1 83 MSE 83 82 82 MSE MSE A . n 
A 1 84 ASN 84 83 83 ASN ASN A . n 
A 1 85 LEU 85 84 84 LEU LEU A . n 
A 1 86 LYS 86 85 85 LYS LYS A . n 
A 1 87 LYS 87 86 86 LYS LYS A . n 
A 1 88 GLN 88 87 87 GLN GLN A . n 
B 1 1  GLY 1  0  ?  ?   ?   B . n 
B 1 2  MSE 2  1  1  MSE MSE B . n 
B 1 3  GLY 3  2  2  GLY GLY B . n 
B 1 4  ASN 4  3  3  ASN ASN B . n 
B 1 5  ILE 5  4  4  ILE ILE B . n 
B 1 6  TYR 6  5  5  TYR TYR B . n 
B 1 7  GLN 7  6  6  GLN GLN B . n 
B 1 8  ILE 8  7  7  ILE ILE B . n 
B 1 9  THR 9  8  8  THR THR B . n 
B 1 10 VAL 10 9  9  VAL VAL B . n 
B 1 11 GLU 11 10 10 GLU GLU B . n 
B 1 12 GLU 12 11 11 GLU GLU B . n 
B 1 13 LYS 13 12 12 LYS LYS B . n 
B 1 14 ALA 14 13 13 ALA ALA B . n 
B 1 15 GLU 15 14 14 GLU GLU B . n 
B 1 16 HIS 16 15 15 HIS HIS B . n 
B 1 17 GLN 17 16 16 GLN GLN B . n 
B 1 18 ARG 18 17 17 ARG ARG B . n 
B 1 19 THR 19 18 18 THR THR B . n 
B 1 20 LEU 20 19 19 LEU LEU B . n 
B 1 21 SER 21 20 20 SER SER B . n 
B 1 22 PHE 22 21 21 PHE PHE B . n 
B 1 23 GLU 23 22 22 GLU GLU B . n 
B 1 24 PHE 24 23 23 PHE PHE B . n 
B 1 25 SER 25 24 24 SER SER B . n 
B 1 26 LEU 26 25 25 LEU LEU B . n 
B 1 27 HIS 27 26 26 HIS HIS B . n 
B 1 28 ASP 28 27 27 ASP ASP B . n 
B 1 29 ASP 29 28 28 ASP ASP B . n 
B 1 30 LEU 30 29 29 LEU LEU B . n 
B 1 31 PHE 31 30 30 PHE PHE B . n 
B 1 32 LYS 32 31 31 LYS LYS B . n 
B 1 33 LEU 33 32 32 LEU LEU B . n 
B 1 34 LEU 34 33 33 LEU LEU B . n 
B 1 35 GLU 35 34 34 GLU GLU B . n 
B 1 36 LYS 36 35 35 LYS LYS B . n 
B 1 37 VAL 37 36 36 VAL VAL B . n 
B 1 38 ASP 38 37 37 ASP ASP B . n 
B 1 39 GLY 39 38 38 GLY GLY B . n 
B 1 40 LYS 40 39 39 LYS LYS B . n 
B 1 41 MSE 41 40 40 MSE MSE B . n 
B 1 42 ASP 42 41 41 ASP ASP B . n 
B 1 43 MSE 43 42 42 MSE MSE B . n 
B 1 44 THR 44 43 43 THR THR B . n 
B 1 45 PRO 45 44 44 PRO PRO B . n 
B 1 46 GLU 46 45 45 GLU GLU B . n 
B 1 47 GLN 47 46 46 GLN GLN B . n 
B 1 48 THR 48 47 47 THR THR B . n 
B 1 49 GLN 49 48 48 GLN GLN B . n 
B 1 50 ALA 50 49 49 ALA ALA B . n 
B 1 51 PHE 51 50 50 PHE PHE B . n 
B 1 52 MSE 52 51 51 MSE MSE B . n 
B 1 53 VAL 53 52 52 VAL VAL B . n 
B 1 54 GLY 54 53 53 GLY GLY B . n 
B 1 55 LEU 55 54 54 LEU LEU B . n 
B 1 56 LYS 56 55 55 LYS LYS B . n 
B 1 57 LEU 57 56 56 LEU LEU B . n 
B 1 58 PHE 58 57 57 PHE PHE B . n 
B 1 59 GLY 59 58 58 GLY GLY B . n 
B 1 60 GLU 60 59 59 GLU GLU B . n 
B 1 61 VAL 61 60 60 VAL VAL B . n 
B 1 62 MSE 62 61 61 MSE MSE B . n 
B 1 63 MSE 63 62 62 MSE MSE B . n 
B 1 64 GLN 64 63 63 GLN GLN B . n 
B 1 65 GLN 65 64 64 GLN GLN B . n 
B 1 66 ARG 66 65 65 ARG ARG B . n 
B 1 67 LYS 67 66 66 LYS LYS B . n 
B 1 68 HIS 68 67 67 HIS HIS B . n 
B 1 69 PRO 69 68 68 PRO PRO B . n 
B 1 70 LEU 70 69 69 LEU LEU B . n 
B 1 71 PHE 71 70 70 PHE PHE B . n 
B 1 72 LYS 72 71 71 LYS LYS B . n 
B 1 73 GLU 73 72 72 GLU GLU B . n 
B 1 74 PHE 74 73 73 PHE PHE B . n 
B 1 75 SER 75 74 74 SER SER B . n 
B 1 76 ALA 76 75 75 ALA ALA B . n 
B 1 77 PRO 77 76 76 PRO PRO B . n 
B 1 78 PHE 78 77 77 PHE PHE B . n 
B 1 79 ARG 79 78 78 ARG ARG B . n 
B 1 80 ALA 80 79 79 ALA ALA B . n 
B 1 81 PHE 81 80 80 PHE PHE B . n 
B 1 82 MSE 82 81 81 MSE MSE B . n 
B 1 83 MSE 83 82 82 MSE MSE B . n 
B 1 84 ASN 84 83 83 ASN ASN B . n 
B 1 85 LEU 85 84 84 LEU LEU B . n 
B 1 86 LYS 86 85 85 LYS LYS B . n 
B 1 87 LYS 87 86 86 LYS LYS B . n 
B 1 88 GLN 88 87 87 GLN GLN B . n 
# 
loop_
_pdbx_nonpoly_scheme.asym_id 
_pdbx_nonpoly_scheme.entity_id 
_pdbx_nonpoly_scheme.mon_id 
_pdbx_nonpoly_scheme.ndb_seq_num 
_pdbx_nonpoly_scheme.pdb_seq_num 
_pdbx_nonpoly_scheme.auth_seq_num 
_pdbx_nonpoly_scheme.pdb_mon_id 
_pdbx_nonpoly_scheme.auth_mon_id 
_pdbx_nonpoly_scheme.pdb_strand_id 
_pdbx_nonpoly_scheme.pdb_ins_code 
C 2 EDO 1  88  1  EDO EDO A . 
D 3 HOH 1  89  5  HOH HOH A . 
D 3 HOH 2  90  7  HOH HOH A . 
D 3 HOH 3  91  9  HOH HOH A . 
D 3 HOH 4  92  10 HOH HOH A . 
D 3 HOH 5  93  12 HOH HOH A . 
D 3 HOH 6  94  13 HOH HOH A . 
D 3 HOH 7  95  16 HOH HOH A . 
D 3 HOH 8  96  18 HOH HOH A . 
D 3 HOH 9  97  22 HOH HOH A . 
D 3 HOH 10 98  24 HOH HOH A . 
D 3 HOH 11 99  27 HOH HOH A . 
D 3 HOH 12 100 29 HOH HOH A . 
D 3 HOH 13 101 30 HOH HOH A . 
D 3 HOH 14 102 35 HOH HOH A . 
D 3 HOH 15 103 36 HOH HOH A . 
D 3 HOH 16 104 37 HOH HOH A . 
D 3 HOH 17 105 39 HOH HOH A . 
D 3 HOH 18 106 40 HOH HOH A . 
D 3 HOH 19 107 41 HOH HOH A . 
D 3 HOH 20 108 43 HOH HOH A . 
D 3 HOH 21 109 44 HOH HOH A . 
D 3 HOH 22 110 45 HOH HOH A . 
D 3 HOH 23 111 46 HOH HOH A . 
D 3 HOH 24 112 48 HOH HOH A . 
D 3 HOH 25 113 50 HOH HOH A . 
D 3 HOH 26 114 51 HOH HOH A . 
D 3 HOH 27 115 52 HOH HOH A . 
D 3 HOH 28 116 53 HOH HOH A . 
D 3 HOH 29 117 56 HOH HOH A . 
D 3 HOH 30 118 57 HOH HOH A . 
E 3 HOH 1  88  2  HOH HOH B . 
E 3 HOH 2  89  3  HOH HOH B . 
E 3 HOH 3  90  4  HOH HOH B . 
E 3 HOH 4  91  6  HOH HOH B . 
E 3 HOH 5  92  8  HOH HOH B . 
E 3 HOH 6  93  11 HOH HOH B . 
E 3 HOH 7  94  14 HOH HOH B . 
E 3 HOH 8  95  15 HOH HOH B . 
E 3 HOH 9  96  17 HOH HOH B . 
E 3 HOH 10 97  19 HOH HOH B . 
E 3 HOH 11 98  20 HOH HOH B . 
E 3 HOH 12 99  21 HOH HOH B . 
E 3 HOH 13 100 23 HOH HOH B . 
E 3 HOH 14 101 25 HOH HOH B . 
E 3 HOH 15 102 26 HOH HOH B . 
E 3 HOH 16 103 28 HOH HOH B . 
E 3 HOH 17 104 31 HOH HOH B . 
E 3 HOH 18 105 32 HOH HOH B . 
E 3 HOH 19 106 33 HOH HOH B . 
E 3 HOH 20 107 34 HOH HOH B . 
E 3 HOH 21 108 38 HOH HOH B . 
E 3 HOH 22 109 42 HOH HOH B . 
E 3 HOH 23 110 47 HOH HOH B . 
E 3 HOH 24 111 49 HOH HOH B . 
E 3 HOH 25 112 54 HOH HOH B . 
E 3 HOH 26 113 55 HOH HOH B . 
# 
loop_
_pdbx_unobs_or_zero_occ_atoms.id 
_pdbx_unobs_or_zero_occ_atoms.PDB_model_num 
_pdbx_unobs_or_zero_occ_atoms.polymer_flag 
_pdbx_unobs_or_zero_occ_atoms.occupancy_flag 
_pdbx_unobs_or_zero_occ_atoms.auth_asym_id 
_pdbx_unobs_or_zero_occ_atoms.auth_comp_id 
_pdbx_unobs_or_zero_occ_atoms.auth_seq_id 
_pdbx_unobs_or_zero_occ_atoms.PDB_ins_code 
_pdbx_unobs_or_zero_occ_atoms.auth_atom_id 
_pdbx_unobs_or_zero_occ_atoms.label_alt_id 
_pdbx_unobs_or_zero_occ_atoms.label_asym_id 
_pdbx_unobs_or_zero_occ_atoms.label_comp_id 
_pdbx_unobs_or_zero_occ_atoms.label_seq_id 
_pdbx_unobs_or_zero_occ_atoms.label_atom_id 
1  1 Y 1 A LYS 12 ? CE  ? A LYS 13 CE  
2  1 Y 1 A LYS 12 ? NZ  ? A LYS 13 NZ  
3  1 Y 1 A GLU 14 ? CG  ? A GLU 15 CG  
4  1 Y 1 A GLU 14 ? CD  ? A GLU 15 CD  
5  1 Y 1 A GLU 14 ? OE1 ? A GLU 15 OE1 
6  1 Y 1 A GLU 14 ? OE2 ? A GLU 15 OE2 
7  1 Y 1 A GLU 45 ? CG  ? A GLU 46 CG  
8  1 Y 1 A GLU 45 ? CD  ? A GLU 46 CD  
9  1 Y 1 A GLU 45 ? OE1 ? A GLU 46 OE1 
10 1 Y 1 A GLU 45 ? OE2 ? A GLU 46 OE2 
11 1 Y 1 A LYS 66 ? CG  ? A LYS 67 CG  
12 1 Y 1 A LYS 66 ? CD  ? A LYS 67 CD  
13 1 Y 1 A LYS 66 ? CE  ? A LYS 67 CE  
14 1 Y 1 A LYS 66 ? NZ  ? A LYS 67 NZ  
15 1 Y 1 A GLU 72 ? CG  ? A GLU 73 CG  
16 1 Y 1 A GLU 72 ? CD  ? A GLU 73 CD  
17 1 Y 1 A GLU 72 ? OE1 ? A GLU 73 OE1 
18 1 Y 1 A GLU 72 ? OE2 ? A GLU 73 OE2 
19 1 Y 1 B GLU 14 ? CG  ? B GLU 15 CG  
20 1 Y 1 B GLU 14 ? CD  ? B GLU 15 CD  
21 1 Y 1 B GLU 14 ? OE1 ? B GLU 15 OE1 
22 1 Y 1 B GLU 14 ? OE2 ? B GLU 15 OE2 
23 1 Y 1 B HIS 15 ? CG  ? B HIS 16 CG  
24 1 Y 1 B HIS 15 ? ND1 ? B HIS 16 ND1 
25 1 Y 1 B HIS 15 ? CD2 ? B HIS 16 CD2 
26 1 Y 1 B HIS 15 ? CE1 ? B HIS 16 CE1 
27 1 Y 1 B HIS 15 ? NE2 ? B HIS 16 NE2 
28 1 Y 1 B LYS 35 ? CD  ? B LYS 36 CD  
29 1 Y 1 B LYS 35 ? CE  ? B LYS 36 CE  
30 1 Y 1 B LYS 35 ? NZ  ? B LYS 36 NZ  
31 1 Y 1 B LYS 39 ? CG  ? B LYS 40 CG  
32 1 Y 1 B LYS 39 ? CD  ? B LYS 40 CD  
33 1 Y 1 B LYS 39 ? CE  ? B LYS 40 CE  
34 1 Y 1 B LYS 39 ? NZ  ? B LYS 40 NZ  
35 1 Y 1 B ASP 41 ? CG  ? B ASP 42 CG  
36 1 Y 1 B ASP 41 ? OD1 ? B ASP 42 OD1 
37 1 Y 1 B ASP 41 ? OD2 ? B ASP 42 OD2 
38 1 Y 1 B LYS 66 ? CE  ? B LYS 67 CE  
39 1 Y 1 B LYS 66 ? NZ  ? B LYS 67 NZ  
40 1 Y 1 B GLN 87 ? CG  ? B GLN 88 CG  
41 1 Y 1 B GLN 87 ? CD  ? B GLN 88 CD  
42 1 Y 1 B GLN 87 ? OE1 ? B GLN 88 OE1 
43 1 Y 1 B GLN 87 ? NE2 ? B GLN 88 NE2 
# 
loop_
_software.name 
_software.version 
_software.date 
_software.type 
_software.contact_author 
_software.contact_author_email 
_software.classification 
_software.location 
_software.language 
_software.citation_id 
_software.pdbx_ordinal 
REFMAC      5.2.0019 ?              program 'Murshudov, G.N.'            ccp4@dl.ac.uk                        refinement        
http://www.ccp4.ac.uk/main.html              Fortran_77 ? 1 
PHENIX      .        ?              package 'P.D. Adams'                 PDAdams@lbl.gov                      refinement        
http://www.phenix-online.org/                C++        ? 2 
SOLVE       .        ?              package 'Tom Terwilliger'            terwilliger@LANL.gov                 phasing           
http://www.solve.lanl.gov/                   ?          ? 3 
MolProbity  3beta29  ?              package 'D.C. & J.S. Richardson lab' molprobity@kinemage.biochem.duke.edu 'model building'  
http://kinemage.biochem.duke.edu/molprobity/ ?          ? 4 
SCALA       .        ?              other   'Phil Evans'                 pre@mrc-lmb.cam.ac.uk                'data scaling'    
http://www.ccp4.ac.uk/dist/html/INDEX.html   Fortran_77 ? 5 
PDB_EXTRACT 3.000    'July 2, 2007' package PDB                          sw-help@rcsb.rutgers.edu             'data extraction' 
http://pdb.rutgers.edu/software/             C++        ? 6 
MAR345      CCD      ?              ?       ?                            ?                                    'data collection' ? 
?          ? 7 
MOSFLM      .        ?              ?       ?                            ?                                    'data reduction'  ? 
?          ? 8 
# 
_cell.entry_id           3CJL 
_cell.length_a           100.901 
_cell.length_b           100.901 
_cell.length_c           46.765 
_cell.angle_alpha        90.000 
_cell.angle_beta         90.000 
_cell.angle_gamma        120.000 
_cell.pdbx_unique_axis   ? 
_cell.Z_PDB              12 
_cell.length_a_esd       ? 
_cell.length_b_esd       ? 
_cell.length_c_esd       ? 
_cell.angle_alpha_esd    ? 
_cell.angle_beta_esd     ? 
_cell.angle_gamma_esd    ? 
# 
_symmetry.entry_id                         3CJL 
_symmetry.Int_Tables_number                169 
_symmetry.space_group_name_H-M             'P 61' 
_symmetry.pdbx_full_space_group_name_H-M   ? 
_symmetry.cell_setting                     ? 
_symmetry.space_group_name_Hall            ? 
# 
_exptl.crystals_number   1 
_exptl.method            'X-RAY DIFFRACTION' 
_exptl.entry_id          3CJL 
# 
_exptl_crystal.id                    1 
_exptl_crystal.density_Matthews      3.19 
_exptl_crystal.density_meas          ? 
_exptl_crystal.density_percent_sol   61.46 
_exptl_crystal.description           ? 
_exptl_crystal.F_000                 ? 
_exptl_crystal.preparation           ? 
# 
_exptl_crystal_grow.crystal_id      1 
_exptl_crystal_grow.method          'VAPOR DIFFUSION, SITTING DROP' 
_exptl_crystal_grow.pH              7.5 
_exptl_crystal_grow.temp            277 
_exptl_crystal_grow.pdbx_details    'NANODROP, 1.4M Na3Citrate, 0.1M HEPES pH 7.5, VAPOR DIFFUSION, SITTING DROP, temperature 277K' 
_exptl_crystal_grow.temp_details    ? 
_exptl_crystal_grow.pdbx_pH_range   . 
# 
_diffrn.id                     1 
_diffrn.ambient_temp           100 
_diffrn.ambient_temp_details   ? 
_diffrn.crystal_id             1 
# 
_diffrn_detector.diffrn_id              1 
_diffrn_detector.detector               CCD 
_diffrn_detector.type                   'MARMOSAIC 325 mm CCD' 
_diffrn_detector.details                'Flat collimating mirror, toroid focusing mirror' 
_diffrn_detector.pdbx_collection_date   2008-02-21 
# 
_diffrn_radiation.diffrn_id                        1 
_diffrn_radiation.pdbx_monochromatic_or_laue_m_l   M 
_diffrn_radiation.monochromator                    'Double crystal' 
_diffrn_radiation.pdbx_diffrn_protocol             'SINGLE WAVELENGTH' 
_diffrn_radiation.wavelength_id                    1 
_diffrn_radiation.pdbx_scattering_type             x-ray 
# 
_diffrn_radiation_wavelength.id           1 
_diffrn_radiation_wavelength.wavelength   0.97908 
_diffrn_radiation_wavelength.wt           1.0 
# 
_diffrn_source.diffrn_id                   1 
_diffrn_source.source                      SYNCHROTRON 
_diffrn_source.pdbx_synchrotron_beamline   BL9-2 
_diffrn_source.type                        'SSRL BEAMLINE BL9-2' 
_diffrn_source.pdbx_wavelength             ? 
_diffrn_source.pdbx_wavelength_list        0.97908 
_diffrn_source.pdbx_synchrotron_site       SSRL 
# 
_reflns.entry_id                     3CJL 
_reflns.d_resolution_high            2.20 
_reflns.d_resolution_low             29.123 
_reflns.number_obs                   14004 
_reflns.pdbx_Rmerge_I_obs            0.106 
_reflns.pdbx_netI_over_sigmaI        5.100 
_reflns.pdbx_Rsym_value              0.106 
_reflns.pdbx_redundancy              7.300 
_reflns.percent_possible_obs         99.900 
_reflns.observed_criterion_sigma_F   ? 
_reflns.observed_criterion_sigma_I   ? 
_reflns.number_all                   ? 
_reflns.B_iso_Wilson_estimate        39.316 
_reflns.R_free_details               ? 
_reflns.limit_h_max                  ? 
_reflns.limit_h_min                  ? 
_reflns.limit_k_max                  ? 
_reflns.limit_k_min                  ? 
_reflns.limit_l_max                  ? 
_reflns.limit_l_min                  ? 
_reflns.observed_criterion_F_max     ? 
_reflns.observed_criterion_F_min     ? 
_reflns.pdbx_chi_squared             ? 
_reflns.pdbx_scaling_rejects         ? 
_reflns.pdbx_ordinal                 1 
_reflns.pdbx_diffrn_id               1 
# 
loop_
_reflns_shell.d_res_high 
_reflns_shell.d_res_low 
_reflns_shell.number_measured_obs 
_reflns_shell.number_measured_all 
_reflns_shell.number_unique_obs 
_reflns_shell.Rmerge_I_obs 
_reflns_shell.meanI_over_sigI_obs 
_reflns_shell.pdbx_Rsym_value 
_reflns_shell.pdbx_chi_squared 
_reflns_shell.pdbx_redundancy 
_reflns_shell.percent_possible_obs 
_reflns_shell.number_unique_all 
_reflns_shell.percent_possible_all 
_reflns_shell.pdbx_ordinal 
_reflns_shell.pdbx_diffrn_id 
2.20 2.26   ? 7582 ? 0.716 1.1 0.716 ? 7.40 ? 1022 100.00 1  1 
2.26 2.32   ? 7596 ? 0.611 1.3 0.611 ? 7.50 ? 1017 100.00 2  1 
2.32 2.39   ? 7068 ? 0.487 1.6 0.487 ? 7.50 ? 948  100.00 3  1 
2.39 2.46   ? 7240 ? 0.416 1.9 0.416 ? 7.40 ? 973  100.00 4  1 
2.46 2.54   ? 6727 ? 0.348 2.2 0.348 ? 7.50 ? 899  100.00 5  1 
2.54 2.63   ? 6562 ? 0.282 2.7 0.282 ? 7.40 ? 882  100.00 6  1 
2.63 2.73   ? 6523 ? 0.229 3.4 0.229 ? 7.50 ? 874  100.00 7  1 
2.73 2.84   ? 6038 ? 0.183 4.2 0.183 ? 7.50 ? 809  100.00 8  1 
2.84 2.97   ? 5954 ? 0.164 4.6 0.164 ? 7.50 ? 799  100.00 9  1 
2.97 3.11   ? 5755 ? 0.129 5.7 0.129 ? 7.50 ? 768  100.00 10 1 
3.11 3.28   ? 5398 ? 0.111 6.4 0.111 ? 7.40 ? 727  100.00 11 1 
3.28 3.48   ? 5047 ? 0.092 7.4 0.092 ? 7.40 ? 683  100.00 12 1 
3.48 3.72   ? 4727 ? 0.082 8.1 0.082 ? 7.40 ? 642  100.00 13 1 
3.72 4.02   ? 4350 ? 0.073 9.1 0.073 ? 7.30 ? 593  100.00 14 1 
4.02 4.40   ? 4060 ? 0.070 9.8 0.070 ? 7.20 ? 563  100.00 15 1 
4.40 4.92   ? 3555 ? 0.068 9.4 0.068 ? 7.20 ? 497  100.00 16 1 
4.92 5.68   ? 3101 ? 0.079 8.1 0.079 ? 6.80 ? 457  100.00 17 1 
5.68 6.96   ? 2431 ? 0.090 7.2 0.090 ? 6.30 ? 383  100.00 18 1 
6.96 9.84   ? 1837 ? 0.065 9.2 0.065 ? 6.10 ? 302  100.00 19 1 
9.84 29.123 ? 930  ? 0.065 9.1 0.065 ? 5.60 ? 166  94.80  20 1 
# 
_refine.entry_id                                 3CJL 
_refine.ls_d_res_high                            2.200 
_refine.ls_d_res_low                             29.123 
_refine.pdbx_ls_sigma_F                          0.00 
_refine.ls_percent_reflns_obs                    99.940 
_refine.ls_number_reflns_obs                     13985 
_refine.pdbx_ls_cross_valid_method               THROUGHOUT 
_refine.pdbx_R_Free_selection_details            RANDOM 
_refine.details                                  
;1. HYDROGENS HAVE BEEN ADDED IN THE RIDING POSITIONS.
 2. A MET-INHIBITION PROTOCOL WAS USED FOR SELENOMETHIONINE
 INCORPORATION DURING PROTEIN EXPRESSION. THE OCCUPANCY OF
 THE SE ATOMS IN THE MSE RESIDUES WAS REDUCED TO 0.75 FOR
 THE REDUCED SCATTERING POWER DUE TO PARTIAL S-MET INCORPORATION.
 3. ATOM RECORD CONTAINS RESIDUAL B FACTORS ONLY.
;
_refine.ls_R_factor_obs                          0.195 
_refine.ls_R_factor_R_work                       0.194 
_refine.ls_R_factor_R_free                       0.220 
_refine.ls_percent_reflns_R_free                 5.000 
_refine.ls_number_reflns_R_free                  695 
_refine.B_iso_mean                               34.586 
_refine.aniso_B[1][1]                            0.950 
_refine.aniso_B[2][2]                            0.950 
_refine.aniso_B[3][3]                            -1.430 
_refine.aniso_B[1][2]                            0.480 
_refine.aniso_B[1][3]                            0.000 
_refine.aniso_B[2][3]                            0.000 
_refine.correlation_coeff_Fo_to_Fc               0.954 
_refine.correlation_coeff_Fo_to_Fc_free          0.938 
_refine.pdbx_overall_ESU_R                       0.194 
_refine.pdbx_overall_ESU_R_Free                  0.164 
_refine.overall_SU_ML                            0.125 
_refine.overall_SU_B                             9.998 
_refine.solvent_model_details                    MASK 
_refine.pdbx_solvent_vdw_probe_radii             1.200 
_refine.pdbx_solvent_ion_probe_radii             0.800 
_refine.pdbx_solvent_shrinkage_radii             0.800 
_refine.pdbx_method_to_determine_struct          SAD 
_refine.pdbx_stereochemistry_target_values       'MAXIMUM LIKELIHOOD WITH PHASES' 
_refine.pdbx_ls_sigma_I                          ? 
_refine.ls_number_reflns_all                     ? 
_refine.ls_R_factor_all                          ? 
_refine.ls_redundancy_reflns_obs                 ? 
_refine.pdbx_data_cutoff_high_absF               ? 
_refine.pdbx_data_cutoff_low_absF                ? 
_refine.ls_number_parameters                     ? 
_refine.ls_number_restraints                     ? 
_refine.ls_R_factor_R_free_error                 ? 
_refine.ls_R_factor_R_free_error_details         ? 
_refine.pdbx_starting_model                      ? 
_refine.pdbx_stereochem_target_val_spec_case     ? 
_refine.solvent_model_param_bsol                 ? 
_refine.solvent_model_param_ksol                 ? 
_refine.occupancy_max                            ? 
_refine.occupancy_min                            ? 
_refine.pdbx_isotropic_thermal_model             ? 
_refine.B_iso_min                                ? 
_refine.B_iso_max                                ? 
_refine.overall_SU_R_Cruickshank_DPI             ? 
_refine.overall_SU_R_free                        ? 
_refine.pdbx_data_cutoff_high_rms_absF           ? 
_refine.ls_wR_factor_R_free                      ? 
_refine.ls_wR_factor_R_work                      ? 
_refine.overall_FOM_free_R_set                   ? 
_refine.overall_FOM_work_R_set                   ? 
_refine.pdbx_overall_phase_error                 ? 
_refine.pdbx_refine_id                           'X-RAY DIFFRACTION' 
_refine.pdbx_TLS_residual_ADP_flag               'LIKELY RESIDUAL' 
_refine.pdbx_diffrn_id                           1 
_refine.pdbx_overall_SU_R_free_Cruickshank_DPI   ? 
_refine.pdbx_overall_SU_R_Blow_DPI               ? 
_refine.pdbx_overall_SU_R_free_Blow_DPI          ? 
# 
_refine_hist.pdbx_refine_id                   'X-RAY DIFFRACTION' 
_refine_hist.cycle_id                         LAST 
_refine_hist.pdbx_number_atoms_protein        1405 
_refine_hist.pdbx_number_atoms_nucleic_acid   0 
_refine_hist.pdbx_number_atoms_ligand         4 
_refine_hist.number_atoms_solvent             56 
_refine_hist.number_atoms_total               1465 
_refine_hist.d_res_high                       2.200 
_refine_hist.d_res_low                        29.123 
# 
loop_
_refine_ls_restr.type 
_refine_ls_restr.number 
_refine_ls_restr.dev_ideal 
_refine_ls_restr.dev_ideal_target 
_refine_ls_restr.weight 
_refine_ls_restr.pdbx_refine_id 
_refine_ls_restr.pdbx_restraint_function 
r_bond_refined_d         1449 0.014  0.022  ? 'X-RAY DIFFRACTION' ? 
r_bond_other_d           1017 0.002  0.020  ? 'X-RAY DIFFRACTION' ? 
r_angle_refined_deg      1939 1.443  1.964  ? 'X-RAY DIFFRACTION' ? 
r_angle_other_deg        2482 1.039  3.000  ? 'X-RAY DIFFRACTION' ? 
r_dihedral_angle_1_deg   177  4.531  5.000  ? 'X-RAY DIFFRACTION' ? 
r_dihedral_angle_2_deg   68   37.159 24.559 ? 'X-RAY DIFFRACTION' ? 
r_dihedral_angle_3_deg   278  13.252 15.000 ? 'X-RAY DIFFRACTION' ? 
r_dihedral_angle_4_deg   6    12.267 15.000 ? 'X-RAY DIFFRACTION' ? 
r_chiral_restr           207  0.086  0.200  ? 'X-RAY DIFFRACTION' ? 
r_gen_planes_refined     1589 0.005  0.020  ? 'X-RAY DIFFRACTION' ? 
r_gen_planes_other       301  0.002  0.020  ? 'X-RAY DIFFRACTION' ? 
r_nbd_refined            304  0.171  0.200  ? 'X-RAY DIFFRACTION' ? 
r_nbd_other              975  0.153  0.200  ? 'X-RAY DIFFRACTION' ? 
r_nbtor_refined          700  0.169  0.200  ? 'X-RAY DIFFRACTION' ? 
r_nbtor_other            740  0.085  0.200  ? 'X-RAY DIFFRACTION' ? 
r_xyhbond_nbd_refined    48   0.133  0.200  ? 'X-RAY DIFFRACTION' ? 
r_symmetry_vdw_refined   13   0.218  0.200  ? 'X-RAY DIFFRACTION' ? 
r_symmetry_vdw_other     41   0.223  0.200  ? 'X-RAY DIFFRACTION' ? 
r_symmetry_hbond_refined 7    0.106  0.200  ? 'X-RAY DIFFRACTION' ? 
r_mcbond_it              990  2.203  3.000  ? 'X-RAY DIFFRACTION' ? 
r_mcbond_other           353  0.489  3.000  ? 'X-RAY DIFFRACTION' ? 
r_mcangle_it             1405 2.784  5.000  ? 'X-RAY DIFFRACTION' ? 
r_scbond_it              606  4.979  8.000  ? 'X-RAY DIFFRACTION' ? 
r_scangle_it             532  6.506  11.000 ? 'X-RAY DIFFRACTION' ? 
# 
loop_
_refine_ls_restr_ncs.dom_id 
_refine_ls_restr_ncs.pdbx_type 
_refine_ls_restr_ncs.pdbx_auth_asym_id 
_refine_ls_restr_ncs.pdbx_number 
_refine_ls_restr_ncs.rms_dev_position 
_refine_ls_restr_ncs.weight_position 
_refine_ls_restr_ncs.pdbx_ens_id 
_refine_ls_restr_ncs.pdbx_refine_id 
_refine_ls_restr_ncs.pdbx_ordinal 
_refine_ls_restr_ncs.ncs_model_details 
_refine_ls_restr_ncs.rms_dev_B_iso 
_refine_ls_restr_ncs.weight_B_iso 
_refine_ls_restr_ncs.pdbx_asym_id 
_refine_ls_restr_ncs.pdbx_rms 
_refine_ls_restr_ncs.pdbx_weight 
1 'MEDIUM POSITIONAL' A 1121 0.660 0.500 1 'X-RAY DIFFRACTION' 1 ? ? ? ? ? ? 
1 'MEDIUM THERMAL'    A 1121 1.040 2.000 1 'X-RAY DIFFRACTION' 2 ? ? ? ? ? ? 
# 
_refine_ls_shell.d_res_high                       2.200 
_refine_ls_shell.d_res_low                        2.257 
_refine_ls_shell.pdbx_total_number_of_bins_used   20 
_refine_ls_shell.percent_reflns_obs               100.000 
_refine_ls_shell.number_reflns_R_work             966 
_refine_ls_shell.R_factor_all                     ? 
_refine_ls_shell.R_factor_R_work                  0.225 
_refine_ls_shell.R_factor_R_free                  0.296 
_refine_ls_shell.percent_reflns_R_free            ? 
_refine_ls_shell.number_reflns_R_free             51 
_refine_ls_shell.R_factor_R_free_error            ? 
_refine_ls_shell.number_reflns_all                1017 
_refine_ls_shell.number_reflns_obs                ? 
_refine_ls_shell.redundancy_reflns_obs            ? 
_refine_ls_shell.pdbx_refine_id                   'X-RAY DIFFRACTION' 
# 
loop_
_struct_ncs_dom.pdbx_ens_id 
_struct_ncs_dom.id 
_struct_ncs_dom.details 
1 1 A 
1 2 B 
# 
loop_
_struct_ncs_dom_lim.pdbx_ens_id 
_struct_ncs_dom_lim.dom_id 
_struct_ncs_dom_lim.pdbx_component_id 
_struct_ncs_dom_lim.beg_label_asym_id 
_struct_ncs_dom_lim.beg_label_comp_id 
_struct_ncs_dom_lim.beg_label_seq_id 
_struct_ncs_dom_lim.beg_label_alt_id 
_struct_ncs_dom_lim.end_label_asym_id 
_struct_ncs_dom_lim.end_label_comp_id 
_struct_ncs_dom_lim.end_label_seq_id 
_struct_ncs_dom_lim.end_label_alt_id 
_struct_ncs_dom_lim.beg_auth_asym_id 
_struct_ncs_dom_lim.beg_auth_comp_id 
_struct_ncs_dom_lim.beg_auth_seq_id 
_struct_ncs_dom_lim.end_auth_asym_id 
_struct_ncs_dom_lim.end_auth_comp_id 
_struct_ncs_dom_lim.end_auth_seq_id 
_struct_ncs_dom_lim.pdbx_refine_code 
_struct_ncs_dom_lim.selection_details 
1 1 1 A ASN 4 . A LYS 87 . A ASN 3 A LYS 86 4 ? 
1 2 1 B ASN 4 . B LYS 87 . B ASN 3 B LYS 86 4 ? 
# 
_struct_ncs_ens.id        1 
_struct_ncs_ens.details   ? 
# 
_struct.entry_id                  3CJL 
_struct.title                     
'Crystal structure of a protein of unknown function (eca1910) from pectobacterium atrosepticum scri1043 at 2.20 A resolution' 
_struct.pdbx_model_details        ? 
_struct.pdbx_CASP_flag            ? 
_struct.pdbx_model_type_details   ? 
# 
_struct_keywords.text            
'Structural genomics, Joint Center for Structural Genomics, JCSG, Protein Structure Initiative, PSI-2, unknown function' 
_struct_keywords.pdbx_keywords   'UNKNOWN FUNCTION' 
_struct_keywords.entry_id        3CJL 
# 
loop_
_struct_asym.id 
_struct_asym.pdbx_blank_PDB_chainid_flag 
_struct_asym.pdbx_modified 
_struct_asym.entity_id 
_struct_asym.details 
A N N 1 ? 
B N N 1 ? 
C N N 2 ? 
D N N 3 ? 
E N N 3 ? 
# 
_struct_ref.id                         1 
_struct_ref.db_name                    UNP 
_struct_ref.db_code                    Q6D5X8_ERWCT 
_struct_ref.pdbx_db_accession          Q6D5X8 
_struct_ref.entity_id                  1 
_struct_ref.pdbx_seq_one_letter_code   
;MGNIYQITVEEKAEHQRTLSFEFSLHDDLFKLLEKVDGKMDMTPEQTQAFMVGLKLFGEVMMQQRKHPLFKEFSAPFRAF
MMNLKKQ
;
_struct_ref.pdbx_align_begin           1 
_struct_ref.pdbx_db_isoform            ? 
# 
loop_
_struct_ref_seq.align_id 
_struct_ref_seq.ref_id 
_struct_ref_seq.pdbx_PDB_id_code 
_struct_ref_seq.pdbx_strand_id 
_struct_ref_seq.seq_align_beg 
_struct_ref_seq.pdbx_seq_align_beg_ins_code 
_struct_ref_seq.seq_align_end 
_struct_ref_seq.pdbx_seq_align_end_ins_code 
_struct_ref_seq.pdbx_db_accession 
_struct_ref_seq.db_align_beg 
_struct_ref_seq.pdbx_db_align_beg_ins_code 
_struct_ref_seq.db_align_end 
_struct_ref_seq.pdbx_db_align_end_ins_code 
_struct_ref_seq.pdbx_auth_seq_align_beg 
_struct_ref_seq.pdbx_auth_seq_align_end 
1 1 3CJL A 2 ? 88 ? Q6D5X8 1 ? 87 ? 1 87 
2 1 3CJL B 2 ? 88 ? Q6D5X8 1 ? 87 ? 1 87 
# 
loop_
_struct_ref_seq_dif.align_id 
_struct_ref_seq_dif.pdbx_pdb_id_code 
_struct_ref_seq_dif.mon_id 
_struct_ref_seq_dif.pdbx_pdb_strand_id 
_struct_ref_seq_dif.seq_num 
_struct_ref_seq_dif.pdbx_pdb_ins_code 
_struct_ref_seq_dif.pdbx_seq_db_name 
_struct_ref_seq_dif.pdbx_seq_db_accession_code 
_struct_ref_seq_dif.db_mon_id 
_struct_ref_seq_dif.pdbx_seq_db_seq_num 
_struct_ref_seq_dif.details 
_struct_ref_seq_dif.pdbx_auth_seq_num 
_struct_ref_seq_dif.pdbx_ordinal 
1 3CJL GLY A 1 ? UNP Q6D5X8 ? ? 'expression tag' 0 1 
2 3CJL GLY B 1 ? UNP Q6D5X8 ? ? 'expression tag' 0 2 
# 
_pdbx_struct_assembly.id                   1 
_pdbx_struct_assembly.details              software_defined_assembly 
_pdbx_struct_assembly.method_details       PISA 
_pdbx_struct_assembly.oligomeric_details   dimeric 
_pdbx_struct_assembly.oligomeric_count     2 
# 
loop_
_pdbx_struct_assembly_prop.biol_id 
_pdbx_struct_assembly_prop.type 
_pdbx_struct_assembly_prop.value 
_pdbx_struct_assembly_prop.details 
1 'ABSA (A^2)' 4180  ? 
1 MORE         -33.5 ? 
1 'SSA (A^2)'  9580  ? 
# 
_pdbx_struct_assembly_gen.assembly_id       1 
_pdbx_struct_assembly_gen.oper_expression   1 
_pdbx_struct_assembly_gen.asym_id_list      A,B,C,D,E 
# 
_pdbx_struct_oper_list.id                   1 
_pdbx_struct_oper_list.type                 'identity operation' 
_pdbx_struct_oper_list.name                 1_555 
_pdbx_struct_oper_list.symmetry_operation   x,y,z 
_pdbx_struct_oper_list.matrix[1][1]         1.0000000000 
_pdbx_struct_oper_list.matrix[1][2]         0.0000000000 
_pdbx_struct_oper_list.matrix[1][3]         0.0000000000 
_pdbx_struct_oper_list.vector[1]            0.0000000000 
_pdbx_struct_oper_list.matrix[2][1]         0.0000000000 
_pdbx_struct_oper_list.matrix[2][2]         1.0000000000 
_pdbx_struct_oper_list.matrix[2][3]         0.0000000000 
_pdbx_struct_oper_list.vector[2]            0.0000000000 
_pdbx_struct_oper_list.matrix[3][1]         0.0000000000 
_pdbx_struct_oper_list.matrix[3][2]         0.0000000000 
_pdbx_struct_oper_list.matrix[3][3]         1.0000000000 
_pdbx_struct_oper_list.vector[3]            0.0000000000 
# 
_struct_biol.id        1 
_struct_biol.details   ? 
# 
loop_
_struct_conf.conf_type_id 
_struct_conf.id 
_struct_conf.pdbx_PDB_helix_id 
_struct_conf.beg_label_comp_id 
_struct_conf.beg_label_asym_id 
_struct_conf.beg_label_seq_id 
_struct_conf.pdbx_beg_PDB_ins_code 
_struct_conf.end_label_comp_id 
_struct_conf.end_label_asym_id 
_struct_conf.end_label_seq_id 
_struct_conf.pdbx_end_PDB_ins_code 
_struct_conf.beg_auth_comp_id 
_struct_conf.beg_auth_asym_id 
_struct_conf.beg_auth_seq_id 
_struct_conf.end_auth_comp_id 
_struct_conf.end_auth_asym_id 
_struct_conf.end_auth_seq_id 
_struct_conf.pdbx_PDB_helix_class 
_struct_conf.details 
_struct_conf.pdbx_PDB_helix_length 
HELX_P HELX_P1 1 ASP A 29 ? ASP A 38 ? ASP A 28 ASP A 37 1 ? 10 
HELX_P HELX_P2 2 THR A 44 ? GLN A 65 ? THR A 43 GLN A 64 1 ? 22 
HELX_P HELX_P3 3 HIS A 68 ? GLU A 73 ? HIS A 67 GLU A 72 1 ? 6  
HELX_P HELX_P4 4 PHE A 74 ? LYS A 87 ? PHE A 73 LYS A 86 1 ? 14 
HELX_P HELX_P5 5 ASP B 29 ? ASP B 38 ? ASP B 28 ASP B 37 1 ? 10 
HELX_P HELX_P6 6 THR B 44 ? GLN B 65 ? THR B 43 GLN B 64 1 ? 22 
HELX_P HELX_P7 7 HIS B 68 ? GLU B 73 ? HIS B 67 GLU B 72 1 ? 6  
HELX_P HELX_P8 8 PHE B 74 ? GLN B 88 ? PHE B 73 GLN B 87 1 ? 15 
# 
_struct_conf_type.id          HELX_P 
_struct_conf_type.criteria    ? 
_struct_conf_type.reference   ? 
# 
loop_
_struct_conn.id 
_struct_conn.conn_type_id 
_struct_conn.pdbx_leaving_atom_flag 
_struct_conn.pdbx_PDB_id 
_struct_conn.ptnr1_label_asym_id 
_struct_conn.ptnr1_label_comp_id 
_struct_conn.ptnr1_label_seq_id 
_struct_conn.ptnr1_label_atom_id 
_struct_conn.pdbx_ptnr1_label_alt_id 
_struct_conn.pdbx_ptnr1_PDB_ins_code 
_struct_conn.pdbx_ptnr1_standard_comp_id 
_struct_conn.ptnr1_symmetry 
_struct_conn.ptnr2_label_asym_id 
_struct_conn.ptnr2_label_comp_id 
_struct_conn.ptnr2_label_seq_id 
_struct_conn.ptnr2_label_atom_id 
_struct_conn.pdbx_ptnr2_label_alt_id 
_struct_conn.pdbx_ptnr2_PDB_ins_code 
_struct_conn.ptnr1_auth_asym_id 
_struct_conn.ptnr1_auth_comp_id 
_struct_conn.ptnr1_auth_seq_id 
_struct_conn.ptnr2_auth_asym_id 
_struct_conn.ptnr2_auth_comp_id 
_struct_conn.ptnr2_auth_seq_id 
_struct_conn.ptnr2_symmetry 
_struct_conn.pdbx_ptnr3_label_atom_id 
_struct_conn.pdbx_ptnr3_label_seq_id 
_struct_conn.pdbx_ptnr3_label_comp_id 
_struct_conn.pdbx_ptnr3_label_asym_id 
_struct_conn.pdbx_ptnr3_label_alt_id 
_struct_conn.pdbx_ptnr3_PDB_ins_code 
_struct_conn.details 
_struct_conn.pdbx_dist_value 
_struct_conn.pdbx_value_order 
_struct_conn.pdbx_role 
covale1  covale both ? A GLY 1  C ? ? ? 1_555 A MSE 2  N ? ? A GLY 0  A MSE 1  1_555 ? ? ? ? ? ? ? 1.327 ? ? 
covale2  covale both ? A MSE 2  C ? ? ? 1_555 A GLY 3  N ? ? A MSE 1  A GLY 2  1_555 ? ? ? ? ? ? ? 1.331 ? ? 
covale3  covale both ? A LYS 40 C ? ? ? 1_555 A MSE 41 N ? ? A LYS 39 A MSE 40 1_555 ? ? ? ? ? ? ? 1.332 ? ? 
covale4  covale both ? A MSE 41 C ? ? ? 1_555 A ASP 42 N ? ? A MSE 40 A ASP 41 1_555 ? ? ? ? ? ? ? 1.333 ? ? 
covale5  covale both ? A ASP 42 C ? ? ? 1_555 A MSE 43 N ? ? A ASP 41 A MSE 42 1_555 ? ? ? ? ? ? ? 1.336 ? ? 
covale6  covale both ? A MSE 43 C ? ? ? 1_555 A THR 44 N ? ? A MSE 42 A THR 43 1_555 ? ? ? ? ? ? ? 1.328 ? ? 
covale7  covale both ? A PHE 51 C ? ? ? 1_555 A MSE 52 N ? ? A PHE 50 A MSE 51 1_555 ? ? ? ? ? ? ? 1.327 ? ? 
covale8  covale both ? A MSE 52 C ? ? ? 1_555 A VAL 53 N ? ? A MSE 51 A VAL 52 1_555 ? ? ? ? ? ? ? 1.330 ? ? 
covale9  covale both ? A VAL 61 C ? ? ? 1_555 A MSE 62 N ? ? A VAL 60 A MSE 61 1_555 ? ? ? ? ? ? ? 1.316 ? ? 
covale10 covale both ? A MSE 62 C ? ? ? 1_555 A MSE 63 N ? ? A MSE 61 A MSE 62 1_555 ? ? ? ? ? ? ? 1.335 ? ? 
covale11 covale both ? A MSE 63 C ? ? ? 1_555 A GLN 64 N ? ? A MSE 62 A GLN 63 1_555 ? ? ? ? ? ? ? 1.333 ? ? 
covale12 covale both ? A PHE 81 C ? ? ? 1_555 A MSE 82 N ? ? A PHE 80 A MSE 81 1_555 ? ? ? ? ? ? ? 1.328 ? ? 
covale13 covale both ? A MSE 82 C ? ? ? 1_555 A MSE 83 N ? ? A MSE 81 A MSE 82 1_555 ? ? ? ? ? ? ? 1.330 ? ? 
covale14 covale both ? A MSE 83 C ? ? ? 1_555 A ASN 84 N ? ? A MSE 82 A ASN 83 1_555 ? ? ? ? ? ? ? 1.329 ? ? 
covale15 covale both ? B MSE 2  C ? ? ? 1_555 B GLY 3  N ? ? B MSE 1  B GLY 2  1_555 ? ? ? ? ? ? ? 1.329 ? ? 
covale16 covale both ? B LYS 40 C ? ? ? 1_555 B MSE 41 N ? ? B LYS 39 B MSE 40 1_555 ? ? ? ? ? ? ? 1.340 ? ? 
covale17 covale both ? B MSE 41 C ? ? ? 1_555 B ASP 42 N ? ? B MSE 40 B ASP 41 1_555 ? ? ? ? ? ? ? 1.338 ? ? 
covale18 covale both ? B ASP 42 C ? ? ? 1_555 B MSE 43 N ? ? B ASP 41 B MSE 42 1_555 ? ? ? ? ? ? ? 1.334 ? ? 
covale19 covale both ? B MSE 43 C ? ? ? 1_555 B THR 44 N ? ? B MSE 42 B THR 43 1_555 ? ? ? ? ? ? ? 1.333 ? ? 
covale20 covale both ? B PHE 51 C ? ? ? 1_555 B MSE 52 N ? ? B PHE 50 B MSE 51 1_555 ? ? ? ? ? ? ? 1.327 ? ? 
covale21 covale both ? B MSE 52 C ? ? ? 1_555 B VAL 53 N ? ? B MSE 51 B VAL 52 1_555 ? ? ? ? ? ? ? 1.332 ? ? 
covale22 covale both ? B VAL 61 C ? ? ? 1_555 B MSE 62 N ? ? B VAL 60 B MSE 61 1_555 ? ? ? ? ? ? ? 1.329 ? ? 
covale23 covale both ? B MSE 62 C ? ? ? 1_555 B MSE 63 N ? ? B MSE 61 B MSE 62 1_555 ? ? ? ? ? ? ? 1.330 ? ? 
covale24 covale both ? B MSE 63 C ? ? ? 1_555 B GLN 64 N ? ? B MSE 62 B GLN 63 1_555 ? ? ? ? ? ? ? 1.332 ? ? 
covale25 covale both ? B PHE 81 C ? ? ? 1_555 B MSE 82 N ? ? B PHE 80 B MSE 81 1_555 ? ? ? ? ? ? ? 1.337 ? ? 
covale26 covale both ? B MSE 82 C ? ? ? 1_555 B MSE 83 N ? ? B MSE 81 B MSE 82 1_555 ? ? ? ? ? ? ? 1.316 ? ? 
covale27 covale both ? B MSE 83 C ? ? ? 1_555 B ASN 84 N ? ? B MSE 82 B ASN 83 1_555 ? ? ? ? ? ? ? 1.332 ? ? 
# 
_struct_conn_type.id          covale 
_struct_conn_type.criteria    ? 
_struct_conn_type.reference   ? 
# 
loop_
_pdbx_modification_feature.ordinal 
_pdbx_modification_feature.label_comp_id 
_pdbx_modification_feature.label_asym_id 
_pdbx_modification_feature.label_seq_id 
_pdbx_modification_feature.label_alt_id 
_pdbx_modification_feature.modified_residue_label_comp_id 
_pdbx_modification_feature.modified_residue_label_asym_id 
_pdbx_modification_feature.modified_residue_label_seq_id 
_pdbx_modification_feature.modified_residue_label_alt_id 
_pdbx_modification_feature.auth_comp_id 
_pdbx_modification_feature.auth_asym_id 
_pdbx_modification_feature.auth_seq_id 
_pdbx_modification_feature.PDB_ins_code 
_pdbx_modification_feature.symmetry 
_pdbx_modification_feature.modified_residue_auth_comp_id 
_pdbx_modification_feature.modified_residue_auth_asym_id 
_pdbx_modification_feature.modified_residue_auth_seq_id 
_pdbx_modification_feature.modified_residue_PDB_ins_code 
_pdbx_modification_feature.modified_residue_symmetry 
_pdbx_modification_feature.comp_id_linking_atom 
_pdbx_modification_feature.modified_residue_id_linking_atom 
_pdbx_modification_feature.modified_residue_id 
_pdbx_modification_feature.ref_pcm_id 
_pdbx_modification_feature.ref_comp_id 
_pdbx_modification_feature.type 
_pdbx_modification_feature.category 
1  MSE A 2  ? . . . . MSE A 1  ? 1_555 . . . . . . . MET 1 MSE Selenomethionine 'Named protein modification' 
2  MSE A 41 ? . . . . MSE A 40 ? 1_555 . . . . . . . MET 1 MSE Selenomethionine 'Named protein modification' 
3  MSE A 43 ? . . . . MSE A 42 ? 1_555 . . . . . . . MET 1 MSE Selenomethionine 'Named protein modification' 
4  MSE A 52 ? . . . . MSE A 51 ? 1_555 . . . . . . . MET 1 MSE Selenomethionine 'Named protein modification' 
5  MSE A 62 ? . . . . MSE A 61 ? 1_555 . . . . . . . MET 1 MSE Selenomethionine 'Named protein modification' 
6  MSE A 63 ? . . . . MSE A 62 ? 1_555 . . . . . . . MET 1 MSE Selenomethionine 'Named protein modification' 
7  MSE A 82 ? . . . . MSE A 81 ? 1_555 . . . . . . . MET 1 MSE Selenomethionine 'Named protein modification' 
8  MSE A 83 ? . . . . MSE A 82 ? 1_555 . . . . . . . MET 1 MSE Selenomethionine 'Named protein modification' 
9  MSE B 2  ? . . . . MSE B 1  ? 1_555 . . . . . . . MET 1 MSE Selenomethionine 'Named protein modification' 
10 MSE B 41 ? . . . . MSE B 40 ? 1_555 . . . . . . . MET 1 MSE Selenomethionine 'Named protein modification' 
11 MSE B 43 ? . . . . MSE B 42 ? 1_555 . . . . . . . MET 1 MSE Selenomethionine 'Named protein modification' 
12 MSE B 52 ? . . . . MSE B 51 ? 1_555 . . . . . . . MET 1 MSE Selenomethionine 'Named protein modification' 
13 MSE B 62 ? . . . . MSE B 61 ? 1_555 . . . . . . . MET 1 MSE Selenomethionine 'Named protein modification' 
14 MSE B 63 ? . . . . MSE B 62 ? 1_555 . . . . . . . MET 1 MSE Selenomethionine 'Named protein modification' 
15 MSE B 82 ? . . . . MSE B 81 ? 1_555 . . . . . . . MET 1 MSE Selenomethionine 'Named protein modification' 
16 MSE B 83 ? . . . . MSE B 82 ? 1_555 . . . . . . . MET 1 MSE Selenomethionine 'Named protein modification' 
# 
_struct_sheet.id               A 
_struct_sheet.type             ? 
_struct_sheet.number_strands   4 
_struct_sheet.details          ? 
# 
loop_
_struct_sheet_order.sheet_id 
_struct_sheet_order.range_id_1 
_struct_sheet_order.range_id_2 
_struct_sheet_order.offset 
_struct_sheet_order.sense 
A 1 2 ? anti-parallel 
A 2 3 ? anti-parallel 
A 3 4 ? anti-parallel 
# 
loop_
_struct_sheet_range.sheet_id 
_struct_sheet_range.id 
_struct_sheet_range.beg_label_comp_id 
_struct_sheet_range.beg_label_asym_id 
_struct_sheet_range.beg_label_seq_id 
_struct_sheet_range.pdbx_beg_PDB_ins_code 
_struct_sheet_range.end_label_comp_id 
_struct_sheet_range.end_label_asym_id 
_struct_sheet_range.end_label_seq_id 
_struct_sheet_range.pdbx_end_PDB_ins_code 
_struct_sheet_range.beg_auth_comp_id 
_struct_sheet_range.beg_auth_asym_id 
_struct_sheet_range.beg_auth_seq_id 
_struct_sheet_range.end_auth_comp_id 
_struct_sheet_range.end_auth_asym_id 
_struct_sheet_range.end_auth_seq_id 
A 1 THR A 19 ? LEU A 26 ? THR A 18 LEU A 25 
A 2 ASN A 4  ? GLU A 12 ? ASN A 3  GLU A 11 
A 3 ASN B 4  ? GLU B 12 ? ASN B 3  GLU B 11 
A 4 THR B 19 ? LEU B 26 ? THR B 18 LEU B 25 
# 
loop_
_pdbx_struct_sheet_hbond.sheet_id 
_pdbx_struct_sheet_hbond.range_id_1 
_pdbx_struct_sheet_hbond.range_id_2 
_pdbx_struct_sheet_hbond.range_1_label_atom_id 
_pdbx_struct_sheet_hbond.range_1_label_comp_id 
_pdbx_struct_sheet_hbond.range_1_label_asym_id 
_pdbx_struct_sheet_hbond.range_1_label_seq_id 
_pdbx_struct_sheet_hbond.range_1_PDB_ins_code 
_pdbx_struct_sheet_hbond.range_1_auth_atom_id 
_pdbx_struct_sheet_hbond.range_1_auth_comp_id 
_pdbx_struct_sheet_hbond.range_1_auth_asym_id 
_pdbx_struct_sheet_hbond.range_1_auth_seq_id 
_pdbx_struct_sheet_hbond.range_2_label_atom_id 
_pdbx_struct_sheet_hbond.range_2_label_comp_id 
_pdbx_struct_sheet_hbond.range_2_label_asym_id 
_pdbx_struct_sheet_hbond.range_2_label_seq_id 
_pdbx_struct_sheet_hbond.range_2_PDB_ins_code 
_pdbx_struct_sheet_hbond.range_2_auth_atom_id 
_pdbx_struct_sheet_hbond.range_2_auth_comp_id 
_pdbx_struct_sheet_hbond.range_2_auth_asym_id 
_pdbx_struct_sheet_hbond.range_2_auth_seq_id 
A 1 2 O PHE A 22 ? O PHE A 21 N ILE A 8  ? N ILE A 7  
A 2 3 N GLU A 11 ? N GLU A 10 O GLN B 7  ? O GLN B 6  
A 3 4 N ASN B 4  ? N ASN B 3  O LEU B 26 ? O LEU B 25 
# 
_struct_site.id                   AC1 
_struct_site.pdbx_evidence_code   Software 
_struct_site.pdbx_auth_asym_id    A 
_struct_site.pdbx_auth_comp_id    EDO 
_struct_site.pdbx_auth_seq_id     88 
_struct_site.pdbx_auth_ins_code   ? 
_struct_site.pdbx_num_residues    1 
_struct_site.details              'BINDING SITE FOR RESIDUE EDO A 88' 
# 
_struct_site_gen.id                   1 
_struct_site_gen.site_id              AC1 
_struct_site_gen.pdbx_num_res         1 
_struct_site_gen.label_comp_id        LYS 
_struct_site_gen.label_asym_id        A 
_struct_site_gen.label_seq_id         56 
_struct_site_gen.pdbx_auth_ins_code   ? 
_struct_site_gen.auth_comp_id         LYS 
_struct_site_gen.auth_asym_id         A 
_struct_site_gen.auth_seq_id          55 
_struct_site_gen.label_atom_id        . 
_struct_site_gen.label_alt_id         ? 
_struct_site_gen.symmetry             1_555 
_struct_site_gen.details              ? 
# 
_pdbx_entry_details.entry_id                   3CJL 
_pdbx_entry_details.sequence_details           
;THE CONSTRUCT WAS EXPRESSED WITH A PURIFICATION TAG
MGSDKIHHHHHHENLYFQG. THE TAG WAS REMOVED WITH TEV PROTEASE
LEAVING ONLY A GLYCINE (0) FOLLOWED BY THE TARGET SEQUENCE.
;
_pdbx_entry_details.compound_details           ? 
_pdbx_entry_details.source_details             ? 
_pdbx_entry_details.nonpolymer_details         ? 
_pdbx_entry_details.has_ligand_of_interest     ? 
_pdbx_entry_details.has_protein_modification   Y 
# 
loop_
_pdbx_validate_torsion.id 
_pdbx_validate_torsion.PDB_model_num 
_pdbx_validate_torsion.auth_comp_id 
_pdbx_validate_torsion.auth_asym_id 
_pdbx_validate_torsion.auth_seq_id 
_pdbx_validate_torsion.PDB_ins_code 
_pdbx_validate_torsion.label_alt_id 
_pdbx_validate_torsion.phi 
_pdbx_validate_torsion.psi 
1 1 GLU A 14 ? ? 57.29   -116.49 
2 1 ALA B 13 ? ? -108.59 -165.29 
3 1 GLU B 14 ? ? 64.66   -135.31 
# 
_pdbx_SG_project.project_name          'PSI, Protein Structure Initiative' 
_pdbx_SG_project.full_name_of_center   'Joint Center for Structural Genomics' 
_pdbx_SG_project.id                    1 
_pdbx_SG_project.initial_of_center     JCSG 
# 
loop_
_pdbx_struct_mod_residue.id 
_pdbx_struct_mod_residue.label_asym_id 
_pdbx_struct_mod_residue.label_comp_id 
_pdbx_struct_mod_residue.label_seq_id 
_pdbx_struct_mod_residue.auth_asym_id 
_pdbx_struct_mod_residue.auth_comp_id 
_pdbx_struct_mod_residue.auth_seq_id 
_pdbx_struct_mod_residue.PDB_ins_code 
_pdbx_struct_mod_residue.parent_comp_id 
_pdbx_struct_mod_residue.details 
1  A MSE 2  A MSE 1  ? MET SELENOMETHIONINE 
2  A MSE 41 A MSE 40 ? MET SELENOMETHIONINE 
3  A MSE 43 A MSE 42 ? MET SELENOMETHIONINE 
4  A MSE 52 A MSE 51 ? MET SELENOMETHIONINE 
5  A MSE 62 A MSE 61 ? MET SELENOMETHIONINE 
6  A MSE 63 A MSE 62 ? MET SELENOMETHIONINE 
7  A MSE 82 A MSE 81 ? MET SELENOMETHIONINE 
8  A MSE 83 A MSE 82 ? MET SELENOMETHIONINE 
9  B MSE 2  B MSE 1  ? MET SELENOMETHIONINE 
10 B MSE 41 B MSE 40 ? MET SELENOMETHIONINE 
11 B MSE 43 B MSE 42 ? MET SELENOMETHIONINE 
12 B MSE 52 B MSE 51 ? MET SELENOMETHIONINE 
13 B MSE 62 B MSE 61 ? MET SELENOMETHIONINE 
14 B MSE 63 B MSE 62 ? MET SELENOMETHIONINE 
15 B MSE 82 B MSE 81 ? MET SELENOMETHIONINE 
16 B MSE 83 B MSE 82 ? MET SELENOMETHIONINE 
# 
loop_
_pdbx_refine_tls.id 
_pdbx_refine_tls.details 
_pdbx_refine_tls.method 
_pdbx_refine_tls.origin_x 
_pdbx_refine_tls.origin_y 
_pdbx_refine_tls.origin_z 
_pdbx_refine_tls.T[1][1] 
_pdbx_refine_tls.T[2][2] 
_pdbx_refine_tls.T[3][3] 
_pdbx_refine_tls.T[1][2] 
_pdbx_refine_tls.T[1][3] 
_pdbx_refine_tls.T[2][3] 
_pdbx_refine_tls.L[1][1] 
_pdbx_refine_tls.L[2][2] 
_pdbx_refine_tls.L[3][3] 
_pdbx_refine_tls.L[1][2] 
_pdbx_refine_tls.L[1][3] 
_pdbx_refine_tls.L[2][3] 
_pdbx_refine_tls.S[1][1] 
_pdbx_refine_tls.S[2][2] 
_pdbx_refine_tls.S[3][3] 
_pdbx_refine_tls.S[1][2] 
_pdbx_refine_tls.S[1][3] 
_pdbx_refine_tls.S[2][3] 
_pdbx_refine_tls.S[2][1] 
_pdbx_refine_tls.S[3][1] 
_pdbx_refine_tls.S[3][2] 
_pdbx_refine_tls.pdbx_refine_id 
1 ? refined -0.4617 0.8908  -4.3564 -0.0980 -0.0184 -0.1459 -0.0313 0.0202 -0.0232 1.9055 2.0895 3.5627 -0.1220 0.0122 -0.1512 -0.0492 0.0171 0.0321  0.0398  -0.0094 0.2348 -0.2247 -0.2879 -0.1993 'X-RAY DIFFRACTION' 
2 ? refined -0.3828 -1.3788 4.2445  -0.1229 -0.0661 -0.1015 -0.0088 0.0367 0.0141  2.8642 2.6777 2.5489 1.0114  0.4310 0.8920  -0.0010 0.0069 -0.0057 -0.2910 -0.1389 0.0438 0.1534  -0.0468 -0.0607 'X-RAY DIFFRACTION' 
# 
loop_
_pdbx_refine_tls_group.id 
_pdbx_refine_tls_group.refine_tls_id 
_pdbx_refine_tls_group.beg_label_asym_id 
_pdbx_refine_tls_group.beg_label_seq_id 
_pdbx_refine_tls_group.end_label_asym_id 
_pdbx_refine_tls_group.end_label_seq_id 
_pdbx_refine_tls_group.selection 
_pdbx_refine_tls_group.beg_auth_asym_id 
_pdbx_refine_tls_group.beg_auth_seq_id 
_pdbx_refine_tls_group.end_auth_asym_id 
_pdbx_refine_tls_group.end_auth_seq_id 
_pdbx_refine_tls_group.pdbx_refine_id 
_pdbx_refine_tls_group.selection_details 
1 1 A 1 A 88 ? A 0 A 87 'X-RAY DIFFRACTION' ? 
2 2 B 2 B 88 ? B 1 B 87 'X-RAY DIFFRACTION' ? 
# 
_phasing.method   SAD 
# 
_pdbx_unobs_or_zero_occ_residues.id               1 
_pdbx_unobs_or_zero_occ_residues.PDB_model_num    1 
_pdbx_unobs_or_zero_occ_residues.polymer_flag     Y 
_pdbx_unobs_or_zero_occ_residues.occupancy_flag   1 
_pdbx_unobs_or_zero_occ_residues.auth_asym_id     B 
_pdbx_unobs_or_zero_occ_residues.auth_comp_id     GLY 
_pdbx_unobs_or_zero_occ_residues.auth_seq_id      0 
_pdbx_unobs_or_zero_occ_residues.PDB_ins_code     ? 
_pdbx_unobs_or_zero_occ_residues.label_asym_id    B 
_pdbx_unobs_or_zero_occ_residues.label_comp_id    GLY 
_pdbx_unobs_or_zero_occ_residues.label_seq_id     1 
# 
loop_
_chem_comp_atom.comp_id 
_chem_comp_atom.atom_id 
_chem_comp_atom.type_symbol 
_chem_comp_atom.pdbx_aromatic_flag 
_chem_comp_atom.pdbx_stereo_config 
_chem_comp_atom.pdbx_ordinal 
ALA N    N  N N 1   
ALA CA   C  N S 2   
ALA C    C  N N 3   
ALA O    O  N N 4   
ALA CB   C  N N 5   
ALA OXT  O  N N 6   
ALA H    H  N N 7   
ALA H2   H  N N 8   
ALA HA   H  N N 9   
ALA HB1  H  N N 10  
ALA HB2  H  N N 11  
ALA HB3  H  N N 12  
ALA HXT  H  N N 13  
ARG N    N  N N 14  
ARG CA   C  N S 15  
ARG C    C  N N 16  
ARG O    O  N N 17  
ARG CB   C  N N 18  
ARG CG   C  N N 19  
ARG CD   C  N N 20  
ARG NE   N  N N 21  
ARG CZ   C  N N 22  
ARG NH1  N  N N 23  
ARG NH2  N  N N 24  
ARG OXT  O  N N 25  
ARG H    H  N N 26  
ARG H2   H  N N 27  
ARG HA   H  N N 28  
ARG HB2  H  N N 29  
ARG HB3  H  N N 30  
ARG HG2  H  N N 31  
ARG HG3  H  N N 32  
ARG HD2  H  N N 33  
ARG HD3  H  N N 34  
ARG HE   H  N N 35  
ARG HH11 H  N N 36  
ARG HH12 H  N N 37  
ARG HH21 H  N N 38  
ARG HH22 H  N N 39  
ARG HXT  H  N N 40  
ASN N    N  N N 41  
ASN CA   C  N S 42  
ASN C    C  N N 43  
ASN O    O  N N 44  
ASN CB   C  N N 45  
ASN CG   C  N N 46  
ASN OD1  O  N N 47  
ASN ND2  N  N N 48  
ASN OXT  O  N N 49  
ASN H    H  N N 50  
ASN H2   H  N N 51  
ASN HA   H  N N 52  
ASN HB2  H  N N 53  
ASN HB3  H  N N 54  
ASN HD21 H  N N 55  
ASN HD22 H  N N 56  
ASN HXT  H  N N 57  
ASP N    N  N N 58  
ASP CA   C  N S 59  
ASP C    C  N N 60  
ASP O    O  N N 61  
ASP CB   C  N N 62  
ASP CG   C  N N 63  
ASP OD1  O  N N 64  
ASP OD2  O  N N 65  
ASP OXT  O  N N 66  
ASP H    H  N N 67  
ASP H2   H  N N 68  
ASP HA   H  N N 69  
ASP HB2  H  N N 70  
ASP HB3  H  N N 71  
ASP HD2  H  N N 72  
ASP HXT  H  N N 73  
EDO C1   C  N N 74  
EDO O1   O  N N 75  
EDO C2   C  N N 76  
EDO O2   O  N N 77  
EDO H11  H  N N 78  
EDO H12  H  N N 79  
EDO HO1  H  N N 80  
EDO H21  H  N N 81  
EDO H22  H  N N 82  
EDO HO2  H  N N 83  
GLN N    N  N N 84  
GLN CA   C  N S 85  
GLN C    C  N N 86  
GLN O    O  N N 87  
GLN CB   C  N N 88  
GLN CG   C  N N 89  
GLN CD   C  N N 90  
GLN OE1  O  N N 91  
GLN NE2  N  N N 92  
GLN OXT  O  N N 93  
GLN H    H  N N 94  
GLN H2   H  N N 95  
GLN HA   H  N N 96  
GLN HB2  H  N N 97  
GLN HB3  H  N N 98  
GLN HG2  H  N N 99  
GLN HG3  H  N N 100 
GLN HE21 H  N N 101 
GLN HE22 H  N N 102 
GLN HXT  H  N N 103 
GLU N    N  N N 104 
GLU CA   C  N S 105 
GLU C    C  N N 106 
GLU O    O  N N 107 
GLU CB   C  N N 108 
GLU CG   C  N N 109 
GLU CD   C  N N 110 
GLU OE1  O  N N 111 
GLU OE2  O  N N 112 
GLU OXT  O  N N 113 
GLU H    H  N N 114 
GLU H2   H  N N 115 
GLU HA   H  N N 116 
GLU HB2  H  N N 117 
GLU HB3  H  N N 118 
GLU HG2  H  N N 119 
GLU HG3  H  N N 120 
GLU HE2  H  N N 121 
GLU HXT  H  N N 122 
GLY N    N  N N 123 
GLY CA   C  N N 124 
GLY C    C  N N 125 
GLY O    O  N N 126 
GLY OXT  O  N N 127 
GLY H    H  N N 128 
GLY H2   H  N N 129 
GLY HA2  H  N N 130 
GLY HA3  H  N N 131 
GLY HXT  H  N N 132 
HIS N    N  N N 133 
HIS CA   C  N S 134 
HIS C    C  N N 135 
HIS O    O  N N 136 
HIS CB   C  N N 137 
HIS CG   C  Y N 138 
HIS ND1  N  Y N 139 
HIS CD2  C  Y N 140 
HIS CE1  C  Y N 141 
HIS NE2  N  Y N 142 
HIS OXT  O  N N 143 
HIS H    H  N N 144 
HIS H2   H  N N 145 
HIS HA   H  N N 146 
HIS HB2  H  N N 147 
HIS HB3  H  N N 148 
HIS HD1  H  N N 149 
HIS HD2  H  N N 150 
HIS HE1  H  N N 151 
HIS HE2  H  N N 152 
HIS HXT  H  N N 153 
HOH O    O  N N 154 
HOH H1   H  N N 155 
HOH H2   H  N N 156 
ILE N    N  N N 157 
ILE CA   C  N S 158 
ILE C    C  N N 159 
ILE O    O  N N 160 
ILE CB   C  N S 161 
ILE CG1  C  N N 162 
ILE CG2  C  N N 163 
ILE CD1  C  N N 164 
ILE OXT  O  N N 165 
ILE H    H  N N 166 
ILE H2   H  N N 167 
ILE HA   H  N N 168 
ILE HB   H  N N 169 
ILE HG12 H  N N 170 
ILE HG13 H  N N 171 
ILE HG21 H  N N 172 
ILE HG22 H  N N 173 
ILE HG23 H  N N 174 
ILE HD11 H  N N 175 
ILE HD12 H  N N 176 
ILE HD13 H  N N 177 
ILE HXT  H  N N 178 
LEU N    N  N N 179 
LEU CA   C  N S 180 
LEU C    C  N N 181 
LEU O    O  N N 182 
LEU CB   C  N N 183 
LEU CG   C  N N 184 
LEU CD1  C  N N 185 
LEU CD2  C  N N 186 
LEU OXT  O  N N 187 
LEU H    H  N N 188 
LEU H2   H  N N 189 
LEU HA   H  N N 190 
LEU HB2  H  N N 191 
LEU HB3  H  N N 192 
LEU HG   H  N N 193 
LEU HD11 H  N N 194 
LEU HD12 H  N N 195 
LEU HD13 H  N N 196 
LEU HD21 H  N N 197 
LEU HD22 H  N N 198 
LEU HD23 H  N N 199 
LEU HXT  H  N N 200 
LYS N    N  N N 201 
LYS CA   C  N S 202 
LYS C    C  N N 203 
LYS O    O  N N 204 
LYS CB   C  N N 205 
LYS CG   C  N N 206 
LYS CD   C  N N 207 
LYS CE   C  N N 208 
LYS NZ   N  N N 209 
LYS OXT  O  N N 210 
LYS H    H  N N 211 
LYS H2   H  N N 212 
LYS HA   H  N N 213 
LYS HB2  H  N N 214 
LYS HB3  H  N N 215 
LYS HG2  H  N N 216 
LYS HG3  H  N N 217 
LYS HD2  H  N N 218 
LYS HD3  H  N N 219 
LYS HE2  H  N N 220 
LYS HE3  H  N N 221 
LYS HZ1  H  N N 222 
LYS HZ2  H  N N 223 
LYS HZ3  H  N N 224 
LYS HXT  H  N N 225 
MSE N    N  N N 226 
MSE CA   C  N S 227 
MSE C    C  N N 228 
MSE O    O  N N 229 
MSE OXT  O  N N 230 
MSE CB   C  N N 231 
MSE CG   C  N N 232 
MSE SE   SE N N 233 
MSE CE   C  N N 234 
MSE H    H  N N 235 
MSE H2   H  N N 236 
MSE HA   H  N N 237 
MSE HXT  H  N N 238 
MSE HB2  H  N N 239 
MSE HB3  H  N N 240 
MSE HG2  H  N N 241 
MSE HG3  H  N N 242 
MSE HE1  H  N N 243 
MSE HE2  H  N N 244 
MSE HE3  H  N N 245 
PHE N    N  N N 246 
PHE CA   C  N S 247 
PHE C    C  N N 248 
PHE O    O  N N 249 
PHE CB   C  N N 250 
PHE CG   C  Y N 251 
PHE CD1  C  Y N 252 
PHE CD2  C  Y N 253 
PHE CE1  C  Y N 254 
PHE CE2  C  Y N 255 
PHE CZ   C  Y N 256 
PHE OXT  O  N N 257 
PHE H    H  N N 258 
PHE H2   H  N N 259 
PHE HA   H  N N 260 
PHE HB2  H  N N 261 
PHE HB3  H  N N 262 
PHE HD1  H  N N 263 
PHE HD2  H  N N 264 
PHE HE1  H  N N 265 
PHE HE2  H  N N 266 
PHE HZ   H  N N 267 
PHE HXT  H  N N 268 
PRO N    N  N N 269 
PRO CA   C  N S 270 
PRO C    C  N N 271 
PRO O    O  N N 272 
PRO CB   C  N N 273 
PRO CG   C  N N 274 
PRO CD   C  N N 275 
PRO OXT  O  N N 276 
PRO H    H  N N 277 
PRO HA   H  N N 278 
PRO HB2  H  N N 279 
PRO HB3  H  N N 280 
PRO HG2  H  N N 281 
PRO HG3  H  N N 282 
PRO HD2  H  N N 283 
PRO HD3  H  N N 284 
PRO HXT  H  N N 285 
SER N    N  N N 286 
SER CA   C  N S 287 
SER C    C  N N 288 
SER O    O  N N 289 
SER CB   C  N N 290 
SER OG   O  N N 291 
SER OXT  O  N N 292 
SER H    H  N N 293 
SER H2   H  N N 294 
SER HA   H  N N 295 
SER HB2  H  N N 296 
SER HB3  H  N N 297 
SER HG   H  N N 298 
SER HXT  H  N N 299 
THR N    N  N N 300 
THR CA   C  N S 301 
THR C    C  N N 302 
THR O    O  N N 303 
THR CB   C  N R 304 
THR OG1  O  N N 305 
THR CG2  C  N N 306 
THR OXT  O  N N 307 
THR H    H  N N 308 
THR H2   H  N N 309 
THR HA   H  N N 310 
THR HB   H  N N 311 
THR HG1  H  N N 312 
THR HG21 H  N N 313 
THR HG22 H  N N 314 
THR HG23 H  N N 315 
THR HXT  H  N N 316 
TYR N    N  N N 317 
TYR CA   C  N S 318 
TYR C    C  N N 319 
TYR O    O  N N 320 
TYR CB   C  N N 321 
TYR CG   C  Y N 322 
TYR CD1  C  Y N 323 
TYR CD2  C  Y N 324 
TYR CE1  C  Y N 325 
TYR CE2  C  Y N 326 
TYR CZ   C  Y N 327 
TYR OH   O  N N 328 
TYR OXT  O  N N 329 
TYR H    H  N N 330 
TYR H2   H  N N 331 
TYR HA   H  N N 332 
TYR HB2  H  N N 333 
TYR HB3  H  N N 334 
TYR HD1  H  N N 335 
TYR HD2  H  N N 336 
TYR HE1  H  N N 337 
TYR HE2  H  N N 338 
TYR HH   H  N N 339 
TYR HXT  H  N N 340 
VAL N    N  N N 341 
VAL CA   C  N S 342 
VAL C    C  N N 343 
VAL O    O  N N 344 
VAL CB   C  N N 345 
VAL CG1  C  N N 346 
VAL CG2  C  N N 347 
VAL OXT  O  N N 348 
VAL H    H  N N 349 
VAL H2   H  N N 350 
VAL HA   H  N N 351 
VAL HB   H  N N 352 
VAL HG11 H  N N 353 
VAL HG12 H  N N 354 
VAL HG13 H  N N 355 
VAL HG21 H  N N 356 
VAL HG22 H  N N 357 
VAL HG23 H  N N 358 
VAL HXT  H  N N 359 
# 
loop_
_chem_comp_bond.comp_id 
_chem_comp_bond.atom_id_1 
_chem_comp_bond.atom_id_2 
_chem_comp_bond.value_order 
_chem_comp_bond.pdbx_aromatic_flag 
_chem_comp_bond.pdbx_stereo_config 
_chem_comp_bond.pdbx_ordinal 
ALA N   CA   sing N N 1   
ALA N   H    sing N N 2   
ALA N   H2   sing N N 3   
ALA CA  C    sing N N 4   
ALA CA  CB   sing N N 5   
ALA CA  HA   sing N N 6   
ALA C   O    doub N N 7   
ALA C   OXT  sing N N 8   
ALA CB  HB1  sing N N 9   
ALA CB  HB2  sing N N 10  
ALA CB  HB3  sing N N 11  
ALA OXT HXT  sing N N 12  
ARG N   CA   sing N N 13  
ARG N   H    sing N N 14  
ARG N   H2   sing N N 15  
ARG CA  C    sing N N 16  
ARG CA  CB   sing N N 17  
ARG CA  HA   sing N N 18  
ARG C   O    doub N N 19  
ARG C   OXT  sing N N 20  
ARG CB  CG   sing N N 21  
ARG CB  HB2  sing N N 22  
ARG CB  HB3  sing N N 23  
ARG CG  CD   sing N N 24  
ARG CG  HG2  sing N N 25  
ARG CG  HG3  sing N N 26  
ARG CD  NE   sing N N 27  
ARG CD  HD2  sing N N 28  
ARG CD  HD3  sing N N 29  
ARG NE  CZ   sing N N 30  
ARG NE  HE   sing N N 31  
ARG CZ  NH1  sing N N 32  
ARG CZ  NH2  doub N N 33  
ARG NH1 HH11 sing N N 34  
ARG NH1 HH12 sing N N 35  
ARG NH2 HH21 sing N N 36  
ARG NH2 HH22 sing N N 37  
ARG OXT HXT  sing N N 38  
ASN N   CA   sing N N 39  
ASN N   H    sing N N 40  
ASN N   H2   sing N N 41  
ASN CA  C    sing N N 42  
ASN CA  CB   sing N N 43  
ASN CA  HA   sing N N 44  
ASN C   O    doub N N 45  
ASN C   OXT  sing N N 46  
ASN CB  CG   sing N N 47  
ASN CB  HB2  sing N N 48  
ASN CB  HB3  sing N N 49  
ASN CG  OD1  doub N N 50  
ASN CG  ND2  sing N N 51  
ASN ND2 HD21 sing N N 52  
ASN ND2 HD22 sing N N 53  
ASN OXT HXT  sing N N 54  
ASP N   CA   sing N N 55  
ASP N   H    sing N N 56  
ASP N   H2   sing N N 57  
ASP CA  C    sing N N 58  
ASP CA  CB   sing N N 59  
ASP CA  HA   sing N N 60  
ASP C   O    doub N N 61  
ASP C   OXT  sing N N 62  
ASP CB  CG   sing N N 63  
ASP CB  HB2  sing N N 64  
ASP CB  HB3  sing N N 65  
ASP CG  OD1  doub N N 66  
ASP CG  OD2  sing N N 67  
ASP OD2 HD2  sing N N 68  
ASP OXT HXT  sing N N 69  
EDO C1  O1   sing N N 70  
EDO C1  C2   sing N N 71  
EDO C1  H11  sing N N 72  
EDO C1  H12  sing N N 73  
EDO O1  HO1  sing N N 74  
EDO C2  O2   sing N N 75  
EDO C2  H21  sing N N 76  
EDO C2  H22  sing N N 77  
EDO O2  HO2  sing N N 78  
GLN N   CA   sing N N 79  
GLN N   H    sing N N 80  
GLN N   H2   sing N N 81  
GLN CA  C    sing N N 82  
GLN CA  CB   sing N N 83  
GLN CA  HA   sing N N 84  
GLN C   O    doub N N 85  
GLN C   OXT  sing N N 86  
GLN CB  CG   sing N N 87  
GLN CB  HB2  sing N N 88  
GLN CB  HB3  sing N N 89  
GLN CG  CD   sing N N 90  
GLN CG  HG2  sing N N 91  
GLN CG  HG3  sing N N 92  
GLN CD  OE1  doub N N 93  
GLN CD  NE2  sing N N 94  
GLN NE2 HE21 sing N N 95  
GLN NE2 HE22 sing N N 96  
GLN OXT HXT  sing N N 97  
GLU N   CA   sing N N 98  
GLU N   H    sing N N 99  
GLU N   H2   sing N N 100 
GLU CA  C    sing N N 101 
GLU CA  CB   sing N N 102 
GLU CA  HA   sing N N 103 
GLU C   O    doub N N 104 
GLU C   OXT  sing N N 105 
GLU CB  CG   sing N N 106 
GLU CB  HB2  sing N N 107 
GLU CB  HB3  sing N N 108 
GLU CG  CD   sing N N 109 
GLU CG  HG2  sing N N 110 
GLU CG  HG3  sing N N 111 
GLU CD  OE1  doub N N 112 
GLU CD  OE2  sing N N 113 
GLU OE2 HE2  sing N N 114 
GLU OXT HXT  sing N N 115 
GLY N   CA   sing N N 116 
GLY N   H    sing N N 117 
GLY N   H2   sing N N 118 
GLY CA  C    sing N N 119 
GLY CA  HA2  sing N N 120 
GLY CA  HA3  sing N N 121 
GLY C   O    doub N N 122 
GLY C   OXT  sing N N 123 
GLY OXT HXT  sing N N 124 
HIS N   CA   sing N N 125 
HIS N   H    sing N N 126 
HIS N   H2   sing N N 127 
HIS CA  C    sing N N 128 
HIS CA  CB   sing N N 129 
HIS CA  HA   sing N N 130 
HIS C   O    doub N N 131 
HIS C   OXT  sing N N 132 
HIS CB  CG   sing N N 133 
HIS CB  HB2  sing N N 134 
HIS CB  HB3  sing N N 135 
HIS CG  ND1  sing Y N 136 
HIS CG  CD2  doub Y N 137 
HIS ND1 CE1  doub Y N 138 
HIS ND1 HD1  sing N N 139 
HIS CD2 NE2  sing Y N 140 
HIS CD2 HD2  sing N N 141 
HIS CE1 NE2  sing Y N 142 
HIS CE1 HE1  sing N N 143 
HIS NE2 HE2  sing N N 144 
HIS OXT HXT  sing N N 145 
HOH O   H1   sing N N 146 
HOH O   H2   sing N N 147 
ILE N   CA   sing N N 148 
ILE N   H    sing N N 149 
ILE N   H2   sing N N 150 
ILE CA  C    sing N N 151 
ILE CA  CB   sing N N 152 
ILE CA  HA   sing N N 153 
ILE C   O    doub N N 154 
ILE C   OXT  sing N N 155 
ILE CB  CG1  sing N N 156 
ILE CB  CG2  sing N N 157 
ILE CB  HB   sing N N 158 
ILE CG1 CD1  sing N N 159 
ILE CG1 HG12 sing N N 160 
ILE CG1 HG13 sing N N 161 
ILE CG2 HG21 sing N N 162 
ILE CG2 HG22 sing N N 163 
ILE CG2 HG23 sing N N 164 
ILE CD1 HD11 sing N N 165 
ILE CD1 HD12 sing N N 166 
ILE CD1 HD13 sing N N 167 
ILE OXT HXT  sing N N 168 
LEU N   CA   sing N N 169 
LEU N   H    sing N N 170 
LEU N   H2   sing N N 171 
LEU CA  C    sing N N 172 
LEU CA  CB   sing N N 173 
LEU CA  HA   sing N N 174 
LEU C   O    doub N N 175 
LEU C   OXT  sing N N 176 
LEU CB  CG   sing N N 177 
LEU CB  HB2  sing N N 178 
LEU CB  HB3  sing N N 179 
LEU CG  CD1  sing N N 180 
LEU CG  CD2  sing N N 181 
LEU CG  HG   sing N N 182 
LEU CD1 HD11 sing N N 183 
LEU CD1 HD12 sing N N 184 
LEU CD1 HD13 sing N N 185 
LEU CD2 HD21 sing N N 186 
LEU CD2 HD22 sing N N 187 
LEU CD2 HD23 sing N N 188 
LEU OXT HXT  sing N N 189 
LYS N   CA   sing N N 190 
LYS N   H    sing N N 191 
LYS N   H2   sing N N 192 
LYS CA  C    sing N N 193 
LYS CA  CB   sing N N 194 
LYS CA  HA   sing N N 195 
LYS C   O    doub N N 196 
LYS C   OXT  sing N N 197 
LYS CB  CG   sing N N 198 
LYS CB  HB2  sing N N 199 
LYS CB  HB3  sing N N 200 
LYS CG  CD   sing N N 201 
LYS CG  HG2  sing N N 202 
LYS CG  HG3  sing N N 203 
LYS CD  CE   sing N N 204 
LYS CD  HD2  sing N N 205 
LYS CD  HD3  sing N N 206 
LYS CE  NZ   sing N N 207 
LYS CE  HE2  sing N N 208 
LYS CE  HE3  sing N N 209 
LYS NZ  HZ1  sing N N 210 
LYS NZ  HZ2  sing N N 211 
LYS NZ  HZ3  sing N N 212 
LYS OXT HXT  sing N N 213 
MSE N   CA   sing N N 214 
MSE N   H    sing N N 215 
MSE N   H2   sing N N 216 
MSE CA  C    sing N N 217 
MSE CA  CB   sing N N 218 
MSE CA  HA   sing N N 219 
MSE C   O    doub N N 220 
MSE C   OXT  sing N N 221 
MSE OXT HXT  sing N N 222 
MSE CB  CG   sing N N 223 
MSE CB  HB2  sing N N 224 
MSE CB  HB3  sing N N 225 
MSE CG  SE   sing N N 226 
MSE CG  HG2  sing N N 227 
MSE CG  HG3  sing N N 228 
MSE SE  CE   sing N N 229 
MSE CE  HE1  sing N N 230 
MSE CE  HE2  sing N N 231 
MSE CE  HE3  sing N N 232 
PHE N   CA   sing N N 233 
PHE N   H    sing N N 234 
PHE N   H2   sing N N 235 
PHE CA  C    sing N N 236 
PHE CA  CB   sing N N 237 
PHE CA  HA   sing N N 238 
PHE C   O    doub N N 239 
PHE C   OXT  sing N N 240 
PHE CB  CG   sing N N 241 
PHE CB  HB2  sing N N 242 
PHE CB  HB3  sing N N 243 
PHE CG  CD1  doub Y N 244 
PHE CG  CD2  sing Y N 245 
PHE CD1 CE1  sing Y N 246 
PHE CD1 HD1  sing N N 247 
PHE CD2 CE2  doub Y N 248 
PHE CD2 HD2  sing N N 249 
PHE CE1 CZ   doub Y N 250 
PHE CE1 HE1  sing N N 251 
PHE CE2 CZ   sing Y N 252 
PHE CE2 HE2  sing N N 253 
PHE CZ  HZ   sing N N 254 
PHE OXT HXT  sing N N 255 
PRO N   CA   sing N N 256 
PRO N   CD   sing N N 257 
PRO N   H    sing N N 258 
PRO CA  C    sing N N 259 
PRO CA  CB   sing N N 260 
PRO CA  HA   sing N N 261 
PRO C   O    doub N N 262 
PRO C   OXT  sing N N 263 
PRO CB  CG   sing N N 264 
PRO CB  HB2  sing N N 265 
PRO CB  HB3  sing N N 266 
PRO CG  CD   sing N N 267 
PRO CG  HG2  sing N N 268 
PRO CG  HG3  sing N N 269 
PRO CD  HD2  sing N N 270 
PRO CD  HD3  sing N N 271 
PRO OXT HXT  sing N N 272 
SER N   CA   sing N N 273 
SER N   H    sing N N 274 
SER N   H2   sing N N 275 
SER CA  C    sing N N 276 
SER CA  CB   sing N N 277 
SER CA  HA   sing N N 278 
SER C   O    doub N N 279 
SER C   OXT  sing N N 280 
SER CB  OG   sing N N 281 
SER CB  HB2  sing N N 282 
SER CB  HB3  sing N N 283 
SER OG  HG   sing N N 284 
SER OXT HXT  sing N N 285 
THR N   CA   sing N N 286 
THR N   H    sing N N 287 
THR N   H2   sing N N 288 
THR CA  C    sing N N 289 
THR CA  CB   sing N N 290 
THR CA  HA   sing N N 291 
THR C   O    doub N N 292 
THR C   OXT  sing N N 293 
THR CB  OG1  sing N N 294 
THR CB  CG2  sing N N 295 
THR CB  HB   sing N N 296 
THR OG1 HG1  sing N N 297 
THR CG2 HG21 sing N N 298 
THR CG2 HG22 sing N N 299 
THR CG2 HG23 sing N N 300 
THR OXT HXT  sing N N 301 
TYR N   CA   sing N N 302 
TYR N   H    sing N N 303 
TYR N   H2   sing N N 304 
TYR CA  C    sing N N 305 
TYR CA  CB   sing N N 306 
TYR CA  HA   sing N N 307 
TYR C   O    doub N N 308 
TYR C   OXT  sing N N 309 
TYR CB  CG   sing N N 310 
TYR CB  HB2  sing N N 311 
TYR CB  HB3  sing N N 312 
TYR CG  CD1  doub Y N 313 
TYR CG  CD2  sing Y N 314 
TYR CD1 CE1  sing Y N 315 
TYR CD1 HD1  sing N N 316 
TYR CD2 CE2  doub Y N 317 
TYR CD2 HD2  sing N N 318 
TYR CE1 CZ   doub Y N 319 
TYR CE1 HE1  sing N N 320 
TYR CE2 CZ   sing Y N 321 
TYR CE2 HE2  sing N N 322 
TYR CZ  OH   sing N N 323 
TYR OH  HH   sing N N 324 
TYR OXT HXT  sing N N 325 
VAL N   CA   sing N N 326 
VAL N   H    sing N N 327 
VAL N   H2   sing N N 328 
VAL CA  C    sing N N 329 
VAL CA  CB   sing N N 330 
VAL CA  HA   sing N N 331 
VAL C   O    doub N N 332 
VAL C   OXT  sing N N 333 
VAL CB  CG1  sing N N 334 
VAL CB  CG2  sing N N 335 
VAL CB  HB   sing N N 336 
VAL CG1 HG11 sing N N 337 
VAL CG1 HG12 sing N N 338 
VAL CG1 HG13 sing N N 339 
VAL CG2 HG21 sing N N 340 
VAL CG2 HG22 sing N N 341 
VAL CG2 HG23 sing N N 342 
VAL OXT HXT  sing N N 343 
# 
_atom_sites.entry_id                    3CJL 
_atom_sites.fract_transf_matrix[1][1]   -0.00831812 
_atom_sites.fract_transf_matrix[1][2]   -0.00294361 
_atom_sites.fract_transf_matrix[1][3]   0.00728788 
_atom_sites.fract_transf_matrix[2][1]   -0.00876815 
_atom_sites.fract_transf_matrix[2][2]   0.00711718 
_atom_sites.fract_transf_matrix[2][3]   0.00185216 
_atom_sites.fract_transf_matrix[3][1]   -0.01080658 
_atom_sites.fract_transf_matrix[3][2]   -0.00914256 
_atom_sites.fract_transf_matrix[3][3]   -0.01602698 
_atom_sites.fract_transf_vector[1]      0.133158 
_atom_sites.fract_transf_vector[2]      0.581601 
_atom_sites.fract_transf_vector[3]      -0.016849 
# 
loop_
_atom_type.symbol 
C  
N  
O  
SE 
# 
loop_
_atom_site.group_PDB 
_atom_site.id 
_atom_site.type_symbol 
_atom_site.label_atom_id 
_atom_site.label_alt_id 
_atom_site.label_comp_id 
_atom_site.label_asym_id 
_atom_site.label_entity_id 
_atom_site.label_seq_id 
_atom_site.pdbx_PDB_ins_code 
_atom_site.Cartn_x 
_atom_site.Cartn_y 
_atom_site.Cartn_z 
_atom_site.occupancy 
_atom_site.B_iso_or_equiv 
_atom_site.pdbx_formal_charge 
_atom_site.auth_seq_id 
_atom_site.auth_comp_id 
_atom_site.auth_asym_id 
_atom_site.auth_atom_id 
_atom_site.pdbx_PDB_model_num 
ATOM   1    N  N   . GLY A 1 1  ? 2.486   0.830   -17.500 1.00 28.09 ? 0   GLY A N   1 
ATOM   2    C  CA  . GLY A 1 1  ? 3.141   1.847   -18.379 1.00 27.83 ? 0   GLY A CA  1 
ATOM   3    C  C   . GLY A 1 1  ? 4.596   2.098   -18.013 1.00 28.26 ? 0   GLY A C   1 
ATOM   4    O  O   . GLY A 1 1  ? 5.281   1.220   -17.472 1.00 28.27 ? 0   GLY A O   1 
HETATM 5    N  N   . MSE A 1 2  ? 5.048   3.309   -18.316 1.00 29.72 ? 1   MSE A N   1 
HETATM 6    C  CA  . MSE A 1 2  ? 6.388   3.797   -17.975 1.00 31.80 ? 1   MSE A CA  1 
HETATM 7    C  C   . MSE A 1 2  ? 6.634   3.812   -16.469 1.00 30.04 ? 1   MSE A C   1 
HETATM 8    O  O   . MSE A 1 2  ? 5.747   4.170   -15.691 1.00 30.10 ? 1   MSE A O   1 
HETATM 9    C  CB  . MSE A 1 2  ? 6.532   5.231   -18.476 1.00 34.22 ? 1   MSE A CB  1 
HETATM 10   C  CG  . MSE A 1 2  ? 6.614   5.389   -19.988 1.00 48.44 ? 1   MSE A CG  1 
HETATM 11   SE SE  . MSE A 1 2  ? 8.318   4.772   -20.721 0.75 68.83 ? 1   MSE A SE  1 
HETATM 12   C  CE  . MSE A 1 2  ? 9.442   5.199   -19.060 1.00 55.00 ? 1   MSE A CE  1 
ATOM   13   N  N   . GLY A 1 3  ? 7.845   3.437   -16.061 1.00 29.34 ? 2   GLY A N   1 
ATOM   14   C  CA  . GLY A 1 3  ? 8.226   3.471   -14.658 1.00 28.53 ? 2   GLY A CA  1 
ATOM   15   C  C   . GLY A 1 3  ? 8.340   4.904   -14.176 1.00 29.59 ? 2   GLY A C   1 
ATOM   16   O  O   . GLY A 1 3  ? 8.916   5.736   -14.856 1.00 31.09 ? 2   GLY A O   1 
ATOM   17   N  N   . ASN A 1 4  ? 7.750   5.193   -13.027 1.00 31.65 ? 3   ASN A N   1 
ATOM   18   C  CA  . ASN A 1 4  ? 7.852   6.491   -12.379 1.00 32.01 ? 3   ASN A CA  1 
ATOM   19   C  C   . ASN A 1 4  ? 8.512   6.250   -11.026 1.00 31.05 ? 3   ASN A C   1 
ATOM   20   O  O   . ASN A 1 4  ? 8.079   5.378   -10.276 1.00 29.99 ? 3   ASN A O   1 
ATOM   21   C  CB  . ASN A 1 4  ? 6.464   7.107   -12.186 1.00 33.90 ? 3   ASN A CB  1 
ATOM   22   C  CG  . ASN A 1 4  ? 5.718   7.328   -13.503 1.00 36.90 ? 3   ASN A CG  1 
ATOM   23   O  OD1 . ASN A 1 4  ? 4.967   6.476   -13.973 1.00 41.73 ? 3   ASN A OD1 1 
ATOM   24   N  ND2 . ASN A 1 4  ? 5.899   8.483   -14.072 1.00 36.19 ? 3   ASN A ND2 1 
ATOM   25   N  N   . ILE A 1 5  ? 9.543   7.036   -10.710 1.00 30.88 ? 4   ILE A N   1 
ATOM   26   C  CA  . ILE A 1 5  ? 10.351  6.857   -9.503  1.00 29.42 ? 4   ILE A CA  1 
ATOM   27   C  C   . ILE A 1 5  ? 9.900   7.816   -8.412  1.00 29.14 ? 4   ILE A C   1 
ATOM   28   O  O   . ILE A 1 5  ? 9.749   9.013   -8.636  1.00 26.96 ? 4   ILE A O   1 
ATOM   29   C  CB  . ILE A 1 5  ? 11.861  7.057   -9.799  1.00 29.94 ? 4   ILE A CB  1 
ATOM   30   C  CG1 . ILE A 1 5  ? 12.313  6.140   -10.953 1.00 31.48 ? 4   ILE A CG1 1 
ATOM   31   C  CG2 . ILE A 1 5  ? 12.678  6.744   -8.574  1.00 30.00 ? 4   ILE A CG2 1 
ATOM   32   C  CD1 . ILE A 1 5  ? 13.707  6.501   -11.494 1.00 31.10 ? 4   ILE A CD1 1 
ATOM   33   N  N   . TYR A 1 6  ? 9.667   7.267   -7.224  1.00 30.31 ? 5   TYR A N   1 
ATOM   34   C  CA  . TYR A 1 6  ? 9.214   8.034   -6.077  1.00 29.40 ? 5   TYR A CA  1 
ATOM   35   C  C   . TYR A 1 6  ? 10.123  7.738   -4.925  1.00 30.69 ? 5   TYR A C   1 
ATOM   36   O  O   . TYR A 1 6  ? 10.733  6.672   -4.901  1.00 29.02 ? 5   TYR A O   1 
ATOM   37   C  CB  . TYR A 1 6  ? 7.766   7.661   -5.678  1.00 30.70 ? 5   TYR A CB  1 
ATOM   38   C  CG  . TYR A 1 6  ? 6.772   7.831   -6.796  1.00 29.49 ? 5   TYR A CG  1 
ATOM   39   C  CD1 . TYR A 1 6  ? 6.128   9.039   -7.000  1.00 31.52 ? 5   TYR A CD1 1 
ATOM   40   C  CD2 . TYR A 1 6  ? 6.492   6.780   -7.671  1.00 32.51 ? 5   TYR A CD2 1 
ATOM   41   C  CE1 . TYR A 1 6  ? 5.233   9.208   -8.056  1.00 32.18 ? 5   TYR A CE1 1 
ATOM   42   C  CE2 . TYR A 1 6  ? 5.598   6.941   -8.743  1.00 33.02 ? 5   TYR A CE2 1 
ATOM   43   C  CZ  . TYR A 1 6  ? 4.975   8.154   -8.922  1.00 34.40 ? 5   TYR A CZ  1 
ATOM   44   O  OH  . TYR A 1 6  ? 4.089   8.319   -9.962  1.00 31.53 ? 5   TYR A OH  1 
ATOM   45   N  N   . GLN A 1 7  ? 10.244  8.702   -4.005  1.00 29.93 ? 6   GLN A N   1 
ATOM   46   C  CA  . GLN A 1 7  ? 10.810  8.438   -2.693  1.00 31.00 ? 6   GLN A CA  1 
ATOM   47   C  C   . GLN A 1 7  ? 9.631   8.373   -1.722  1.00 29.54 ? 6   GLN A C   1 
ATOM   48   O  O   . GLN A 1 7  ? 8.810   9.288   -1.678  1.00 26.10 ? 6   GLN A O   1 
ATOM   49   C  CB  . GLN A 1 7  ? 11.778  9.520   -2.233  1.00 32.24 ? 6   GLN A CB  1 
ATOM   50   C  CG  . GLN A 1 7  ? 12.598  9.119   -0.979  1.00 33.38 ? 6   GLN A CG  1 
ATOM   51   C  CD  . GLN A 1 7  ? 13.672  8.080   -1.270  1.00 38.88 ? 6   GLN A CD  1 
ATOM   52   O  OE1 . GLN A 1 7  ? 14.022  7.835   -2.422  1.00 36.32 ? 6   GLN A OE1 1 
ATOM   53   N  NE2 . GLN A 1 7  ? 14.199  7.468   -0.219  1.00 31.34 ? 6   GLN A NE2 1 
ATOM   54   N  N   . ILE A 1 8  ? 9.567   7.296   -0.942  1.00 29.90 ? 7   ILE A N   1 
ATOM   55   C  CA  . ILE A 1 8  ? 8.521   7.115   0.051   1.00 30.98 ? 7   ILE A CA  1 
ATOM   56   C  C   . ILE A 1 8  ? 9.144   7.232   1.443   1.00 29.24 ? 7   ILE A C   1 
ATOM   57   O  O   . ILE A 1 8  ? 10.085  6.507   1.776   1.00 27.66 ? 7   ILE A O   1 
ATOM   58   C  CB  . ILE A 1 8  ? 7.842   5.724   -0.052  1.00 33.26 ? 7   ILE A CB  1 
ATOM   59   C  CG1 . ILE A 1 8  ? 7.476   5.358   -1.500  1.00 33.29 ? 7   ILE A CG1 1 
ATOM   60   C  CG2 . ILE A 1 8  ? 6.644   5.635   0.908   1.00 30.56 ? 7   ILE A CG2 1 
ATOM   61   C  CD1 . ILE A 1 8  ? 6.658   6.355   -2.203  1.00 35.25 ? 7   ILE A CD1 1 
ATOM   62   N  N   . THR A 1 9  ? 8.586   8.107   2.270   1.00 28.38 ? 8   THR A N   1 
ATOM   63   C  CA  . THR A 1 9  ? 9.073   8.311   3.624   1.00 28.14 ? 8   THR A CA  1 
ATOM   64   C  C   . THR A 1 9  ? 7.917   8.119   4.597   1.00 29.55 ? 8   THR A C   1 
ATOM   65   O  O   . THR A 1 9  ? 6.836   8.657   4.366   1.00 29.54 ? 8   THR A O   1 
ATOM   66   C  CB  . THR A 1 9  ? 9.671   9.737   3.771   1.00 28.57 ? 8   THR A CB  1 
ATOM   67   O  OG1 . THR A 1 9  ? 10.632  9.943   2.735   1.00 31.76 ? 8   THR A OG1 1 
ATOM   68   C  CG2 . THR A 1 9  ? 10.324  9.967   5.169   1.00 27.93 ? 8   THR A CG2 1 
ATOM   69   N  N   . VAL A 1 10 ? 8.148   7.338   5.658   1.00 28.66 ? 9   VAL A N   1 
ATOM   70   C  CA  . VAL A 1 10 ? 7.164   7.132   6.722   1.00 27.91 ? 9   VAL A CA  1 
ATOM   71   C  C   . VAL A 1 10 ? 7.832   7.534   8.016   1.00 28.96 ? 9   VAL A C   1 
ATOM   72   O  O   . VAL A 1 10 ? 8.939   7.080   8.300   1.00 28.86 ? 9   VAL A O   1 
ATOM   73   C  CB  . VAL A 1 10 ? 6.679   5.667   6.797   1.00 28.05 ? 9   VAL A CB  1 
ATOM   74   C  CG1 . VAL A 1 10 ? 5.604   5.495   7.901   1.00 25.06 ? 9   VAL A CG1 1 
ATOM   75   C  CG2 . VAL A 1 10 ? 6.137   5.241   5.434   1.00 27.03 ? 9   VAL A CG2 1 
ATOM   76   N  N   . GLU A 1 11 ? 7.196   8.418   8.775   1.00 28.92 ? 10  GLU A N   1 
ATOM   77   C  CA  . GLU A 1 11 ? 7.721   8.824   10.062  1.00 32.40 ? 10  GLU A CA  1 
ATOM   78   C  C   . GLU A 1 11 ? 6.689   8.663   11.138  1.00 32.42 ? 10  GLU A C   1 
ATOM   79   O  O   . GLU A 1 11 ? 5.527   9.003   10.938  1.00 32.11 ? 10  GLU A O   1 
ATOM   80   C  CB  . GLU A 1 11 ? 8.269   10.256  10.027  1.00 33.85 ? 10  GLU A CB  1 
ATOM   81   C  CG  . GLU A 1 11 ? 7.435   11.286  9.315   1.00 42.82 ? 10  GLU A CG  1 
ATOM   82   C  CD  . GLU A 1 11 ? 8.249   12.536  8.938   1.00 42.12 ? 10  GLU A CD  1 
ATOM   83   O  OE1 . GLU A 1 11 ? 8.842   13.166  9.874   1.00 44.01 ? 10  GLU A OE1 1 
ATOM   84   O  OE2 . GLU A 1 11 ? 8.279   12.861  7.717   1.00 40.99 ? 10  GLU A OE2 1 
ATOM   85   N  N   . GLU A 1 12 ? 7.120   8.115   12.270  1.00 33.46 ? 11  GLU A N   1 
ATOM   86   C  CA  . GLU A 1 12 ? 6.309   8.051   13.472  1.00 36.60 ? 11  GLU A CA  1 
ATOM   87   C  C   . GLU A 1 12 ? 6.114   9.447   14.023  1.00 35.51 ? 11  GLU A C   1 
ATOM   88   O  O   . GLU A 1 12 ? 7.099   10.139  14.295  1.00 32.35 ? 11  GLU A O   1 
ATOM   89   C  CB  . GLU A 1 12 ? 7.034   7.281   14.564  1.00 37.36 ? 11  GLU A CB  1 
ATOM   90   C  CG  . GLU A 1 12 ? 7.218   5.842   14.324  1.00 41.77 ? 11  GLU A CG  1 
ATOM   91   C  CD  . GLU A 1 12 ? 8.017   5.178   15.447  1.00 43.56 ? 11  GLU A CD  1 
ATOM   92   O  OE1 . GLU A 1 12 ? 8.838   5.856   16.103  1.00 39.24 ? 11  GLU A OE1 1 
ATOM   93   O  OE2 . GLU A 1 12 ? 7.814   3.965   15.652  1.00 51.38 ? 11  GLU A OE2 1 
ATOM   94   N  N   . LYS A 1 13 ? 4.859   9.848   14.224  1.00 37.99 ? 12  LYS A N   1 
ATOM   95   C  CA  . LYS A 1 13 ? 4.553   11.149  14.844  1.00 39.02 ? 12  LYS A CA  1 
ATOM   96   C  C   . LYS A 1 13 ? 4.980   11.218  16.312  1.00 40.25 ? 12  LYS A C   1 
ATOM   97   O  O   . LYS A 1 13 ? 5.426   12.265  16.771  1.00 40.51 ? 12  LYS A O   1 
ATOM   98   C  CB  . LYS A 1 13 ? 3.064   11.516  14.699  1.00 39.50 ? 12  LYS A CB  1 
ATOM   99   C  CG  . LYS A 1 13 ? 2.726   12.478  13.524  1.00 41.53 ? 12  LYS A CG  1 
ATOM   100  C  CD  . LYS A 1 13 ? 3.333   12.072  12.216  1.00 43.08 ? 12  LYS A CD  1 
ATOM   101  N  N   . ALA A 1 14 ? 4.887   10.101  17.024  1.00 42.52 ? 13  ALA A N   1 
ATOM   102  C  CA  . ALA A 1 14 ? 5.106   10.077  18.470  1.00 44.98 ? 13  ALA A CA  1 
ATOM   103  C  C   . ALA A 1 14 ? 6.204   9.114   18.905  1.00 46.46 ? 13  ALA A C   1 
ATOM   104  O  O   . ALA A 1 14 ? 6.866   8.488   18.081  1.00 46.80 ? 13  ALA A O   1 
ATOM   105  C  CB  . ALA A 1 14 ? 3.793   9.723   19.166  1.00 45.16 ? 13  ALA A CB  1 
ATOM   106  N  N   . GLU A 1 15 ? 6.398   9.041   20.223  1.00 47.76 ? 14  GLU A N   1 
ATOM   107  C  CA  . GLU A 1 15 ? 7.351   8.138   20.871  1.00 47.63 ? 14  GLU A CA  1 
ATOM   108  C  C   . GLU A 1 15 ? 8.755   8.380   20.336  1.00 46.02 ? 14  GLU A C   1 
ATOM   109  O  O   . GLU A 1 15 ? 9.249   9.484   20.457  1.00 44.82 ? 14  GLU A O   1 
ATOM   110  C  CB  . GLU A 1 15 ? 6.884   6.677   20.755  1.00 49.24 ? 14  GLU A CB  1 
ATOM   111  N  N   . HIS A 1 16 ? 9.350   7.387   19.678  1.00 47.25 ? 15  HIS A N   1 
ATOM   112  C  CA  . HIS A 1 16 ? 10.745  7.466   19.202  1.00 46.88 ? 15  HIS A CA  1 
ATOM   113  C  C   . HIS A 1 16 ? 10.978  8.368   17.965  1.00 45.60 ? 15  HIS A C   1 
ATOM   114  O  O   . HIS A 1 16 ? 12.120  8.793   17.706  1.00 44.52 ? 15  HIS A O   1 
ATOM   115  C  CB  . HIS A 1 16 ? 11.261  6.043   18.918  1.00 48.89 ? 15  HIS A CB  1 
ATOM   116  C  CG  . HIS A 1 16 ? 11.237  5.145   20.115  1.00 55.30 ? 15  HIS A CG  1 
ATOM   117  N  ND1 . HIS A 1 16 ? 12.074  5.329   21.199  1.00 59.01 ? 15  HIS A ND1 1 
ATOM   118  C  CD2 . HIS A 1 16 ? 10.468  4.070   20.411  1.00 60.56 ? 15  HIS A CD2 1 
ATOM   119  C  CE1 . HIS A 1 16 ? 11.821  4.404   22.109  1.00 60.97 ? 15  HIS A CE1 1 
ATOM   120  N  NE2 . HIS A 1 16 ? 10.850  3.628   21.656  1.00 62.40 ? 15  HIS A NE2 1 
ATOM   121  N  N   . GLN A 1 17 ? 9.906   8.656   17.221  1.00 41.24 ? 16  GLN A N   1 
ATOM   122  C  CA  . GLN A 1 17 ? 9.965   9.478   16.002  1.00 41.37 ? 16  GLN A CA  1 
ATOM   123  C  C   . GLN A 1 17 ? 10.917  8.897   14.939  1.00 38.06 ? 16  GLN A C   1 
ATOM   124  O  O   . GLN A 1 17 ? 11.635  9.615   14.232  1.00 34.34 ? 16  GLN A O   1 
ATOM   125  C  CB  . GLN A 1 17 ? 10.250  10.946  16.322  1.00 40.33 ? 16  GLN A CB  1 
ATOM   126  C  CG  . GLN A 1 17 ? 9.179   11.571  17.234  1.00 44.70 ? 16  GLN A CG  1 
ATOM   127  C  CD  . GLN A 1 17 ? 9.402   13.054  17.510  1.00 42.83 ? 16  GLN A CD  1 
ATOM   128  O  OE1 . GLN A 1 17 ? 9.723   13.824  16.608  1.00 45.86 ? 16  GLN A OE1 1 
ATOM   129  N  NE2 . GLN A 1 17 ? 9.198   13.461  18.757  1.00 54.11 ? 16  GLN A NE2 1 
ATOM   130  N  N   . ARG A 1 18 ? 10.860  7.571   14.833  1.00 36.23 ? 17  ARG A N   1 
ATOM   131  C  CA  . ARG A 1 18 ? 11.632  6.820   13.875  1.00 34.58 ? 17  ARG A CA  1 
ATOM   132  C  C   . ARG A 1 18 ? 11.092  7.063   12.478  1.00 33.39 ? 17  ARG A C   1 
ATOM   133  O  O   . ARG A 1 18 ? 9.935   7.393   12.297  1.00 30.58 ? 17  ARG A O   1 
ATOM   134  C  CB  . ARG A 1 18 ? 11.567  5.333   14.183  1.00 33.82 ? 17  ARG A CB  1 
ATOM   135  C  CG  . ARG A 1 18 ? 12.258  4.940   15.464  1.00 36.32 ? 17  ARG A CG  1 
ATOM   136  C  CD  . ARG A 1 18 ? 12.053  3.462   15.729  1.00 37.90 ? 17  ARG A CD  1 
ATOM   137  N  NE  . ARG A 1 18 ? 10.727  3.145   16.266  1.00 43.66 ? 17  ARG A NE  1 
ATOM   138  C  CZ  . ARG A 1 18 ? 10.312  1.903   16.530  1.00 50.03 ? 17  ARG A CZ  1 
ATOM   139  N  NH1 . ARG A 1 18 ? 11.106  0.850   16.292  1.00 57.75 ? 17  ARG A NH1 1 
ATOM   140  N  NH2 . ARG A 1 18 ? 9.097   1.696   17.026  1.00 47.21 ? 17  ARG A NH2 1 
ATOM   141  N  N   . THR A 1 19 ? 11.962  6.894   11.497  1.00 33.20 ? 18  THR A N   1 
ATOM   142  C  CA  . THR A 1 19 ? 11.635  7.146   10.106  1.00 33.00 ? 18  THR A CA  1 
ATOM   143  C  C   . THR A 1 19 ? 12.157  6.040   9.223   1.00 32.62 ? 18  THR A C   1 
ATOM   144  O  O   . THR A 1 19 ? 13.098  5.326   9.570   1.00 32.16 ? 18  THR A O   1 
ATOM   145  C  CB  . THR A 1 19 ? 12.296  8.434   9.634   1.00 34.08 ? 18  THR A CB  1 
ATOM   146  O  OG1 . THR A 1 19 ? 13.713  8.292   9.794   1.00 34.26 ? 18  THR A OG1 1 
ATOM   147  C  CG2 . THR A 1 19 ? 11.800  9.651   10.468  1.00 31.04 ? 18  THR A CG2 1 
ATOM   148  N  N   . LEU A 1 20 ? 11.527  5.902   8.072   1.00 33.50 ? 19  LEU A N   1 
ATOM   149  C  CA  . LEU A 1 20 ? 12.032  5.036   7.044   1.00 35.67 ? 19  LEU A CA  1 
ATOM   150  C  C   . LEU A 1 20 ? 11.823  5.760   5.747   1.00 33.23 ? 19  LEU A C   1 
ATOM   151  O  O   . LEU A 1 20 ? 10.862  6.520   5.597   1.00 31.67 ? 19  LEU A O   1 
ATOM   152  C  CB  . LEU A 1 20 ? 11.369  3.663   7.076   1.00 37.74 ? 19  LEU A CB  1 
ATOM   153  C  CG  . LEU A 1 20 ? 9.967   3.462   6.548   1.00 43.49 ? 19  LEU A CG  1 
ATOM   154  C  CD1 . LEU A 1 20 ? 9.985   3.151   5.098   1.00 45.41 ? 19  LEU A CD1 1 
ATOM   155  C  CD2 . LEU A 1 20 ? 9.283   2.317   7.313   1.00 43.72 ? 19  LEU A CD2 1 
ATOM   156  N  N   . SER A 1 21 ? 12.775  5.577   4.845   1.00 32.92 ? 20  SER A N   1 
ATOM   157  C  CA  . SER A 1 21 ? 12.729  6.185   3.526   1.00 33.20 ? 20  SER A CA  1 
ATOM   158  C  C   . SER A 1 21 ? 13.302  5.217   2.511   1.00 31.99 ? 20  SER A C   1 
ATOM   159  O  O   . SER A 1 21 ? 14.387  4.655   2.720   1.00 32.15 ? 20  SER A O   1 
ATOM   160  C  CB  . SER A 1 21 ? 13.496  7.494   3.508   1.00 31.75 ? 20  SER A CB  1 
ATOM   161  O  OG  . SER A 1 21 ? 13.159  8.251   2.365   1.00 35.12 ? 20  SER A OG  1 
ATOM   162  N  N   . PHE A 1 22 ? 12.576  5.029   1.415   1.00 32.15 ? 21  PHE A N   1 
ATOM   163  C  CA  . PHE A 1 22 ? 13.021  4.160   0.337   1.00 32.45 ? 21  PHE A CA  1 
ATOM   164  C  C   . PHE A 1 22 ? 12.557  4.654   -1.020  1.00 31.59 ? 21  PHE A C   1 
ATOM   165  O  O   . PHE A 1 22 ? 11.557  5.361   -1.129  1.00 31.23 ? 21  PHE A O   1 
ATOM   166  C  CB  . PHE A 1 22 ? 12.561  2.711   0.583   1.00 33.33 ? 21  PHE A CB  1 
ATOM   167  C  CG  . PHE A 1 22 ? 11.076  2.536   0.622   1.00 33.15 ? 21  PHE A CG  1 
ATOM   168  C  CD1 . PHE A 1 22 ? 10.369  2.810   1.772   1.00 32.90 ? 21  PHE A CD1 1 
ATOM   169  C  CD2 . PHE A 1 22 ? 10.380  2.082   -0.495  1.00 33.98 ? 21  PHE A CD2 1 
ATOM   170  C  CE1 . PHE A 1 22 ? 8.990   2.640   1.825   1.00 35.53 ? 21  PHE A CE1 1 
ATOM   171  C  CE2 . PHE A 1 22 ? 9.018   1.916   -0.442  1.00 37.18 ? 21  PHE A CE2 1 
ATOM   172  C  CZ  . PHE A 1 22 ? 8.323   2.203   0.731   1.00 32.80 ? 21  PHE A CZ  1 
ATOM   173  N  N   . GLU A 1 23 ? 13.324  4.311   -2.042  1.00 31.54 ? 22  GLU A N   1 
ATOM   174  C  CA  . GLU A 1 23 ? 12.970  4.656   -3.406  1.00 34.14 ? 22  GLU A CA  1 
ATOM   175  C  C   . GLU A 1 23 ? 12.086  3.550   -3.940  1.00 33.18 ? 22  GLU A C   1 
ATOM   176  O  O   . GLU A 1 23 ? 12.295  2.375   -3.640  1.00 31.78 ? 22  GLU A O   1 
ATOM   177  C  CB  . GLU A 1 23 ? 14.176  4.778   -4.298  1.00 34.13 ? 22  GLU A CB  1 
ATOM   178  C  CG  . GLU A 1 23 ? 13.820  5.065   -5.748  1.00 37.43 ? 22  GLU A CG  1 
ATOM   179  C  CD  . GLU A 1 23 ? 15.045  5.230   -6.593  1.00 37.13 ? 22  GLU A CD  1 
ATOM   180  O  OE1 . GLU A 1 23 ? 15.643  6.305   -6.527  1.00 39.64 ? 22  GLU A OE1 1 
ATOM   181  O  OE2 . GLU A 1 23 ? 15.403  4.286   -7.314  1.00 42.48 ? 22  GLU A OE2 1 
ATOM   182  N  N   . PHE A 1 24 ? 11.093  3.929   -4.721  1.00 32.78 ? 23  PHE A N   1 
ATOM   183  C  CA  . PHE A 1 24 ? 10.232  2.943   -5.316  1.00 35.36 ? 23  PHE A CA  1 
ATOM   184  C  C   . PHE A 1 24 ? 9.690   3.375   -6.659  1.00 33.46 ? 23  PHE A C   1 
ATOM   185  O  O   . PHE A 1 24 ? 9.375   4.531   -6.862  1.00 33.76 ? 23  PHE A O   1 
ATOM   186  C  CB  . PHE A 1 24 ? 9.118   2.575   -4.348  1.00 38.80 ? 23  PHE A CB  1 
ATOM   187  C  CG  . PHE A 1 24 ? 8.494   1.271   -4.663  1.00 42.61 ? 23  PHE A CG  1 
ATOM   188  C  CD1 . PHE A 1 24 ? 9.268   0.099   -4.622  1.00 43.59 ? 23  PHE A CD1 1 
ATOM   189  C  CD2 . PHE A 1 24 ? 7.151   1.197   -5.014  1.00 39.93 ? 23  PHE A CD2 1 
ATOM   190  C  CE1 . PHE A 1 24 ? 8.702   -1.141  -4.952  1.00 44.20 ? 23  PHE A CE1 1 
ATOM   191  C  CE2 . PHE A 1 24 ? 6.576   -0.027  -5.319  1.00 44.74 ? 23  PHE A CE2 1 
ATOM   192  C  CZ  . PHE A 1 24 ? 7.359   -1.199  -5.295  1.00 44.55 ? 23  PHE A CZ  1 
ATOM   193  N  N   . SER A 1 25 ? 9.621   2.425   -7.581  1.00 31.93 ? 24  SER A N   1 
ATOM   194  C  CA  . SER A 1 25 ? 9.186   2.685   -8.941  1.00 34.77 ? 24  SER A CA  1 
ATOM   195  C  C   . SER A 1 25 ? 7.802   2.067   -9.158  1.00 34.30 ? 24  SER A C   1 
ATOM   196  O  O   . SER A 1 25 ? 7.598   0.939   -8.763  1.00 33.67 ? 24  SER A O   1 
ATOM   197  C  CB  . SER A 1 25 ? 10.204  2.085   -9.915  1.00 34.05 ? 24  SER A CB  1 
ATOM   198  O  OG  . SER A 1 25 ? 9.818   2.308   -11.256 1.00 43.66 ? 24  SER A OG  1 
ATOM   199  N  N   . LEU A 1 26 ? 6.870   2.826   -9.741  1.00 33.90 ? 25  LEU A N   1 
ATOM   200  C  CA  . LEU A 1 26 ? 5.541   2.329   -10.105 1.00 35.58 ? 25  LEU A CA  1 
ATOM   201  C  C   . LEU A 1 26 ? 5.391   2.514   -11.593 1.00 35.19 ? 25  LEU A C   1 
ATOM   202  O  O   . LEU A 1 26 ? 5.874   3.493   -12.149 1.00 34.76 ? 25  LEU A O   1 
ATOM   203  C  CB  . LEU A 1 26 ? 4.405   3.102   -9.412  1.00 35.85 ? 25  LEU A CB  1 
ATOM   204  C  CG  . LEU A 1 26 ? 4.377   3.161   -7.882  1.00 42.78 ? 25  LEU A CG  1 
ATOM   205  C  CD1 . LEU A 1 26 ? 3.302   4.137   -7.427  1.00 41.67 ? 25  LEU A CD1 1 
ATOM   206  C  CD2 . LEU A 1 26 ? 4.173   1.777   -7.250  1.00 43.62 ? 25  LEU A CD2 1 
ATOM   207  N  N   . HIS A 1 27 ? 4.664   1.603   -12.222 1.00 35.29 ? 26  HIS A N   1 
ATOM   208  C  CA  . HIS A 1 27 ? 4.390   1.659   -13.657 1.00 34.90 ? 26  HIS A CA  1 
ATOM   209  C  C   . HIS A 1 27 ? 3.095   2.360   -14.033 1.00 36.47 ? 26  HIS A C   1 
ATOM   210  O  O   . HIS A 1 27 ? 2.525   2.110   -15.089 1.00 37.84 ? 26  HIS A O   1 
ATOM   211  C  CB  . HIS A 1 27 ? 4.481   0.264   -14.216 1.00 33.97 ? 26  HIS A CB  1 
ATOM   212  C  CG  . HIS A 1 27 ? 5.861   -0.258  -14.150 1.00 37.14 ? 26  HIS A CG  1 
ATOM   213  N  ND1 . HIS A 1 27 ? 6.840   0.191   -15.006 1.00 43.58 ? 26  HIS A ND1 1 
ATOM   214  C  CD2 . HIS A 1 27 ? 6.467   -1.087  -13.275 1.00 39.08 ? 26  HIS A CD2 1 
ATOM   215  C  CE1 . HIS A 1 27 ? 7.979   -0.388  -14.694 1.00 38.86 ? 26  HIS A CE1 1 
ATOM   216  N  NE2 . HIS A 1 27 ? 7.780   -1.174  -13.652 1.00 40.90 ? 26  HIS A NE2 1 
ATOM   217  N  N   . ASP A 1 28 ? 2.644   3.239   -13.147 1.00 39.16 ? 27  ASP A N   1 
ATOM   218  C  CA  . ASP A 1 28 ? 1.585   4.190   -13.408 1.00 40.83 ? 27  ASP A CA  1 
ATOM   219  C  C   . ASP A 1 28 ? 2.053   5.536   -12.869 1.00 40.24 ? 27  ASP A C   1 
ATOM   220  O  O   . ASP A 1 28 ? 2.931   5.589   -12.007 1.00 41.43 ? 27  ASP A O   1 
ATOM   221  C  CB  . ASP A 1 28 ? 0.315   3.770   -12.686 1.00 42.97 ? 27  ASP A CB  1 
ATOM   222  C  CG  . ASP A 1 28 ? -0.344  2.553   -13.311 1.00 50.47 ? 27  ASP A CG  1 
ATOM   223  O  OD1 . ASP A 1 28 ? -0.805  2.667   -14.465 1.00 59.60 ? 27  ASP A OD1 1 
ATOM   224  O  OD2 . ASP A 1 28 ? -0.415  1.496   -12.636 1.00 60.07 ? 27  ASP A OD2 1 
ATOM   225  N  N   . ASP A 1 29 ? 1.487   6.609   -13.406 1.00 37.61 ? 28  ASP A N   1 
ATOM   226  C  CA  . ASP A 1 29 ? 1.705   7.952   -12.911 1.00 37.04 ? 28  ASP A CA  1 
ATOM   227  C  C   . ASP A 1 29 ? 0.768   8.077   -11.717 1.00 35.47 ? 28  ASP A C   1 
ATOM   228  O  O   . ASP A 1 29 ? -0.419  8.299   -11.898 1.00 35.65 ? 28  ASP A O   1 
ATOM   229  C  CB  . ASP A 1 29 ? 1.369   8.973   -14.012 1.00 37.56 ? 28  ASP A CB  1 
ATOM   230  C  CG  . ASP A 1 29 ? 1.576   10.402  -13.576 1.00 37.42 ? 28  ASP A CG  1 
ATOM   231  O  OD1 . ASP A 1 29 ? 1.573   10.676  -12.362 1.00 42.28 ? 28  ASP A OD1 1 
ATOM   232  O  OD2 . ASP A 1 29 ? 1.715   11.274  -14.462 1.00 43.29 ? 28  ASP A OD2 1 
ATOM   233  N  N   . LEU A 1 30 ? 1.312   7.928   -10.507 1.00 34.68 ? 29  LEU A N   1 
ATOM   234  C  CA  . LEU A 1 30 ? 0.520   7.911   -9.273  1.00 35.09 ? 29  LEU A CA  1 
ATOM   235  C  C   . LEU A 1 30 ? -0.277  9.197   -9.041  1.00 34.26 ? 29  LEU A C   1 
ATOM   236  O  O   . LEU A 1 30 ? -1.462  9.145   -8.727  1.00 33.50 ? 29  LEU A O   1 
ATOM   237  C  CB  . LEU A 1 30 ? 1.419   7.618   -8.063  1.00 35.03 ? 29  LEU A CB  1 
ATOM   238  C  CG  . LEU A 1 30 ? 0.796   7.601   -6.665  1.00 37.36 ? 29  LEU A CG  1 
ATOM   239  C  CD1 . LEU A 1 30 ? -0.329  6.567   -6.557  1.00 35.43 ? 29  LEU A CD1 1 
ATOM   240  C  CD2 . LEU A 1 30 ? 1.900   7.322   -5.632  1.00 34.55 ? 29  LEU A CD2 1 
ATOM   241  N  N   . PHE A 1 31 ? 0.372   10.339  -9.215  1.00 34.75 ? 30  PHE A N   1 
ATOM   242  C  CA  . PHE A 1 31 ? -0.290  11.632  -9.050  1.00 36.14 ? 30  PHE A CA  1 
ATOM   243  C  C   . PHE A 1 31 ? -1.403  11.840  -10.076 1.00 36.82 ? 30  PHE A C   1 
ATOM   244  O  O   . PHE A 1 31 ? -2.429  12.404  -9.733  1.00 38.71 ? 30  PHE A O   1 
ATOM   245  C  CB  . PHE A 1 31 ? 0.725   12.778  -9.057  1.00 37.22 ? 30  PHE A CB  1 
ATOM   246  C  CG  . PHE A 1 31 ? 1.567   12.839  -7.807  1.00 37.03 ? 30  PHE A CG  1 
ATOM   247  C  CD1 . PHE A 1 31 ? 2.657   12.003  -7.638  1.00 42.41 ? 30  PHE A CD1 1 
ATOM   248  C  CD2 . PHE A 1 31 ? 1.258   13.725  -6.790  1.00 42.68 ? 30  PHE A CD2 1 
ATOM   249  C  CE1 . PHE A 1 31 ? 3.423   12.043  -6.467  1.00 41.57 ? 30  PHE A CE1 1 
ATOM   250  C  CE2 . PHE A 1 31 ? 2.029   13.775  -5.639  1.00 43.35 ? 30  PHE A CE2 1 
ATOM   251  C  CZ  . PHE A 1 31 ? 3.115   12.926  -5.488  1.00 36.50 ? 30  PHE A CZ  1 
ATOM   252  N  N   . LYS A 1 32 ? -1.227  11.359  -11.309 1.00 37.49 ? 31  LYS A N   1 
ATOM   253  C  CA  . LYS A 1 32 ? -2.304  11.437  -12.322 1.00 40.29 ? 31  LYS A CA  1 
ATOM   254  C  C   . LYS A 1 32 ? -3.471  10.491  -11.962 1.00 40.18 ? 31  LYS A C   1 
ATOM   255  O  O   . LYS A 1 32 ? -4.633  10.859  -12.105 1.00 39.74 ? 31  LYS A O   1 
ATOM   256  C  CB  . LYS A 1 32 ? -1.765  11.147  -13.725 1.00 39.30 ? 31  LYS A CB  1 
ATOM   257  C  CG  . LYS A 1 32 ? -2.655  11.636  -14.849 1.00 43.24 ? 31  LYS A CG  1 
ATOM   258  C  CD  . LYS A 1 32 ? -2.025  11.369  -16.221 1.00 44.29 ? 31  LYS A CD  1 
ATOM   259  C  CE  . LYS A 1 32 ? -2.442  12.411  -17.266 1.00 52.33 ? 31  LYS A CE  1 
ATOM   260  N  NZ  . LYS A 1 32 ? -3.915  12.481  -17.517 1.00 56.26 ? 31  LYS A NZ  1 
ATOM   261  N  N   . LEU A 1 33 ? -3.144  9.299   -11.462 1.00 41.00 ? 32  LEU A N   1 
ATOM   262  C  CA  . LEU A 1 33 ? -4.143  8.324   -10.995 1.00 42.22 ? 32  LEU A CA  1 
ATOM   263  C  C   . LEU A 1 33 ? -4.967  8.887   -9.811  1.00 42.51 ? 32  LEU A C   1 
ATOM   264  O  O   . LEU A 1 33 ? -6.199  8.722   -9.761  1.00 39.75 ? 32  LEU A O   1 
ATOM   265  C  CB  . LEU A 1 33 ? -3.454  6.999   -10.620 1.00 42.06 ? 32  LEU A CB  1 
ATOM   266  C  CG  . LEU A 1 33 ? -4.234  5.682   -10.676 1.00 44.67 ? 32  LEU A CG  1 
ATOM   267  C  CD1 . LEU A 1 33 ? -4.619  5.336   -12.109 1.00 47.85 ? 32  LEU A CD1 1 
ATOM   268  C  CD2 . LEU A 1 33 ? -3.412  4.520   -10.072 1.00 45.98 ? 32  LEU A CD2 1 
ATOM   269  N  N   . LEU A 1 34 ? -4.295  9.576   -8.885  1.00 41.92 ? 33  LEU A N   1 
ATOM   270  C  CA  . LEU A 1 34 ? -4.973  10.216  -7.746  1.00 43.79 ? 33  LEU A CA  1 
ATOM   271  C  C   . LEU A 1 34 ? -5.956  11.332  -8.165  1.00 45.22 ? 33  LEU A C   1 
ATOM   272  O  O   . LEU A 1 34 ? -7.043  11.428  -7.600  1.00 44.19 ? 33  LEU A O   1 
ATOM   273  C  CB  . LEU A 1 34 ? -3.962  10.731  -6.702  1.00 42.66 ? 33  LEU A CB  1 
ATOM   274  C  CG  . LEU A 1 34 ? -3.223  9.648   -5.903  1.00 44.76 ? 33  LEU A CG  1 
ATOM   275  C  CD1 . LEU A 1 34 ? -2.079  10.240  -5.112  1.00 41.84 ? 33  LEU A CD1 1 
ATOM   276  C  CD2 . LEU A 1 34 ? -4.163  8.873   -4.981  1.00 44.70 ? 33  LEU A CD2 1 
ATOM   277  N  N   . GLU A 1 35 ? -5.584  12.157  -9.145  1.00 46.96 ? 34  GLU A N   1 
ATOM   278  C  CA  . GLU A 1 35 ? -6.501  13.157  -9.710  1.00 49.56 ? 34  GLU A CA  1 
ATOM   279  C  C   . GLU A 1 35 ? -7.721  12.486  -10.356 1.00 50.33 ? 34  GLU A C   1 
ATOM   280  O  O   . GLU A 1 35 ? -8.854  12.920  -10.160 1.00 51.97 ? 34  GLU A O   1 
ATOM   281  C  CB  . GLU A 1 35 ? -5.818  14.010  -10.792 1.00 50.58 ? 34  GLU A CB  1 
ATOM   282  C  CG  . GLU A 1 35 ? -4.683  14.923  -10.341 1.00 54.34 ? 34  GLU A CG  1 
ATOM   283  C  CD  . GLU A 1 35 ? -4.116  15.733  -11.513 1.00 55.52 ? 34  GLU A CD  1 
ATOM   284  O  OE1 . GLU A 1 35 ? -4.817  16.667  -11.973 1.00 66.69 ? 34  GLU A OE1 1 
ATOM   285  O  OE2 . GLU A 1 35 ? -2.985  15.436  -11.979 1.00 62.16 ? 34  GLU A OE2 1 
ATOM   286  N  N   . LYS A 1 36 ? -7.457  11.439  -11.134 1.00 50.57 ? 35  LYS A N   1 
ATOM   287  C  CA  . LYS A 1 36 ? -8.476  10.668  -11.863 1.00 51.24 ? 35  LYS A CA  1 
ATOM   288  C  C   . LYS A 1 36 ? -9.541  10.025  -10.958 1.00 51.01 ? 35  LYS A C   1 
ATOM   289  O  O   . LYS A 1 36 ? -10.734 10.201  -11.199 1.00 50.85 ? 35  LYS A O   1 
ATOM   290  C  CB  . LYS A 1 36 ? -7.761  9.615   -12.723 1.00 50.60 ? 35  LYS A CB  1 
ATOM   291  C  CG  . LYS A 1 36 ? -8.616  8.621   -13.473 1.00 53.16 ? 35  LYS A CG  1 
ATOM   292  C  CD  . LYS A 1 36 ? -7.736  7.793   -14.427 1.00 55.31 ? 35  LYS A CD  1 
ATOM   293  C  CE  . LYS A 1 36 ? -8.299  6.393   -14.679 1.00 62.98 ? 35  LYS A CE  1 
ATOM   294  N  NZ  . LYS A 1 36 ? -8.241  5.542   -13.434 1.00 64.92 ? 35  LYS A NZ  1 
ATOM   295  N  N   . VAL A 1 37 ? -9.114  9.300   -9.924  1.00 51.05 ? 36  VAL A N   1 
ATOM   296  C  CA  . VAL A 1 37 ? -10.049 8.621   -9.002  1.00 51.28 ? 36  VAL A CA  1 
ATOM   297  C  C   . VAL A 1 37 ? -10.642 9.537   -7.936  1.00 52.63 ? 36  VAL A C   1 
ATOM   298  O  O   . VAL A 1 37 ? -11.559 9.122   -7.233  1.00 52.44 ? 36  VAL A O   1 
ATOM   299  C  CB  . VAL A 1 37 ? -9.411  7.411   -8.279  1.00 49.89 ? 36  VAL A CB  1 
ATOM   300  C  CG1 . VAL A 1 37 ? -8.843  6.440   -9.292  1.00 46.75 ? 36  VAL A CG1 1 
ATOM   301  C  CG2 . VAL A 1 37 ? -8.358  7.867   -7.256  1.00 42.32 ? 36  VAL A CG2 1 
ATOM   302  N  N   . ASP A 1 38 ? -10.104 10.751  -7.799  1.00 55.57 ? 37  ASP A N   1 
ATOM   303  C  CA  . ASP A 1 38 ? -10.585 11.760  -6.835  1.00 56.37 ? 37  ASP A CA  1 
ATOM   304  C  C   . ASP A 1 38 ? -12.108 11.937  -6.941  1.00 58.15 ? 37  ASP A C   1 
ATOM   305  O  O   . ASP A 1 38 ? -12.611 12.373  -7.975  1.00 58.82 ? 37  ASP A O   1 
ATOM   306  C  CB  . ASP A 1 38 ? -9.877  13.108  -7.095  1.00 57.88 ? 37  ASP A CB  1 
ATOM   307  C  CG  . ASP A 1 38 ? -10.211 14.188  -6.065  1.00 58.62 ? 37  ASP A CG  1 
ATOM   308  O  OD1 . ASP A 1 38 ? -10.620 13.871  -4.922  1.00 61.90 ? 37  ASP A OD1 1 
ATOM   309  O  OD2 . ASP A 1 38 ? -10.028 15.375  -6.418  1.00 63.93 ? 37  ASP A OD2 1 
ATOM   310  N  N   . GLY A 1 39 ? -12.821 11.556  -5.880  1.00 59.30 ? 38  GLY A N   1 
ATOM   311  C  CA  . GLY A 1 39 ? -14.277 11.637  -5.835  1.00 60.74 ? 38  GLY A CA  1 
ATOM   312  C  C   . GLY A 1 39 ? -15.051 10.571  -6.599  1.00 60.96 ? 38  GLY A C   1 
ATOM   313  O  O   . GLY A 1 39 ? -16.270 10.674  -6.708  1.00 61.25 ? 38  GLY A O   1 
ATOM   314  N  N   . LYS A 1 40 ? -14.366 9.553   -7.120  1.00 61.31 ? 39  LYS A N   1 
ATOM   315  C  CA  . LYS A 1 40 ? -15.008 8.456   -7.861  1.00 62.14 ? 39  LYS A CA  1 
ATOM   316  C  C   . LYS A 1 40 ? -15.199 7.182   -7.039  1.00 61.60 ? 39  LYS A C   1 
ATOM   317  O  O   . LYS A 1 40 ? -15.921 6.281   -7.473  1.00 62.13 ? 39  LYS A O   1 
ATOM   318  C  CB  . LYS A 1 40 ? -14.192 8.077   -9.114  1.00 62.94 ? 39  LYS A CB  1 
ATOM   319  C  CG  . LYS A 1 40 ? -14.345 9.008   -10.296 1.00 64.23 ? 39  LYS A CG  1 
ATOM   320  C  CD  . LYS A 1 40 ? -13.626 8.437   -11.522 1.00 63.65 ? 39  LYS A CD  1 
ATOM   321  C  CE  . LYS A 1 40 ? -13.949 9.223   -12.788 1.00 65.68 ? 39  LYS A CE  1 
ATOM   322  N  NZ  . LYS A 1 40 ? -13.665 10.680  -12.648 1.00 66.92 ? 39  LYS A NZ  1 
HETATM 323  N  N   . MSE A 1 41 ? -14.565 7.092   -5.871  1.00 61.08 ? 40  MSE A N   1 
HETATM 324  C  CA  . MSE A 1 41 ? -14.542 5.835   -5.113  1.00 61.39 ? 40  MSE A CA  1 
HETATM 325  C  C   . MSE A 1 41 ? -15.637 5.671   -4.067  1.00 58.71 ? 40  MSE A C   1 
HETATM 326  O  O   . MSE A 1 41 ? -15.754 4.592   -3.487  1.00 58.75 ? 40  MSE A O   1 
HETATM 327  C  CB  . MSE A 1 41 ? -13.149 5.616   -4.477  1.00 63.36 ? 40  MSE A CB  1 
HETATM 328  C  CG  . MSE A 1 41 ? -12.030 5.405   -5.495  1.00 66.07 ? 40  MSE A CG  1 
HETATM 329  SE SE  . MSE A 1 41 ? -12.396 3.868   -6.657  0.75 75.40 ? 40  MSE A SE  1 
HETATM 330  C  CE  . MSE A 1 41 ? -11.077 4.218   -8.047  1.00 73.83 ? 40  MSE A CE  1 
ATOM   331  N  N   . ASP A 1 42 ? -16.440 6.711   -3.843  1.00 56.01 ? 41  ASP A N   1 
ATOM   332  C  CA  . ASP A 1 42 ? -17.512 6.688   -2.840  1.00 53.15 ? 41  ASP A CA  1 
ATOM   333  C  C   . ASP A 1 42 ? -16.903 6.557   -1.420  1.00 51.57 ? 41  ASP A C   1 
ATOM   334  O  O   . ASP A 1 42 ? -17.378 5.794   -0.570  1.00 50.81 ? 41  ASP A O   1 
ATOM   335  C  CB  . ASP A 1 42 ? -18.511 5.568   -3.176  1.00 53.78 ? 41  ASP A CB  1 
ATOM   336  C  CG  . ASP A 1 42 ? -19.867 5.761   -2.537  1.00 58.13 ? 41  ASP A CG  1 
ATOM   337  O  OD1 . ASP A 1 42 ? -20.124 6.818   -1.920  1.00 65.63 ? 41  ASP A OD1 1 
ATOM   338  O  OD2 . ASP A 1 42 ? -20.687 4.827   -2.662  1.00 62.02 ? 41  ASP A OD2 1 
HETATM 339  N  N   . MSE A 1 43 ? -15.819 7.311   -1.215  1.00 49.31 ? 42  MSE A N   1 
HETATM 340  C  CA  . MSE A 1 43 ? -15.073 7.398   0.044   1.00 48.90 ? 42  MSE A CA  1 
HETATM 341  C  C   . MSE A 1 43 ? -14.616 8.833   0.173   1.00 44.71 ? 42  MSE A C   1 
HETATM 342  O  O   . MSE A 1 43 ? -14.751 9.611   -0.770  1.00 45.06 ? 42  MSE A O   1 
HETATM 343  C  CB  . MSE A 1 43 ? -13.818 6.519   0.014   1.00 47.05 ? 42  MSE A CB  1 
HETATM 344  C  CG  . MSE A 1 43 ? -14.073 5.055   -0.270  1.00 50.57 ? 42  MSE A CG  1 
HETATM 345  SE SE  . MSE A 1 43 ? -12.457 3.960   -0.173  0.75 55.47 ? 42  MSE A SE  1 
HETATM 346  C  CE  . MSE A 1 43 ? -11.316 4.929   -1.297  1.00 48.06 ? 42  MSE A CE  1 
ATOM   347  N  N   . THR A 1 44 ? -14.043 9.173   1.322   1.00 42.72 ? 43  THR A N   1 
ATOM   348  C  CA  . THR A 1 44 ? -13.537 10.522  1.563   1.00 41.32 ? 43  THR A CA  1 
ATOM   349  C  C   . THR A 1 44 ? -12.212 10.669  0.818   1.00 40.54 ? 43  THR A C   1 
ATOM   350  O  O   . THR A 1 44 ? -11.608 9.656   0.487   1.00 42.03 ? 43  THR A O   1 
ATOM   351  C  CB  . THR A 1 44 ? -13.331 10.783  3.066   1.00 41.33 ? 43  THR A CB  1 
ATOM   352  O  OG1 . THR A 1 44 ? -12.408 9.830   3.587   1.00 39.72 ? 43  THR A OG1 1 
ATOM   353  C  CG2 . THR A 1 44 ? -14.659 10.665  3.827   1.00 37.76 ? 43  THR A CG2 1 
ATOM   354  N  N   . PRO A 1 45 ? -11.773 11.914  0.513   1.00 40.99 ? 44  PRO A N   1 
ATOM   355  C  CA  . PRO A 1 45 ? -10.463 12.123  -0.153  1.00 40.49 ? 44  PRO A CA  1 
ATOM   356  C  C   . PRO A 1 45 ? -9.243  11.558  0.587   1.00 40.80 ? 44  PRO A C   1 
ATOM   357  O  O   . PRO A 1 45 ? -8.261  11.200  -0.060  1.00 42.13 ? 44  PRO A O   1 
ATOM   358  C  CB  . PRO A 1 45 ? -10.348 13.651  -0.238  1.00 41.59 ? 44  PRO A CB  1 
ATOM   359  C  CG  . PRO A 1 45 ? -11.751 14.145  -0.187  1.00 40.83 ? 44  PRO A CG  1 
ATOM   360  C  CD  . PRO A 1 45 ? -12.474 13.198  0.723   1.00 40.97 ? 44  PRO A CD  1 
ATOM   361  N  N   . GLU A 1 46 ? -9.291  11.523  1.922   1.00 39.95 ? 45  GLU A N   1 
ATOM   362  C  CA  . GLU A 1 46 ? -8.201  10.954  2.729   1.00 39.60 ? 45  GLU A CA  1 
ATOM   363  C  C   . GLU A 1 46 ? -8.128  9.441   2.514   1.00 37.23 ? 45  GLU A C   1 
ATOM   364  O  O   . GLU A 1 46 ? -7.054  8.885   2.288   1.00 37.63 ? 45  GLU A O   1 
ATOM   365  C  CB  . GLU A 1 46 ? -8.405  11.260  4.226   1.00 40.90 ? 45  GLU A CB  1 
ATOM   366  N  N   . GLN A 1 47 ? -9.290  8.799   2.586   1.00 36.40 ? 46  GLN A N   1 
ATOM   367  C  CA  . GLN A 1 47 ? -9.420  7.360   2.365   1.00 36.26 ? 46  GLN A CA  1 
ATOM   368  C  C   . GLN A 1 47 ? -9.033  6.955   0.938   1.00 36.68 ? 46  GLN A C   1 
ATOM   369  O  O   . GLN A 1 47 ? -8.341  5.963   0.756   1.00 36.53 ? 46  GLN A O   1 
ATOM   370  C  CB  . GLN A 1 47 ? -10.857 6.916   2.635   1.00 36.55 ? 46  GLN A CB  1 
ATOM   371  C  CG  . GLN A 1 47 ? -11.234 6.914   4.100   1.00 32.46 ? 46  GLN A CG  1 
ATOM   372  C  CD  . GLN A 1 47 ? -12.677 6.570   4.318   1.00 36.22 ? 46  GLN A CD  1 
ATOM   373  O  OE1 . GLN A 1 47 ? -13.540 6.892   3.504   1.00 39.04 ? 46  GLN A OE1 1 
ATOM   374  N  NE2 . GLN A 1 47 ? -12.963 5.924   5.440   1.00 40.73 ? 46  GLN A NE2 1 
ATOM   375  N  N   . THR A 1 48 ? -9.488  7.731   -0.046  1.00 35.96 ? 47  THR A N   1 
ATOM   376  C  CA  . THR A 1 48 ? -9.190  7.490   -1.460  1.00 36.77 ? 47  THR A CA  1 
ATOM   377  C  C   . THR A 1 48 ? -7.696  7.532   -1.724  1.00 37.84 ? 47  THR A C   1 
ATOM   378  O  O   . THR A 1 48 ? -7.167  6.658   -2.387  1.00 37.70 ? 47  THR A O   1 
ATOM   379  C  CB  . THR A 1 48 ? -9.948  8.489   -2.386  1.00 37.14 ? 47  THR A CB  1 
ATOM   380  O  OG1 . THR A 1 48 ? -11.365 8.376   -2.150  1.00 37.25 ? 47  THR A OG1 1 
ATOM   381  C  CG2 . THR A 1 48 ? -9.662  8.198   -3.862  1.00 34.83 ? 47  THR A CG2 1 
ATOM   382  N  N   . GLN A 1 49 ? -7.029  8.522   -1.142  1.00 39.01 ? 48  GLN A N   1 
ATOM   383  C  CA  . GLN A 1 49 ? -5.585  8.728   -1.285  1.00 38.49 ? 48  GLN A CA  1 
ATOM   384  C  C   . GLN A 1 49 ? -4.753  7.615   -0.632  1.00 37.32 ? 48  GLN A C   1 
ATOM   385  O  O   . GLN A 1 49 ? -3.840  7.084   -1.255  1.00 38.72 ? 48  GLN A O   1 
ATOM   386  C  CB  . GLN A 1 49 ? -5.270  10.090  -0.653  1.00 40.84 ? 48  GLN A CB  1 
ATOM   387  C  CG  . GLN A 1 49 ? -3.862  10.621  -0.759  1.00 41.90 ? 48  GLN A CG  1 
ATOM   388  C  CD  . GLN A 1 49 ? -3.778  12.047  -0.200  1.00 39.72 ? 48  GLN A CD  1 
ATOM   389  O  OE1 . GLN A 1 49 ? -3.306  12.957  -0.877  1.00 50.15 ? 48  GLN A OE1 1 
ATOM   390  N  NE2 . GLN A 1 49 ? -4.277  12.244  1.023   1.00 37.75 ? 48  GLN A NE2 1 
ATOM   391  N  N   . ALA A 1 50 ? -5.058  7.282   0.624   1.00 35.61 ? 49  ALA A N   1 
ATOM   392  C  CA  . ALA A 1 50 ? -4.373  6.188   1.357   1.00 35.32 ? 49  ALA A CA  1 
ATOM   393  C  C   . ALA A 1 50 ? -4.555  4.807   0.688   1.00 32.07 ? 49  ALA A C   1 
ATOM   394  O  O   . ALA A 1 50 ? -3.627  4.042   0.531   1.00 31.45 ? 49  ALA A O   1 
ATOM   395  C  CB  . ALA A 1 50 ? -4.878  6.135   2.829   1.00 31.97 ? 49  ALA A CB  1 
ATOM   396  N  N   . PHE A 1 51 ? -5.782  4.520   0.304   1.00 33.64 ? 50  PHE A N   1 
ATOM   397  C  CA  . PHE A 1 51 ? -6.155  3.279   -0.361  1.00 35.58 ? 50  PHE A CA  1 
ATOM   398  C  C   . PHE A 1 51 ? -5.406  3.100   -1.672  1.00 35.66 ? 50  PHE A C   1 
ATOM   399  O  O   . PHE A 1 51 ? -4.840  2.036   -1.915  1.00 37.11 ? 50  PHE A O   1 
ATOM   400  C  CB  . PHE A 1 51 ? -7.696  3.247   -0.516  1.00 39.62 ? 50  PHE A CB  1 
ATOM   401  C  CG  . PHE A 1 51 ? -8.205  2.432   -1.641  1.00 41.55 ? 50  PHE A CG  1 
ATOM   402  C  CD1 . PHE A 1 51 ? -8.292  1.062   -1.553  1.00 48.33 ? 50  PHE A CD1 1 
ATOM   403  C  CD2 . PHE A 1 51 ? -8.651  3.049   -2.790  1.00 47.18 ? 50  PHE A CD2 1 
ATOM   404  C  CE1 . PHE A 1 51 ? -8.783  0.339   -2.630  1.00 47.08 ? 50  PHE A CE1 1 
ATOM   405  C  CE2 . PHE A 1 51 ? -9.134  2.320   -3.835  1.00 49.48 ? 50  PHE A CE2 1 
ATOM   406  C  CZ  . PHE A 1 51 ? -9.196  0.974   -3.752  1.00 45.88 ? 50  PHE A CZ  1 
HETATM 407  N  N   . MSE A 1 52 ? -5.377  4.144   -2.490  1.00 37.22 ? 51  MSE A N   1 
HETATM 408  C  CA  . MSE A 1 52 ? -4.706  4.104   -3.795  1.00 37.17 ? 51  MSE A CA  1 
HETATM 409  C  C   . MSE A 1 52 ? -3.192  4.029   -3.676  1.00 36.44 ? 51  MSE A C   1 
HETATM 410  O  O   . MSE A 1 52 ? -2.560  3.273   -4.392  1.00 36.71 ? 51  MSE A O   1 
HETATM 411  C  CB  . MSE A 1 52 ? -5.129  5.304   -4.630  1.00 38.49 ? 51  MSE A CB  1 
HETATM 412  C  CG  . MSE A 1 52 ? -6.597  5.210   -5.115  1.00 47.50 ? 51  MSE A CG  1 
HETATM 413  SE SE  . MSE A 1 52 ? -6.968  3.707   -6.359  0.75 54.85 ? 51  MSE A SE  1 
HETATM 414  C  CE  . MSE A 1 52 ? -5.369  3.940   -7.423  1.00 45.84 ? 51  MSE A CE  1 
ATOM   415  N  N   . VAL A 1 53 ? -2.607  4.774   -2.743  1.00 35.62 ? 52  VAL A N   1 
ATOM   416  C  CA  . VAL A 1 53 ? -1.157  4.698   -2.500  1.00 33.98 ? 52  VAL A CA  1 
ATOM   417  C  C   . VAL A 1 53 ? -0.768  3.303   -2.022  1.00 33.18 ? 52  VAL A C   1 
ATOM   418  O  O   . VAL A 1 53 ? 0.185   2.707   -2.528  1.00 33.22 ? 52  VAL A O   1 
ATOM   419  C  CB  . VAL A 1 53 ? -0.688  5.761   -1.473  1.00 35.37 ? 52  VAL A CB  1 
ATOM   420  C  CG1 . VAL A 1 53 ? 0.755   5.502   -1.013  1.00 34.60 ? 52  VAL A CG1 1 
ATOM   421  C  CG2 . VAL A 1 53 ? -0.815  7.156   -2.069  1.00 33.28 ? 52  VAL A CG2 1 
ATOM   422  N  N   . GLY A 1 54 ? -1.515  2.791   -1.054  1.00 32.85 ? 53  GLY A N   1 
ATOM   423  C  CA  . GLY A 1 54 ? -1.251  1.487   -0.481  1.00 33.62 ? 53  GLY A CA  1 
ATOM   424  C  C   . GLY A 1 54 ? -1.362  0.360   -1.475  1.00 32.20 ? 53  GLY A C   1 
ATOM   425  O  O   . GLY A 1 54 ? -0.467  -0.476  -1.553  1.00 32.16 ? 53  GLY A O   1 
ATOM   426  N  N   . LEU A 1 55 ? -2.448  0.367   -2.241  1.00 33.10 ? 54  LEU A N   1 
ATOM   427  C  CA  . LEU A 1 55 ? -2.697  -0.612  -3.314  1.00 34.78 ? 54  LEU A CA  1 
ATOM   428  C  C   . LEU A 1 55 ? -1.617  -0.651  -4.433  1.00 34.90 ? 54  LEU A C   1 
ATOM   429  O  O   . LEU A 1 55 ? -1.221  -1.725  -4.885  1.00 34.25 ? 54  LEU A O   1 
ATOM   430  C  CB  . LEU A 1 55 ? -4.052  -0.300  -3.937  1.00 33.98 ? 54  LEU A CB  1 
ATOM   431  C  CG  . LEU A 1 55 ? -4.622  -1.212  -5.007  1.00 37.82 ? 54  LEU A CG  1 
ATOM   432  C  CD1 . LEU A 1 55 ? -4.890  -2.567  -4.409  1.00 43.47 ? 54  LEU A CD1 1 
ATOM   433  C  CD2 . LEU A 1 55 ? -5.889  -0.577  -5.557  1.00 36.72 ? 54  LEU A CD2 1 
ATOM   434  N  N   . LYS A 1 56 ? -1.192  0.521   -4.911  1.00 36.12 ? 55  LYS A N   1 
ATOM   435  C  CA  . LYS A 1 56 ? -0.137  0.613   -5.917  1.00 35.94 ? 55  LYS A CA  1 
ATOM   436  C  C   . LYS A 1 56 ? 1.221   0.158   -5.364  1.00 35.94 ? 55  LYS A C   1 
ATOM   437  O  O   . LYS A 1 56 ? 1.980   -0.483  -6.069  1.00 39.82 ? 55  LYS A O   1 
ATOM   438  C  CB  . LYS A 1 56 ? -0.006  2.028   -6.492  1.00 37.83 ? 55  LYS A CB  1 
ATOM   439  C  CG  . LYS A 1 56 ? -1.241  2.641   -7.146  1.00 37.80 ? 55  LYS A CG  1 
ATOM   440  C  CD  . LYS A 1 56 ? -2.043  1.727   -8.065  1.00 46.16 ? 55  LYS A CD  1 
ATOM   441  C  CE  . LYS A 1 56 ? -1.373  1.455   -9.354  1.00 47.14 ? 55  LYS A CE  1 
ATOM   442  N  NZ  . LYS A 1 56 ? -2.341  0.702   -10.257 1.00 51.37 ? 55  LYS A NZ  1 
ATOM   443  N  N   . LEU A 1 57 ? 1.524   0.478   -4.109  1.00 36.58 ? 56  LEU A N   1 
ATOM   444  C  CA  . LEU A 1 57 ? 2.762   0.011   -3.480  1.00 35.92 ? 56  LEU A CA  1 
ATOM   445  C  C   . LEU A 1 57 ? 2.781   -1.501  -3.362  1.00 34.99 ? 56  LEU A C   1 
ATOM   446  O  O   . LEU A 1 57 ? 3.700   -2.120  -3.856  1.00 35.80 ? 56  LEU A O   1 
ATOM   447  C  CB  . LEU A 1 57 ? 2.984   0.635   -2.096  1.00 35.75 ? 56  LEU A CB  1 
ATOM   448  C  CG  . LEU A 1 57 ? 3.456   2.090   -2.063  1.00 43.05 ? 56  LEU A CG  1 
ATOM   449  C  CD1 . LEU A 1 57 ? 3.462   2.606   -0.617  1.00 32.91 ? 56  LEU A CD1 1 
ATOM   450  C  CD2 . LEU A 1 57 ? 4.836   2.239   -2.727  1.00 34.55 ? 56  LEU A CD2 1 
ATOM   451  N  N   . PHE A 1 58 ? 1.767   -2.104  -2.741  1.00 35.91 ? 57  PHE A N   1 
ATOM   452  C  CA  . PHE A 1 58 ? 1.804   -3.561  -2.553  1.00 37.39 ? 57  PHE A CA  1 
ATOM   453  C  C   . PHE A 1 58 ? 1.539   -4.329  -3.850  1.00 35.90 ? 57  PHE A C   1 
ATOM   454  O  O   . PHE A 1 58 ? 2.149   -5.363  -4.063  1.00 36.77 ? 57  PHE A O   1 
ATOM   455  C  CB  . PHE A 1 58 ? 1.038   -4.026  -1.278  1.00 42.33 ? 57  PHE A CB  1 
ATOM   456  C  CG  . PHE A 1 58 ? -0.328  -4.606  -1.502  1.00 40.77 ? 57  PHE A CG  1 
ATOM   457  C  CD1 . PHE A 1 58 ? -0.469  -5.934  -1.877  1.00 47.06 ? 57  PHE A CD1 1 
ATOM   458  C  CD2 . PHE A 1 58 ? -1.475  -3.874  -1.186  1.00 50.23 ? 57  PHE A CD2 1 
ATOM   459  C  CE1 . PHE A 1 58 ? -1.719  -6.496  -2.049  1.00 48.69 ? 57  PHE A CE1 1 
ATOM   460  C  CE2 . PHE A 1 58 ? -2.745  -4.436  -1.329  1.00 45.48 ? 57  PHE A CE2 1 
ATOM   461  C  CZ  . PHE A 1 58 ? -2.864  -5.746  -1.768  1.00 50.89 ? 57  PHE A CZ  1 
ATOM   462  N  N   . GLY A 1 59 ? 0.731   -3.766  -4.750  1.00 34.68 ? 58  GLY A N   1 
ATOM   463  C  CA  . GLY A 1 59 ? 0.450   -4.362  -6.051  1.00 35.74 ? 58  GLY A CA  1 
ATOM   464  C  C   . GLY A 1 59 ? 1.642   -4.448  -6.990  1.00 35.38 ? 58  GLY A C   1 
ATOM   465  O  O   . GLY A 1 59 ? 1.818   -5.445  -7.676  1.00 36.11 ? 58  GLY A O   1 
ATOM   466  N  N   . GLU A 1 60 ? 2.441   -3.391  -7.020  1.00 34.50 ? 59  GLU A N   1 
ATOM   467  C  CA  . GLU A 1 60 ? 3.719   -3.377  -7.735  1.00 34.88 ? 59  GLU A CA  1 
ATOM   468  C  C   . GLU A 1 60 ? 4.688   -4.468  -7.235  1.00 33.15 ? 59  GLU A C   1 
ATOM   469  O  O   . GLU A 1 60 ? 5.319   -5.145  -8.043  1.00 35.55 ? 59  GLU A O   1 
ATOM   470  C  CB  . GLU A 1 60 ? 4.354   -1.994  -7.604  1.00 35.29 ? 59  GLU A CB  1 
ATOM   471  C  CG  . GLU A 1 60 ? 5.704   -1.818  -8.266  1.00 39.60 ? 59  GLU A CG  1 
ATOM   472  C  CD  . GLU A 1 60 ? 5.697   -2.140  -9.757  1.00 45.50 ? 59  GLU A CD  1 
ATOM   473  O  OE1 . GLU A 1 60 ? 4.719   -1.779  -10.459 1.00 46.37 ? 59  GLU A OE1 1 
ATOM   474  O  OE2 . GLU A 1 60 ? 6.686   -2.756  -10.216 1.00 48.48 ? 59  GLU A OE2 1 
ATOM   475  N  N   . VAL A 1 61 ? 4.798   -4.657  -5.925  1.00 33.78 ? 60  VAL A N   1 
ATOM   476  C  CA  . VAL A 1 61 ? 5.687   -5.710  -5.381  1.00 34.34 ? 60  VAL A CA  1 
ATOM   477  C  C   . VAL A 1 61 ? 5.254   -7.115  -5.819  1.00 36.43 ? 60  VAL A C   1 
ATOM   478  O  O   . VAL A 1 61 ? 6.083   -7.957  -6.176  1.00 38.12 ? 60  VAL A O   1 
ATOM   479  C  CB  . VAL A 1 61 ? 5.801   -5.649  -3.839  1.00 34.30 ? 60  VAL A CB  1 
ATOM   480  C  CG1 . VAL A 1 61 ? 6.617   -6.831  -3.326  1.00 32.42 ? 60  VAL A CG1 1 
ATOM   481  C  CG2 . VAL A 1 61 ? 6.462   -4.349  -3.406  1.00 32.87 ? 60  VAL A CG2 1 
HETATM 482  N  N   . MSE A 1 62 ? 3.962   -7.361  -5.782  1.00 38.11 ? 61  MSE A N   1 
HETATM 483  C  CA  . MSE A 1 62 ? 3.415   -8.622  -6.259  1.00 43.14 ? 61  MSE A CA  1 
HETATM 484  C  C   . MSE A 1 62 ? 3.652   -8.826  -7.766  1.00 39.16 ? 61  MSE A C   1 
HETATM 485  O  O   . MSE A 1 62 ? 3.928   -9.947  -8.176  1.00 37.81 ? 61  MSE A O   1 
HETATM 486  C  CB  . MSE A 1 62 ? 1.933   -8.718  -5.911  1.00 40.27 ? 61  MSE A CB  1 
HETATM 487  C  CG  . MSE A 1 62 ? 1.724   -8.797  -4.407  1.00 51.03 ? 61  MSE A CG  1 
HETATM 488  SE SE  . MSE A 1 62 ? -0.092  -9.247  -3.852  0.75 56.31 ? 61  MSE A SE  1 
HETATM 489  C  CE  . MSE A 1 62 ? -1.088  -8.232  -5.190  1.00 46.01 ? 61  MSE A CE  1 
HETATM 490  N  N   . MSE A 1 63 ? 3.567   -7.765  -8.571  1.00 39.50 ? 62  MSE A N   1 
HETATM 491  C  CA  . MSE A 1 63 ? 3.927   -7.845  -10.004 1.00 42.06 ? 62  MSE A CA  1 
HETATM 492  C  C   . MSE A 1 63 ? 5.384   -8.279  -10.168 1.00 41.64 ? 62  MSE A C   1 
HETATM 493  O  O   . MSE A 1 63 ? 5.699   -9.070  -11.034 1.00 41.93 ? 62  MSE A O   1 
HETATM 494  C  CB  . MSE A 1 63 ? 3.810   -6.490  -10.726 1.00 43.86 ? 62  MSE A CB  1 
HETATM 495  C  CG  . MSE A 1 63 ? 2.437   -5.871  -10.900 1.00 50.98 ? 62  MSE A CG  1 
HETATM 496  SE SE  . MSE A 1 63 ? 1.081   -7.105  -11.421 0.75 74.59 ? 62  MSE A SE  1 
HETATM 497  C  CE  . MSE A 1 63 ? 0.220   -7.464  -9.560  1.00 56.92 ? 62  MSE A CE  1 
ATOM   498  N  N   . GLN A 1 64 ? 6.263   -7.729  -9.331  1.00 41.63 ? 63  GLN A N   1 
ATOM   499  C  CA  . GLN A 1 64 ? 7.693   -8.076  -9.359  1.00 42.16 ? 63  GLN A CA  1 
ATOM   500  C  C   . GLN A 1 64 ? 7.990   -9.475  -8.822  1.00 42.44 ? 63  GLN A C   1 
ATOM   501  O  O   . GLN A 1 64 ? 8.978   -10.078 -9.205  1.00 42.82 ? 63  GLN A O   1 
ATOM   502  C  CB  . GLN A 1 64 ? 8.484   -7.048  -8.568  1.00 40.34 ? 63  GLN A CB  1 
ATOM   503  C  CG  . GLN A 1 64 ? 8.436   -5.670  -9.195  1.00 40.04 ? 63  GLN A CG  1 
ATOM   504  C  CD  . GLN A 1 64 ? 9.086   -4.617  -8.344  1.00 43.15 ? 63  GLN A CD  1 
ATOM   505  O  OE1 . GLN A 1 64 ? 9.814   -4.924  -7.411  1.00 48.83 ? 63  GLN A OE1 1 
ATOM   506  N  NE2 . GLN A 1 64 ? 8.825   -3.357  -8.665  1.00 45.41 ? 63  GLN A NE2 1 
ATOM   507  N  N   . GLN A 1 65 ? 7.135   -9.977  -7.934  1.00 43.79 ? 64  GLN A N   1 
ATOM   508  C  CA  . GLN A 1 65 ? 7.320   -11.274 -7.275  1.00 44.43 ? 64  GLN A CA  1 
ATOM   509  C  C   . GLN A 1 65 ? 6.177   -12.233 -7.629  1.00 43.75 ? 64  GLN A C   1 
ATOM   510  O  O   . GLN A 1 65 ? 5.698   -12.967 -6.772  1.00 41.84 ? 64  GLN A O   1 
ATOM   511  C  CB  . GLN A 1 65 ? 7.400   -11.050 -5.752  1.00 44.34 ? 64  GLN A CB  1 
ATOM   512  C  CG  . GLN A 1 65 ? 8.585   -10.189 -5.296  1.00 47.15 ? 64  GLN A CG  1 
ATOM   513  C  CD  . GLN A 1 65 ? 9.923   -10.928 -5.318  1.00 52.04 ? 64  GLN A CD  1 
ATOM   514  O  OE1 . GLN A 1 65 ? 10.862  -10.513 -5.987  1.00 57.39 ? 64  GLN A OE1 1 
ATOM   515  N  NE2 . GLN A 1 65 ? 10.007  -12.020 -4.584  1.00 54.58 ? 64  GLN A NE2 1 
ATOM   516  N  N   . ARG A 1 66 ? 5.777   -12.238 -8.906  1.00 45.64 ? 65  ARG A N   1 
ATOM   517  C  CA  . ARG A 1 66 ? 4.644   -13.033 -9.426  1.00 46.12 ? 65  ARG A CA  1 
ATOM   518  C  C   . ARG A 1 66 ? 4.723   -14.532 -9.092  1.00 44.43 ? 65  ARG A C   1 
ATOM   519  O  O   . ARG A 1 66 ? 3.706   -15.142 -8.777  1.00 42.02 ? 65  ARG A O   1 
ATOM   520  C  CB  . ARG A 1 66 ? 4.529   -12.848 -10.962 1.00 46.08 ? 65  ARG A CB  1 
ATOM   521  C  CG  . ARG A 1 66 ? 3.310   -13.524 -11.601 1.00 49.79 ? 65  ARG A CG  1 
ATOM   522  C  CD  . ARG A 1 66 ? 3.115   -13.216 -13.116 1.00 50.50 ? 65  ARG A CD  1 
ATOM   523  N  NE  . ARG A 1 66 ? 2.966   -11.782 -13.343 1.00 53.14 ? 65  ARG A NE  1 
ATOM   524  C  CZ  . ARG A 1 66 ? 1.889   -11.060 -13.024 1.00 54.85 ? 65  ARG A CZ  1 
ATOM   525  N  NH1 . ARG A 1 66 ? 0.801   -11.613 -12.465 1.00 51.55 ? 65  ARG A NH1 1 
ATOM   526  N  NH2 . ARG A 1 66 ? 1.902   -9.756  -13.265 1.00 53.20 ? 65  ARG A NH2 1 
ATOM   527  N  N   . LYS A 1 67 ? 5.930   -15.093 -9.173  1.00 46.17 ? 66  LYS A N   1 
ATOM   528  C  CA  . LYS A 1 67 ? 6.195   -16.530 -8.942  1.00 47.80 ? 66  LYS A CA  1 
ATOM   529  C  C   . LYS A 1 67 ? 6.267   -16.954 -7.458  1.00 47.52 ? 66  LYS A C   1 
ATOM   530  O  O   . LYS A 1 67 ? 6.293   -18.146 -7.146  1.00 46.80 ? 66  LYS A O   1 
ATOM   531  C  CB  . LYS A 1 67 ? 7.501   -16.938 -9.648  1.00 48.57 ? 66  LYS A CB  1 
ATOM   532  N  N   . HIS A 1 68 ? 6.311   -15.975 -6.567  1.00 47.95 ? 67  HIS A N   1 
ATOM   533  C  CA  . HIS A 1 68 ? 6.315   -16.203 -5.128  1.00 51.25 ? 67  HIS A CA  1 
ATOM   534  C  C   . HIS A 1 68 ? 5.011   -16.932 -4.720  1.00 51.04 ? 67  HIS A C   1 
ATOM   535  O  O   . HIS A 1 68 ? 3.933   -16.480 -5.069  1.00 47.90 ? 67  HIS A O   1 
ATOM   536  C  CB  . HIS A 1 68 ? 6.396   -14.839 -4.427  1.00 51.72 ? 67  HIS A CB  1 
ATOM   537  C  CG  . HIS A 1 68 ? 6.894   -14.898 -3.025  1.00 57.85 ? 67  HIS A CG  1 
ATOM   538  N  ND1 . HIS A 1 68 ? 6.621   -15.950 -2.178  1.00 62.53 ? 67  HIS A ND1 1 
ATOM   539  C  CD2 . HIS A 1 68 ? 7.630   -14.014 -2.310  1.00 60.91 ? 67  HIS A CD2 1 
ATOM   540  C  CE1 . HIS A 1 68 ? 7.183   -15.719 -1.006  1.00 64.71 ? 67  HIS A CE1 1 
ATOM   541  N  NE2 . HIS A 1 68 ? 7.790   -14.546 -1.056  1.00 63.36 ? 67  HIS A NE2 1 
ATOM   542  N  N   . PRO A 1 69 ? 5.100   -18.093 -4.041  1.00 54.08 ? 68  PRO A N   1 
ATOM   543  C  CA  . PRO A 1 69 ? 3.846   -18.739 -3.590  1.00 54.89 ? 68  PRO A CA  1 
ATOM   544  C  C   . PRO A 1 69 ? 2.988   -17.891 -2.605  1.00 54.60 ? 68  PRO A C   1 
ATOM   545  O  O   . PRO A 1 69 ? 1.783   -18.111 -2.514  1.00 54.95 ? 68  PRO A O   1 
ATOM   546  C  CB  . PRO A 1 69 ? 4.334   -20.057 -2.964  1.00 55.96 ? 68  PRO A CB  1 
ATOM   547  C  CG  . PRO A 1 69 ? 5.682   -20.290 -3.580  1.00 55.35 ? 68  PRO A CG  1 
ATOM   548  C  CD  . PRO A 1 69 ? 6.270   -18.917 -3.691  1.00 54.30 ? 68  PRO A CD  1 
ATOM   549  N  N   . LEU A 1 70 ? 3.590   -16.931 -1.897  1.00 54.69 ? 69  LEU A N   1 
ATOM   550  C  CA  . LEU A 1 70 ? 2.808   -15.880 -1.191  1.00 54.50 ? 69  LEU A CA  1 
ATOM   551  C  C   . LEU A 1 70 ? 1.730   -15.236 -2.112  1.00 54.86 ? 69  LEU A C   1 
ATOM   552  O  O   . LEU A 1 70 ? 0.665   -14.850 -1.621  1.00 57.44 ? 69  LEU A O   1 
ATOM   553  C  CB  . LEU A 1 70 ? 3.721   -14.722 -0.649  1.00 55.71 ? 69  LEU A CB  1 
ATOM   554  C  CG  . LEU A 1 70 ? 4.483   -14.701 0.705   1.00 60.00 ? 69  LEU A CG  1 
ATOM   555  C  CD1 . LEU A 1 70 ? 5.187   -13.315 1.011   1.00 50.30 ? 69  LEU A CD1 1 
ATOM   556  C  CD2 . LEU A 1 70 ? 3.570   -15.090 1.876   1.00 63.95 ? 69  LEU A CD2 1 
ATOM   557  N  N   . PHE A 1 71 ? 2.015   -15.130 -3.423  1.00 51.71 ? 70  PHE A N   1 
ATOM   558  C  CA  . PHE A 1 71 ? 1.218   -14.342 -4.374  1.00 49.56 ? 70  PHE A CA  1 
ATOM   559  C  C   . PHE A 1 71 ? 0.592   -15.052 -5.559  1.00 49.02 ? 70  PHE A C   1 
ATOM   560  O  O   . PHE A 1 71 ? -0.352  -14.512 -6.139  1.00 47.85 ? 70  PHE A O   1 
ATOM   561  C  CB  . PHE A 1 71 ? 2.090   -13.225 -4.959  1.00 48.29 ? 70  PHE A CB  1 
ATOM   562  C  CG  . PHE A 1 71 ? 2.807   -12.391 -3.934  1.00 47.58 ? 70  PHE A CG  1 
ATOM   563  C  CD1 . PHE A 1 71 ? 2.166   -11.961 -2.774  1.00 53.17 ? 70  PHE A CD1 1 
ATOM   564  C  CD2 . PHE A 1 71 ? 4.109   -11.983 -4.148  1.00 50.89 ? 70  PHE A CD2 1 
ATOM   565  C  CE1 . PHE A 1 71 ? 2.828   -11.188 -1.840  1.00 54.20 ? 70  PHE A CE1 1 
ATOM   566  C  CE2 . PHE A 1 71 ? 4.777   -11.188 -3.219  1.00 50.42 ? 70  PHE A CE2 1 
ATOM   567  C  CZ  . PHE A 1 71 ? 4.129   -10.794 -2.069  1.00 54.28 ? 70  PHE A CZ  1 
ATOM   568  N  N   . LYS A 1 72 ? 1.127   -16.200 -5.980  1.00 48.38 ? 71  LYS A N   1 
ATOM   569  C  CA  . LYS A 1 72 ? 0.536   -16.941 -7.108  1.00 49.86 ? 71  LYS A CA  1 
ATOM   570  C  C   . LYS A 1 72 ? -0.951  -17.257 -6.894  1.00 47.64 ? 71  LYS A C   1 
ATOM   571  O  O   . LYS A 1 72 ? -1.764  -17.035 -7.785  1.00 48.84 ? 71  LYS A O   1 
ATOM   572  C  CB  . LYS A 1 72 ? 1.286   -18.248 -7.391  1.00 50.87 ? 71  LYS A CB  1 
ATOM   573  C  CG  . LYS A 1 72 ? 2.575   -18.080 -8.141  1.00 52.74 ? 71  LYS A CG  1 
ATOM   574  C  CD  . LYS A 1 72 ? 3.076   -19.415 -8.722  1.00 53.17 ? 71  LYS A CD  1 
ATOM   575  C  CE  . LYS A 1 72 ? 3.573   -20.368 -7.647  1.00 57.41 ? 71  LYS A CE  1 
ATOM   576  N  NZ  . LYS A 1 72 ? 4.248   -21.574 -8.230  1.00 57.69 ? 71  LYS A NZ  1 
ATOM   577  N  N   . GLU A 1 73 ? -1.286  -17.767 -5.714  1.00 45.20 ? 72  GLU A N   1 
ATOM   578  C  CA  . GLU A 1 73 ? -2.671  -18.119 -5.374  1.00 44.23 ? 72  GLU A CA  1 
ATOM   579  C  C   . GLU A 1 73 ? -3.595  -16.899 -5.163  1.00 43.88 ? 72  GLU A C   1 
ATOM   580  O  O   . GLU A 1 73 ? -4.816  -17.027 -5.283  1.00 43.76 ? 72  GLU A O   1 
ATOM   581  C  CB  . GLU A 1 73 ? -2.703  -19.015 -4.124  1.00 43.36 ? 72  GLU A CB  1 
ATOM   582  N  N   . PHE A 1 74 ? -3.014  -15.741 -4.833  1.00 41.36 ? 73  PHE A N   1 
ATOM   583  C  CA  . PHE A 1 74 ? -3.760  -14.486 -4.600  1.00 40.04 ? 73  PHE A CA  1 
ATOM   584  C  C   . PHE A 1 74 ? -3.888  -13.626 -5.870  1.00 38.57 ? 73  PHE A C   1 
ATOM   585  O  O   . PHE A 1 74 ? -4.642  -12.644 -5.890  1.00 37.17 ? 73  PHE A O   1 
ATOM   586  C  CB  . PHE A 1 74 ? -3.029  -13.682 -3.514  1.00 38.50 ? 73  PHE A CB  1 
ATOM   587  C  CG  . PHE A 1 74 ? -3.782  -12.471 -2.993  1.00 36.93 ? 73  PHE A CG  1 
ATOM   588  C  CD1 . PHE A 1 74 ? -5.063  -12.591 -2.470  1.00 38.19 ? 73  PHE A CD1 1 
ATOM   589  C  CD2 . PHE A 1 74 ? -3.172  -11.219 -2.964  1.00 39.37 ? 73  PHE A CD2 1 
ATOM   590  C  CE1 . PHE A 1 74 ? -5.739  -11.470 -1.968  1.00 37.53 ? 73  PHE A CE1 1 
ATOM   591  C  CE2 . PHE A 1 74 ? -3.833  -10.101 -2.466  1.00 33.89 ? 73  PHE A CE2 1 
ATOM   592  C  CZ  . PHE A 1 74 ? -5.111  -10.228 -1.969  1.00 36.57 ? 73  PHE A CZ  1 
ATOM   593  N  N   . SER A 1 75 ? -3.145  -13.980 -6.918  1.00 37.50 ? 74  SER A N   1 
ATOM   594  C  CA  . SER A 1 75 ? -3.135  -13.199 -8.144  1.00 39.83 ? 74  SER A CA  1 
ATOM   595  C  C   . SER A 1 75 ? -4.515  -13.141 -8.809  1.00 38.49 ? 74  SER A C   1 
ATOM   596  O  O   . SER A 1 75 ? -4.862  -12.123 -9.387  1.00 38.27 ? 74  SER A O   1 
ATOM   597  C  CB  . SER A 1 75 ? -2.097  -13.740 -9.133  1.00 39.07 ? 74  SER A CB  1 
ATOM   598  O  OG  . SER A 1 75 ? -2.426  -15.066 -9.487  1.00 47.85 ? 74  SER A OG  1 
ATOM   599  N  N   . ALA A 1 76 ? -5.289  -14.222 -8.700  1.00 38.55 ? 75  ALA A N   1 
ATOM   600  C  CA  . ALA A 1 76 ? -6.622  -14.290 -9.292  1.00 37.85 ? 75  ALA A CA  1 
ATOM   601  C  C   . ALA A 1 76 ? -7.602  -13.338 -8.599  1.00 37.52 ? 75  ALA A C   1 
ATOM   602  O  O   . ALA A 1 76 ? -8.105  -12.426 -9.253  1.00 39.88 ? 75  ALA A O   1 
ATOM   603  C  CB  . ALA A 1 76 ? -7.159  -15.734 -9.303  1.00 35.94 ? 75  ALA A CB  1 
ATOM   604  N  N   . PRO A 1 77 ? -7.877  -13.530 -7.289  1.00 37.67 ? 76  PRO A N   1 
ATOM   605  C  CA  . PRO A 1 77 ? -8.788  -12.593 -6.612  1.00 36.75 ? 76  PRO A CA  1 
ATOM   606  C  C   . PRO A 1 77 ? -8.314  -11.126 -6.607  1.00 34.05 ? 76  PRO A C   1 
ATOM   607  O  O   . PRO A 1 77 ? -9.144  -10.222 -6.621  1.00 35.00 ? 76  PRO A O   1 
ATOM   608  C  CB  . PRO A 1 77 ? -8.910  -13.166 -5.198  1.00 36.90 ? 76  PRO A CB  1 
ATOM   609  C  CG  . PRO A 1 77 ? -7.791  -14.105 -5.050  1.00 36.92 ? 76  PRO A CG  1 
ATOM   610  C  CD  . PRO A 1 77 ? -7.436  -14.605 -6.380  1.00 38.40 ? 76  PRO A CD  1 
ATOM   611  N  N   . PHE A 1 78 ? -7.010  -10.905 -6.631  1.00 33.15 ? 77  PHE A N   1 
ATOM   612  C  CA  . PHE A 1 78 ? -6.461  -9.566  -6.683  1.00 34.24 ? 77  PHE A CA  1 
ATOM   613  C  C   . PHE A 1 78 ? -6.741  -8.881  -8.038  1.00 35.57 ? 77  PHE A C   1 
ATOM   614  O  O   . PHE A 1 78 ? -7.119  -7.720  -8.088  1.00 34.39 ? 77  PHE A O   1 
ATOM   615  C  CB  . PHE A 1 78 ? -4.956  -9.556  -6.405  1.00 34.95 ? 77  PHE A CB  1 
ATOM   616  C  CG  . PHE A 1 78 ? -4.403  -8.172  -6.305  1.00 37.12 ? 77  PHE A CG  1 
ATOM   617  C  CD1 . PHE A 1 78 ? -4.755  -7.358  -5.224  1.00 38.22 ? 77  PHE A CD1 1 
ATOM   618  C  CD2 . PHE A 1 78 ? -3.595  -7.642  -7.315  1.00 38.84 ? 77  PHE A CD2 1 
ATOM   619  C  CE1 . PHE A 1 78 ? -4.283  -6.041  -5.134  1.00 40.40 ? 77  PHE A CE1 1 
ATOM   620  C  CE2 . PHE A 1 78 ? -3.108  -6.325  -7.232  1.00 36.75 ? 77  PHE A CE2 1 
ATOM   621  C  CZ  . PHE A 1 78 ? -3.444  -5.531  -6.141  1.00 36.63 ? 77  PHE A CZ  1 
ATOM   622  N  N   . ARG A 1 79 ? -6.530  -9.608  -9.124  1.00 35.31 ? 78  ARG A N   1 
ATOM   623  C  CA  . ARG A 1 79 ? -6.877  -9.126  -10.447 1.00 37.06 ? 78  ARG A CA  1 
ATOM   624  C  C   . ARG A 1 79 ? -8.376  -8.822  -10.575 1.00 33.27 ? 78  ARG A C   1 
ATOM   625  O  O   . ARG A 1 79 ? -8.744  -7.828  -11.171 1.00 32.48 ? 78  ARG A O   1 
ATOM   626  C  CB  . ARG A 1 79 ? -6.461  -10.138 -11.516 1.00 36.89 ? 78  ARG A CB  1 
ATOM   627  C  CG  . ARG A 1 79 ? -6.577  -9.565  -12.917 1.00 42.57 ? 78  ARG A CG  1 
ATOM   628  C  CD  . ARG A 1 79 ? -5.745  -10.353 -13.949 1.00 44.57 ? 78  ARG A CD  1 
ATOM   629  N  NE  . ARG A 1 79 ? -5.827  -9.737  -15.274 1.00 40.87 ? 78  ARG A NE  1 
ATOM   630  C  CZ  . ARG A 1 79 ? -6.892  -9.827  -16.069 1.00 43.58 ? 78  ARG A CZ  1 
ATOM   631  N  NH1 . ARG A 1 79 ? -7.985  -10.505 -15.713 1.00 52.92 ? 78  ARG A NH1 1 
ATOM   632  N  NH2 . ARG A 1 79 ? -6.875  -9.237  -17.246 1.00 42.40 ? 78  ARG A NH2 1 
ATOM   633  N  N   . ALA A 1 80 ? -9.225  -9.678  -10.009 1.00 32.77 ? 79  ALA A N   1 
ATOM   634  C  CA  . ALA A 1 80 ? -10.669 -9.463  -10.026 1.00 32.81 ? 79  ALA A CA  1 
ATOM   635  C  C   . ALA A 1 80 ? -11.048 -8.199  -9.250  1.00 33.16 ? 79  ALA A C   1 
ATOM   636  O  O   . ALA A 1 80 ? -11.937 -7.454  -9.655  1.00 33.15 ? 79  ALA A O   1 
ATOM   637  C  CB  . ALA A 1 80 ? -11.406 -10.683 -9.460  1.00 33.65 ? 79  ALA A CB  1 
ATOM   638  N  N   . PHE A 1 81 ? -10.363 -7.971  -8.135  1.00 33.40 ? 80  PHE A N   1 
ATOM   639  C  CA  . PHE A 1 81 ? -10.553 -6.771  -7.333  1.00 32.49 ? 80  PHE A CA  1 
ATOM   640  C  C   . PHE A 1 81 ? -10.135 -5.528  -8.142  1.00 32.05 ? 80  PHE A C   1 
ATOM   641  O  O   . PHE A 1 81 ? -10.857 -4.525  -8.176  1.00 30.17 ? 80  PHE A O   1 
ATOM   642  C  CB  . PHE A 1 81 ? -9.749  -6.896  -6.035  1.00 33.89 ? 80  PHE A CB  1 
ATOM   643  C  CG  . PHE A 1 81 ? -9.746  -5.666  -5.192  1.00 31.50 ? 80  PHE A CG  1 
ATOM   644  C  CD1 . PHE A 1 81 ? -10.872 -5.312  -4.463  1.00 35.24 ? 80  PHE A CD1 1 
ATOM   645  C  CD2 . PHE A 1 81 ? -8.627  -4.862  -5.129  1.00 35.91 ? 80  PHE A CD2 1 
ATOM   646  C  CE1 . PHE A 1 81 ? -10.863 -4.176  -3.659  1.00 35.27 ? 80  PHE A CE1 1 
ATOM   647  C  CE2 . PHE A 1 81 ? -8.619  -3.726  -4.339  1.00 41.35 ? 80  PHE A CE2 1 
ATOM   648  C  CZ  . PHE A 1 81 ? -9.745  -3.384  -3.604  1.00 34.75 ? 80  PHE A CZ  1 
HETATM 649  N  N   . MSE A 1 82 ? -8.987  -5.615  -8.804  1.00 33.40 ? 81  MSE A N   1 
HETATM 650  C  CA  . MSE A 1 82 ? -8.493  -4.518  -9.636  1.00 36.01 ? 81  MSE A CA  1 
HETATM 651  C  C   . MSE A 1 82 ? -9.435  -4.205  -10.782 1.00 35.63 ? 81  MSE A C   1 
HETATM 652  O  O   . MSE A 1 82 ? -9.657  -3.044  -11.080 1.00 35.76 ? 81  MSE A O   1 
HETATM 653  C  CB  . MSE A 1 82 ? -7.117  -4.831  -10.219 1.00 38.94 ? 81  MSE A CB  1 
HETATM 654  C  CG  . MSE A 1 82 ? -5.961  -4.814  -9.217  1.00 43.39 ? 81  MSE A CG  1 
HETATM 655  SE SE  . MSE A 1 82 ? -5.818  -3.203  -8.191  0.75 54.91 ? 81  MSE A SE  1 
HETATM 656  C  CE  . MSE A 1 82 ? -5.742  -1.920  -9.669  1.00 50.64 ? 81  MSE A CE  1 
HETATM 657  N  N   . MSE A 1 83 ? -9.982  -5.238  -11.415 1.00 37.53 ? 82  MSE A N   1 
HETATM 658  C  CA  . MSE A 1 83 ? -10.923 -5.037  -12.515 1.00 41.87 ? 82  MSE A CA  1 
HETATM 659  C  C   . MSE A 1 83 ? -12.210 -4.366  -12.056 1.00 38.91 ? 82  MSE A C   1 
HETATM 660  O  O   . MSE A 1 83 ? -12.741 -3.532  -12.768 1.00 38.01 ? 82  MSE A O   1 
HETATM 661  C  CB  . MSE A 1 83 ? -11.251 -6.350  -13.219 1.00 40.67 ? 82  MSE A CB  1 
HETATM 662  C  CG  . MSE A 1 83 ? -10.241 -6.753  -14.281 1.00 42.74 ? 82  MSE A CG  1 
HETATM 663  SE SE  . MSE A 1 83 ? -10.691 -8.525  -14.941 0.75 60.13 ? 82  MSE A SE  1 
HETATM 664  C  CE  . MSE A 1 83 ? -12.592 -8.434  -14.965 1.00 37.90 ? 82  MSE A CE  1 
ATOM   665  N  N   . ASN A 1 84 ? -12.713 -4.736  -10.882 1.00 39.28 ? 83  ASN A N   1 
ATOM   666  C  CA  . ASN A 1 84 ? -13.891 -4.077  -10.323 1.00 39.86 ? 83  ASN A CA  1 
ATOM   667  C  C   . ASN A 1 84 ? -13.623 -2.606  -9.966  1.00 40.16 ? 83  ASN A C   1 
ATOM   668  O  O   . ASN A 1 84 ? -14.491 -1.764  -10.187 1.00 41.13 ? 83  ASN A O   1 
ATOM   669  C  CB  . ASN A 1 84 ? -14.421 -4.824  -9.111  1.00 40.81 ? 83  ASN A CB  1 
ATOM   670  C  CG  . ASN A 1 84 ? -15.714 -4.230  -8.597  1.00 43.17 ? 83  ASN A CG  1 
ATOM   671  O  OD1 . ASN A 1 84 ? -16.749 -4.339  -9.248  1.00 53.76 ? 83  ASN A OD1 1 
ATOM   672  N  ND2 . ASN A 1 84 ? -15.660 -3.584  -7.438  1.00 45.33 ? 83  ASN A ND2 1 
ATOM   673  N  N   . LEU A 1 85 ? -12.439 -2.299  -9.430  1.00 40.59 ? 84  LEU A N   1 
ATOM   674  C  CA  . LEU A 1 85 ? -12.069 -0.906  -9.145  1.00 42.15 ? 84  LEU A CA  1 
ATOM   675  C  C   . LEU A 1 85 ? -11.963 -0.053  -10.409 1.00 43.98 ? 84  LEU A C   1 
ATOM   676  O  O   . LEU A 1 85 ? -12.298 1.130   -10.377 1.00 44.58 ? 84  LEU A O   1 
ATOM   677  C  CB  . LEU A 1 85 ? -10.744 -0.795  -8.365  1.00 41.14 ? 84  LEU A CB  1 
ATOM   678  C  CG  . LEU A 1 85 ? -10.763 -1.208  -6.891  1.00 47.80 ? 84  LEU A CG  1 
ATOM   679  C  CD1 . LEU A 1 85 ? -9.335  -1.214  -6.351  1.00 45.52 ? 84  LEU A CD1 1 
ATOM   680  C  CD2 . LEU A 1 85 ? -11.696 -0.321  -6.025  1.00 43.64 ? 84  LEU A CD2 1 
ATOM   681  N  N   . LYS A 1 86 ? -11.474 -0.637  -11.499 1.00 47.52 ? 85  LYS A N   1 
ATOM   682  C  CA  . LYS A 1 86 ? -11.330 0.091   -12.772 1.00 50.97 ? 85  LYS A CA  1 
ATOM   683  C  C   . LYS A 1 86 ? -12.661 0.349   -13.483 1.00 52.56 ? 85  LYS A C   1 
ATOM   684  O  O   . LYS A 1 86 ? -12.746 1.263   -14.296 1.00 53.63 ? 85  LYS A O   1 
ATOM   685  C  CB  . LYS A 1 86 ? -10.355 -0.619  -13.706 1.00 50.56 ? 85  LYS A CB  1 
ATOM   686  C  CG  . LYS A 1 86 ? -8.917  -0.528  -13.225 1.00 51.32 ? 85  LYS A CG  1 
ATOM   687  C  CD  . LYS A 1 86 ? -8.020  -1.434  -14.042 1.00 53.15 ? 85  LYS A CD  1 
ATOM   688  C  CE  . LYS A 1 86 ? -6.631  -1.499  -13.471 1.00 55.86 ? 85  LYS A CE  1 
ATOM   689  N  NZ  . LYS A 1 86 ? -5.835  -2.458  -14.272 1.00 60.93 ? 85  LYS A NZ  1 
ATOM   690  N  N   . LYS A 1 87 ? -13.689 -0.442  -13.175 1.00 54.96 ? 86  LYS A N   1 
ATOM   691  C  CA  . LYS A 1 87 ? -15.037 -0.190  -13.690 1.00 57.57 ? 86  LYS A CA  1 
ATOM   692  C  C   . LYS A 1 87 ? -15.640 1.109   -13.117 1.00 59.11 ? 86  LYS A C   1 
ATOM   693  O  O   . LYS A 1 87 ? -16.560 1.676   -13.720 1.00 58.76 ? 86  LYS A O   1 
ATOM   694  C  CB  . LYS A 1 87 ? -15.967 -1.393  -13.442 1.00 56.90 ? 86  LYS A CB  1 
ATOM   695  C  CG  . LYS A 1 87 ? -15.627 -2.601  -14.308 1.00 56.93 ? 86  LYS A CG  1 
ATOM   696  C  CD  . LYS A 1 87 ? -16.627 -3.746  -14.191 1.00 57.99 ? 86  LYS A CD  1 
ATOM   697  C  CE  . LYS A 1 87 ? -17.951 -3.425  -14.907 1.00 62.92 ? 86  LYS A CE  1 
ATOM   698  N  NZ  . LYS A 1 87 ? -18.861 -4.603  -15.111 1.00 60.24 ? 86  LYS A NZ  1 
ATOM   699  N  N   . GLN A 1 88 ? -15.109 1.581   -11.980 1.00 60.74 ? 87  GLN A N   1 
ATOM   700  C  CA  . GLN A 1 88 ? -15.565 2.834   -11.348 1.00 61.84 ? 87  GLN A CA  1 
ATOM   701  C  C   . GLN A 1 88 ? -15.188 4.063   -12.185 1.00 64.29 ? 87  GLN A C   1 
ATOM   702  O  O   . GLN A 1 88 ? -15.901 5.077   -12.164 1.00 65.30 ? 87  GLN A O   1 
ATOM   703  C  CB  . GLN A 1 88 ? -15.007 2.988   -9.914  1.00 61.90 ? 87  GLN A CB  1 
ATOM   704  C  CG  . GLN A 1 88 ? -15.197 1.769   -8.987  1.00 60.80 ? 87  GLN A CG  1 
ATOM   705  C  CD  . GLN A 1 88 ? -16.565 1.130   -9.117  1.00 60.82 ? 87  GLN A CD  1 
ATOM   706  O  OE1 . GLN A 1 88 ? -17.582 1.814   -9.072  1.00 63.43 ? 87  GLN A OE1 1 
ATOM   707  N  NE2 . GLN A 1 88 ? -16.594 -0.186  -9.296  1.00 60.64 ? 87  GLN A NE2 1 
ATOM   708  O  OXT . GLN A 1 88 ? -14.182 4.065   -12.904 1.00 65.41 ? 87  GLN A OXT 1 
HETATM 709  N  N   . MSE B 1 2  ? -3.825  4.525   21.900  1.00 58.69 ? 1   MSE B N   1 
HETATM 710  C  CA  . MSE B 1 2  ? -4.903  4.339   20.884  1.00 57.66 ? 1   MSE B CA  1 
HETATM 711  C  C   . MSE B 1 2  ? -4.272  4.260   19.470  1.00 55.89 ? 1   MSE B C   1 
HETATM 712  O  O   . MSE B 1 2  ? -4.566  5.061   18.571  1.00 56.58 ? 1   MSE B O   1 
HETATM 713  C  CB  . MSE B 1 2  ? -5.925  5.480   21.013  1.00 59.49 ? 1   MSE B CB  1 
HETATM 714  C  CG  . MSE B 1 2  ? -7.239  5.330   20.218  1.00 63.07 ? 1   MSE B CG  1 
HETATM 715  SE SE  . MSE B 1 2  ? -8.372  3.767   20.697  0.75 89.72 ? 1   MSE B SE  1 
HETATM 716  C  CE  . MSE B 1 2  ? -7.509  2.369   19.602  1.00 87.50 ? 1   MSE B CE  1 
ATOM   717  N  N   . GLY B 1 3  ? -3.379  3.294   19.287  1.00 51.67 ? 2   GLY B N   1 
ATOM   718  C  CA  . GLY B 1 3  ? -2.721  3.095   18.002  1.00 49.12 ? 2   GLY B CA  1 
ATOM   719  C  C   . GLY B 1 3  ? -1.643  4.110   17.653  1.00 44.65 ? 2   GLY B C   1 
ATOM   720  O  O   . GLY B 1 3  ? -1.512  5.170   18.275  1.00 46.79 ? 2   GLY B O   1 
ATOM   721  N  N   . ASN B 1 4  ? -0.896  3.769   16.613  1.00 37.73 ? 3   ASN B N   1 
ATOM   722  C  CA  . ASN B 1 4  ? 0.298   4.485   16.208  1.00 34.38 ? 3   ASN B CA  1 
ATOM   723  C  C   . ASN B 1 4  ? 0.039   5.379   15.028  1.00 31.70 ? 3   ASN B C   1 
ATOM   724  O  O   . ASN B 1 4  ? -0.476  4.921   14.024  1.00 30.85 ? 3   ASN B O   1 
ATOM   725  C  CB  . ASN B 1 4  ? 1.371   3.455   15.861  1.00 34.73 ? 3   ASN B CB  1 
ATOM   726  C  CG  . ASN B 1 4  ? 1.693   2.552   17.051  1.00 35.44 ? 3   ASN B CG  1 
ATOM   727  O  OD1 . ASN B 1 4  ? 2.319   2.983   17.990  1.00 37.19 ? 3   ASN B OD1 1 
ATOM   728  N  ND2 . ASN B 1 4  ? 1.242   1.316   17.008  1.00 30.08 ? 3   ASN B ND2 1 
ATOM   729  N  N   . ILE B 1 5  ? 0.420   6.650   15.141  1.00 28.56 ? 4   ILE B N   1 
ATOM   730  C  CA  . ILE B 1 5  ? 0.192   7.610   14.068  1.00 28.85 ? 4   ILE B CA  1 
ATOM   731  C  C   . ILE B 1 5  ? 1.494   7.795   13.306  1.00 28.77 ? 4   ILE B C   1 
ATOM   732  O  O   . ILE B 1 5  ? 2.584   7.913   13.909  1.00 27.81 ? 4   ILE B O   1 
ATOM   733  C  CB  . ILE B 1 5  ? -0.383  8.957   14.579  1.00 29.71 ? 4   ILE B CB  1 
ATOM   734  C  CG1 . ILE B 1 5  ? -1.734  8.721   15.281  1.00 30.88 ? 4   ILE B CG1 1 
ATOM   735  C  CG2 . ILE B 1 5  ? -0.584  9.940   13.420  1.00 28.46 ? 4   ILE B CG2 1 
ATOM   736  C  CD1 . ILE B 1 5  ? -2.190  9.881   16.159  1.00 29.41 ? 4   ILE B CD1 1 
ATOM   737  N  N   . TYR B 1 6  ? 1.351   7.799   11.986  1.00 28.21 ? 5   TYR B N   1 
ATOM   738  C  CA  . TYR B 1 6  ? 2.452   7.927   11.042  1.00 29.84 ? 5   TYR B CA  1 
ATOM   739  C  C   . TYR B 1 6  ? 2.147   8.988   10.026  1.00 29.95 ? 5   TYR B C   1 
ATOM   740  O  O   . TYR B 1 6  ? 0.998   9.225   9.690   1.00 30.87 ? 5   TYR B O   1 
ATOM   741  C  CB  . TYR B 1 6  ? 2.684   6.620   10.284  1.00 28.44 ? 5   TYR B CB  1 
ATOM   742  C  CG  . TYR B 1 6  ? 2.966   5.465   11.197  1.00 30.51 ? 5   TYR B CG  1 
ATOM   743  C  CD1 . TYR B 1 6  ? 4.262   5.234   11.683  1.00 30.73 ? 5   TYR B CD1 1 
ATOM   744  C  CD2 . TYR B 1 6  ? 1.939   4.614   11.605  1.00 29.59 ? 5   TYR B CD2 1 
ATOM   745  C  CE1 . TYR B 1 6  ? 4.521   4.185   12.535  1.00 32.42 ? 5   TYR B CE1 1 
ATOM   746  C  CE2 . TYR B 1 6  ? 2.190   3.560   12.472  1.00 32.07 ? 5   TYR B CE2 1 
ATOM   747  C  CZ  . TYR B 1 6  ? 3.485   3.353   12.929  1.00 31.60 ? 5   TYR B CZ  1 
ATOM   748  O  OH  . TYR B 1 6  ? 3.743   2.324   13.786  1.00 31.42 ? 5   TYR B OH  1 
ATOM   749  N  N   . GLN B 1 7  ? 3.195   9.609   9.524   1.00 31.01 ? 6   GLN B N   1 
ATOM   750  C  CA  . GLN B 1 7  ? 3.075   10.480  8.386   1.00 31.43 ? 6   GLN B CA  1 
ATOM   751  C  C   . GLN B 1 7  ? 3.806   9.832   7.221   1.00 29.88 ? 6   GLN B C   1 
ATOM   752  O  O   . GLN B 1 7  ? 4.972   9.445   7.348   1.00 29.31 ? 6   GLN B O   1 
ATOM   753  C  CB  . GLN B 1 7  ? 3.657   11.856  8.678   1.00 33.98 ? 6   GLN B CB  1 
ATOM   754  C  CG  . GLN B 1 7  ? 3.832   12.647  7.400   1.00 37.96 ? 6   GLN B CG  1 
ATOM   755  C  CD  . GLN B 1 7  ? 3.720   14.096  7.585   1.00 42.89 ? 6   GLN B CD  1 
ATOM   756  O  OE1 . GLN B 1 7  ? 2.625   14.615  7.794   1.00 51.51 ? 6   GLN B OE1 1 
ATOM   757  N  NE2 . GLN B 1 7  ? 4.837   14.792  7.450   1.00 41.42 ? 6   GLN B NE2 1 
ATOM   758  N  N   . ILE B 1 8  ? 3.123   9.738   6.085   1.00 30.20 ? 7   ILE B N   1 
ATOM   759  C  CA  . ILE B 1 8  ? 3.717   9.207   4.867   1.00 30.24 ? 7   ILE B CA  1 
ATOM   760  C  C   . ILE B 1 8  ? 3.835   10.347  3.872   1.00 29.67 ? 7   ILE B C   1 
ATOM   761  O  O   . ILE B 1 8  ? 2.912   11.153  3.753   1.00 29.20 ? 7   ILE B O   1 
ATOM   762  C  CB  . ILE B 1 8  ? 2.944   7.991   4.281   1.00 32.22 ? 7   ILE B CB  1 
ATOM   763  C  CG1 . ILE B 1 8  ? 3.585   7.539   2.957   1.00 32.57 ? 7   ILE B CG1 1 
ATOM   764  C  CG2 . ILE B 1 8  ? 1.501   8.307   4.072   1.00 32.24 ? 7   ILE B CG2 1 
ATOM   765  C  CD1 . ILE B 1 8  ? 3.188   6.144   2.484   1.00 31.27 ? 7   ILE B CD1 1 
ATOM   766  N  N   . THR B 1 9  ? 5.005   10.447  3.232   1.00 29.78 ? 8   THR B N   1 
ATOM   767  C  CA  . THR B 1 9  ? 5.277   11.423  2.151   1.00 29.37 ? 8   THR B CA  1 
ATOM   768  C  C   . THR B 1 9  ? 5.661   10.642  0.912   1.00 29.61 ? 8   THR B C   1 
ATOM   769  O  O   . THR B 1 9  ? 6.404   9.665   1.006   1.00 29.37 ? 8   THR B O   1 
ATOM   770  C  CB  . THR B 1 9  ? 6.395   12.447  2.559   1.00 30.42 ? 8   THR B CB  1 
ATOM   771  O  OG1 . THR B 1 9  ? 6.001   13.093  3.768   1.00 32.34 ? 8   THR B OG1 1 
ATOM   772  C  CG2 . THR B 1 9  ? 6.647   13.535  1.498   1.00 27.59 ? 8   THR B CG2 1 
ATOM   773  N  N   . VAL B 1 10 ? 5.093   11.018  -0.232  1.00 29.63 ? 9   VAL B N   1 
ATOM   774  C  CA  . VAL B 1 10 ? 5.456   10.425  -1.512  1.00 28.66 ? 9   VAL B CA  1 
ATOM   775  C  C   . VAL B 1 10 ? 5.929   11.584  -2.370  1.00 28.96 ? 9   VAL B C   1 
ATOM   776  O  O   . VAL B 1 10 ? 5.188   12.531  -2.557  1.00 28.67 ? 9   VAL B O   1 
ATOM   777  C  CB  . VAL B 1 10 ? 4.272   9.731   -2.214  1.00 29.89 ? 9   VAL B CB  1 
ATOM   778  C  CG1 . VAL B 1 10 ? 4.708   9.157   -3.579  1.00 27.45 ? 9   VAL B CG1 1 
ATOM   779  C  CG2 . VAL B 1 10 ? 3.653   8.640   -1.324  1.00 28.61 ? 9   VAL B CG2 1 
ATOM   780  N  N   . GLU B 1 11 ? 7.157   11.512  -2.875  1.00 29.38 ? 10  GLU B N   1 
ATOM   781  C  CA  . GLU B 1 11 ? 7.685   12.564  -3.738  1.00 32.58 ? 10  GLU B CA  1 
ATOM   782  C  C   . GLU B 1 11 ? 8.141   11.993  -5.065  1.00 32.01 ? 10  GLU B C   1 
ATOM   783  O  O   . GLU B 1 11 ? 8.821   10.976  -5.102  1.00 29.92 ? 10  GLU B O   1 
ATOM   784  C  CB  . GLU B 1 11 ? 8.777   13.396  -3.034  1.00 35.01 ? 10  GLU B CB  1 
ATOM   785  C  CG  . GLU B 1 11 ? 9.859   12.652  -2.294  1.00 42.57 ? 10  GLU B CG  1 
ATOM   786  C  CD  . GLU B 1 11 ? 10.534  13.468  -1.164  1.00 37.68 ? 10  GLU B CD  1 
ATOM   787  O  OE1 . GLU B 1 11 ? 10.553  14.708  -1.195  1.00 43.60 ? 10  GLU B OE1 1 
ATOM   788  O  OE2 . GLU B 1 11 ? 11.083  12.838  -0.246  1.00 41.33 ? 10  GLU B OE2 1 
ATOM   789  N  N   . GLU B 1 12 ? 7.676   12.608  -6.155  1.00 33.48 ? 11  GLU B N   1 
ATOM   790  C  CA  . GLU B 1 12 ? 8.127   12.274  -7.493  1.00 35.52 ? 11  GLU B CA  1 
ATOM   791  C  C   . GLU B 1 12 ? 9.561   12.724  -7.597  1.00 35.26 ? 11  GLU B C   1 
ATOM   792  O  O   . GLU B 1 12 ? 9.851   13.864  -7.267  1.00 34.17 ? 11  GLU B O   1 
ATOM   793  C  CB  . GLU B 1 12 ? 7.397   13.087  -8.555  1.00 36.90 ? 11  GLU B CB  1 
ATOM   794  C  CG  . GLU B 1 12 ? 6.047   12.670  -8.903  1.00 40.64 ? 11  GLU B CG  1 
ATOM   795  C  CD  . GLU B 1 12 ? 5.578   13.437  -10.115 1.00 42.84 ? 11  GLU B CD  1 
ATOM   796  O  OE1 . GLU B 1 12 ? 5.627   14.676  -10.064 1.00 37.76 ? 11  GLU B OE1 1 
ATOM   797  O  OE2 . GLU B 1 12 ? 5.193   12.801  -11.106 1.00 46.00 ? 11  GLU B OE2 1 
ATOM   798  N  N   . LYS B 1 13 ? 10.441  11.864  -8.083  1.00 36.45 ? 12  LYS B N   1 
ATOM   799  C  CA  . LYS B 1 13 ? 11.838  12.247  -8.245  1.00 38.82 ? 12  LYS B CA  1 
ATOM   800  C  C   . LYS B 1 13 ? 12.087  13.044  -9.530  1.00 40.13 ? 12  LYS B C   1 
ATOM   801  O  O   . LYS B 1 13 ? 12.975  13.893  -9.552  1.00 43.17 ? 12  LYS B O   1 
ATOM   802  C  CB  . LYS B 1 13 ? 12.748  11.034  -8.164  1.00 38.54 ? 12  LYS B CB  1 
ATOM   803  C  CG  . LYS B 1 13 ? 12.769  10.420  -6.790  1.00 39.51 ? 12  LYS B CG  1 
ATOM   804  C  CD  . LYS B 1 13 ? 13.991  9.573   -6.608  1.00 42.49 ? 12  LYS B CD  1 
ATOM   805  C  CE  . LYS B 1 13 ? 14.016  8.933   -5.258  1.00 38.54 ? 12  LYS B CE  1 
ATOM   806  N  NZ  . LYS B 1 13 ? 15.345  8.329   -4.965  1.00 39.22 ? 12  LYS B NZ  1 
ATOM   807  N  N   . ALA B 1 14 ? 11.301  12.793  -10.572 1.00 41.65 ? 13  ALA B N   1 
ATOM   808  C  CA  . ALA B 1 14 ? 11.455  13.484  -11.843 1.00 45.58 ? 13  ALA B CA  1 
ATOM   809  C  C   . ALA B 1 14 ? 10.294  14.449  -12.034 1.00 47.57 ? 13  ALA B C   1 
ATOM   810  O  O   . ALA B 1 14 ? 9.594   14.783  -11.073 1.00 48.02 ? 13  ALA B O   1 
ATOM   811  C  CB  . ALA B 1 14 ? 11.502  12.457  -12.976 1.00 46.15 ? 13  ALA B CB  1 
ATOM   812  N  N   . GLU B 1 15 ? 10.125  14.929  -13.267 1.00 48.88 ? 14  GLU B N   1 
ATOM   813  C  CA  . GLU B 1 15 ? 8.936   15.680  -13.674 1.00 49.07 ? 14  GLU B CA  1 
ATOM   814  C  C   . GLU B 1 15 ? 8.819   17.011  -12.922 1.00 47.32 ? 14  GLU B C   1 
ATOM   815  O  O   . GLU B 1 15 ? 9.816   17.725  -12.778 1.00 45.55 ? 14  GLU B O   1 
ATOM   816  C  CB  . GLU B 1 15 ? 7.686   14.790  -13.489 1.00 49.84 ? 14  GLU B CB  1 
ATOM   817  N  N   . HIS B 1 16 ? 7.610   17.327  -12.446 1.00 46.47 ? 15  HIS B N   1 
ATOM   818  C  CA  . HIS B 1 16 ? 7.362   18.520  -11.640 1.00 45.12 ? 15  HIS B CA  1 
ATOM   819  C  C   . HIS B 1 16 ? 7.661   18.291  -10.153 1.00 44.41 ? 15  HIS B C   1 
ATOM   820  O  O   . HIS B 1 16 ? 7.370   19.169  -9.332  1.00 44.88 ? 15  HIS B O   1 
ATOM   821  C  CB  . HIS B 1 16 ? 5.909   18.983  -11.814 1.00 46.62 ? 15  HIS B CB  1 
ATOM   822  N  N   . GLN B 1 17 ? 8.235   17.132  -9.805  1.00 41.09 ? 16  GLN B N   1 
ATOM   823  C  CA  . GLN B 1 17 ? 8.595   16.800  -8.424  1.00 41.80 ? 16  GLN B CA  1 
ATOM   824  C  C   . GLN B 1 17 ? 7.458   17.110  -7.462  1.00 38.24 ? 16  GLN B C   1 
ATOM   825  O  O   . GLN B 1 17 ? 7.631   17.807  -6.479  1.00 37.84 ? 16  GLN B O   1 
ATOM   826  C  CB  . GLN B 1 17 ? 9.889   17.500  -8.007  1.00 40.74 ? 16  GLN B CB  1 
ATOM   827  C  CG  . GLN B 1 17 ? 11.088  17.064  -8.850  1.00 45.09 ? 16  GLN B CG  1 
ATOM   828  C  CD  . GLN B 1 17 ? 12.422  17.423  -8.211  1.00 45.86 ? 16  GLN B CD  1 
ATOM   829  O  OE1 . GLN B 1 17 ? 12.609  18.534  -7.706  1.00 48.31 ? 16  GLN B OE1 1 
ATOM   830  N  NE2 . GLN B 1 17 ? 13.360  16.477  -8.233  1.00 56.15 ? 16  GLN B NE2 1 
ATOM   831  N  N   . ARG B 1 18 ? 6.277   16.598  -7.793  1.00 36.91 ? 17  ARG B N   1 
ATOM   832  C  CA  . ARG B 1 18 ? 5.096   16.800  -6.982  1.00 35.81 ? 17  ARG B CA  1 
ATOM   833  C  C   . ARG B 1 18 ? 5.262   15.967  -5.735  1.00 33.99 ? 17  ARG B C   1 
ATOM   834  O  O   . ARG B 1 18 ? 5.990   14.971  -5.762  1.00 29.96 ? 17  ARG B O   1 
ATOM   835  C  CB  . ARG B 1 18 ? 3.834   16.386  -7.739  1.00 35.54 ? 17  ARG B CB  1 
ATOM   836  C  CG  . ARG B 1 18 ? 3.488   17.347  -8.849  1.00 34.35 ? 17  ARG B CG  1 
ATOM   837  C  CD  . ARG B 1 18 ? 2.366   16.816  -9.696  1.00 38.20 ? 17  ARG B CD  1 
ATOM   838  N  NE  . ARG B 1 18 ? 2.775   15.714  -10.568 1.00 40.46 ? 17  ARG B NE  1 
ATOM   839  C  CZ  . ARG B 1 18 ? 1.985   15.148  -11.482 1.00 47.15 ? 17  ARG B CZ  1 
ATOM   840  N  NH1 . ARG B 1 18 ? 0.737   15.581  -11.687 1.00 52.77 ? 17  ARG B NH1 1 
ATOM   841  N  NH2 . ARG B 1 18 ? 2.453   14.147  -12.222 1.00 44.29 ? 17  ARG B NH2 1 
ATOM   842  N  N   . THR B 1 19 ? 4.635   16.424  -4.648  1.00 33.61 ? 18  THR B N   1 
ATOM   843  C  CA  A THR B 1 19 ? 4.665   15.698  -3.377  0.50 34.08 ? 18  THR B CA  1 
ATOM   844  C  CA  B THR B 1 19 ? 4.682   15.756  -3.342  0.50 33.62 ? 18  THR B CA  1 
ATOM   845  C  C   . THR B 1 19 ? 3.275   15.612  -2.770  1.00 33.81 ? 18  THR B C   1 
ATOM   846  O  O   . THR B 1 19 ? 2.409   16.450  -3.030  1.00 33.21 ? 18  THR B O   1 
ATOM   847  C  CB  A THR B 1 19 ? 5.627   16.340  -2.356  0.50 34.32 ? 18  THR B CB  1 
ATOM   848  C  CB  B THR B 1 19 ? 5.533   16.572  -2.335  0.50 33.60 ? 18  THR B CB  1 
ATOM   849  O  OG1 A THR B 1 19 ? 5.189   17.663  -2.045  0.50 34.63 ? 18  THR B OG1 1 
ATOM   850  O  OG1 B THR B 1 19 ? 6.799   16.893  -2.920  0.50 31.64 ? 18  THR B OG1 1 
ATOM   851  C  CG2 A THR B 1 19 ? 7.040   16.395  -2.904  0.50 34.45 ? 18  THR B CG2 1 
ATOM   852  C  CG2 B THR B 1 19 ? 5.763   15.799  -1.036  0.50 33.21 ? 18  THR B CG2 1 
ATOM   853  N  N   . LEU B 1 20 ? 3.053   14.547  -2.010  1.00 33.63 ? 19  LEU B N   1 
ATOM   854  C  CA  . LEU B 1 20 ? 1.832   14.392  -1.233  1.00 35.79 ? 19  LEU B CA  1 
ATOM   855  C  C   . LEU B 1 20 ? 2.273   13.861  0.117   1.00 34.16 ? 19  LEU B C   1 
ATOM   856  O  O   . LEU B 1 20 ? 3.301   13.197  0.227   1.00 34.09 ? 19  LEU B O   1 
ATOM   857  C  CB  . LEU B 1 20 ? 0.772   13.510  -1.903  1.00 36.15 ? 19  LEU B CB  1 
ATOM   858  C  CG  . LEU B 1 20 ? 0.968   12.007  -2.012  1.00 43.32 ? 19  LEU B CG  1 
ATOM   859  C  CD1 . LEU B 1 20 ? 0.549   11.299  -0.746  1.00 45.98 ? 19  LEU B CD1 1 
ATOM   860  C  CD2 . LEU B 1 20 ? 0.205   11.440  -3.211  1.00 38.51 ? 19  LEU B CD2 1 
ATOM   861  N  N   . SER B 1 21 ? 1.504   14.198  1.133   1.00 32.57 ? 20  SER B N   1 
ATOM   862  C  CA  . SER B 1 21 ? 1.796   13.825  2.483   1.00 32.88 ? 20  SER B CA  1 
ATOM   863  C  C   . SER B 1 21 ? 0.483   13.679  3.221   1.00 32.59 ? 20  SER B C   1 
ATOM   864  O  O   . SER B 1 21 ? -0.414  14.502  3.066   1.00 32.59 ? 20  SER B O   1 
ATOM   865  C  CB  . SER B 1 21 ? 2.628   14.915  3.154   1.00 32.78 ? 20  SER B CB  1 
ATOM   866  O  OG  . SER B 1 21 ? 3.342   14.376  4.245   1.00 42.44 ? 20  SER B OG  1 
ATOM   867  N  N   . PHE B 1 22 ? 0.367   12.635  4.023   1.00 32.25 ? 21  PHE B N   1 
ATOM   868  C  CA  . PHE B 1 22 ? -0.805  12.463  4.850   1.00 32.37 ? 21  PHE B CA  1 
ATOM   869  C  C   . PHE B 1 22 ? -0.462  11.578  6.044   1.00 34.84 ? 21  PHE B C   1 
ATOM   870  O  O   . PHE B 1 22 ? 0.608   10.927  6.105   1.00 31.77 ? 21  PHE B O   1 
ATOM   871  C  CB  . PHE B 1 22 ? -1.999  11.913  4.036   1.00 31.94 ? 21  PHE B CB  1 
ATOM   872  C  CG  . PHE B 1 22 ? -1.740  10.583  3.379   1.00 33.05 ? 21  PHE B CG  1 
ATOM   873  C  CD1 . PHE B 1 22 ? -1.209  10.516  2.091   1.00 31.26 ? 21  PHE B CD1 1 
ATOM   874  C  CD2 . PHE B 1 22 ? -2.041  9.394   4.045   1.00 31.20 ? 21  PHE B CD2 1 
ATOM   875  C  CE1 . PHE B 1 22 ? -0.968  9.267   1.479   1.00 37.60 ? 21  PHE B CE1 1 
ATOM   876  C  CE2 . PHE B 1 22 ? -1.789  8.163   3.456   1.00 37.04 ? 21  PHE B CE2 1 
ATOM   877  C  CZ  . PHE B 1 22 ? -1.257  8.097   2.161   1.00 32.82 ? 21  PHE B CZ  1 
ATOM   878  N  N   . GLU B 1 23 ? -1.385  11.571  6.992   1.00 34.72 ? 22  GLU B N   1 
ATOM   879  C  CA  . GLU B 1 23 ? -1.244  10.769  8.178   1.00 36.62 ? 22  GLU B CA  1 
ATOM   880  C  C   . GLU B 1 23 ? -2.197  9.598   8.162   1.00 36.44 ? 22  GLU B C   1 
ATOM   881  O  O   . GLU B 1 23 ? -3.264  9.651   7.553   1.00 36.96 ? 22  GLU B O   1 
ATOM   882  C  CB  . GLU B 1 23 ? -1.521  11.593  9.406   1.00 36.64 ? 22  GLU B CB  1 
ATOM   883  C  CG  . GLU B 1 23 ? -0.479  12.627  9.677   1.00 38.81 ? 22  GLU B CG  1 
ATOM   884  C  CD  . GLU B 1 23 ? -0.732  13.370  10.986  1.00 40.79 ? 22  GLU B CD  1 
ATOM   885  O  OE1 . GLU B 1 23 ? -1.799  13.151  11.610  1.00 46.27 ? 22  GLU B OE1 1 
ATOM   886  O  OE2 . GLU B 1 23 ? 0.144   14.163  11.394  1.00 47.38 ? 22  GLU B OE2 1 
ATOM   887  N  N   . PHE B 1 24 ? -1.781  8.531   8.835   1.00 36.27 ? 23  PHE B N   1 
ATOM   888  C  CA  . PHE B 1 24 ? -2.622  7.367   9.067   1.00 35.25 ? 23  PHE B CA  1 
ATOM   889  C  C   . PHE B 1 24 ? -2.239  6.786   10.421  1.00 34.11 ? 23  PHE B C   1 
ATOM   890  O  O   . PHE B 1 24 ? -1.175  7.081   10.971  1.00 33.53 ? 23  PHE B O   1 
ATOM   891  C  CB  . PHE B 1 24 ? -2.500  6.337   7.937   1.00 36.33 ? 23  PHE B CB  1 
ATOM   892  C  CG  . PHE B 1 24 ? -1.129  5.760   7.792   1.00 38.33 ? 23  PHE B CG  1 
ATOM   893  C  CD1 . PHE B 1 24 ? -0.136  6.473   7.134   1.00 37.99 ? 23  PHE B CD1 1 
ATOM   894  C  CD2 . PHE B 1 24 ? -0.824  4.506   8.311   1.00 33.70 ? 23  PHE B CD2 1 
ATOM   895  C  CE1 . PHE B 1 24 ? 1.143   5.943   6.998   1.00 38.07 ? 23  PHE B CE1 1 
ATOM   896  C  CE2 . PHE B 1 24 ? 0.451   3.969   8.185   1.00 34.66 ? 23  PHE B CE2 1 
ATOM   897  C  CZ  . PHE B 1 24 ? 1.437   4.686   7.528   1.00 38.85 ? 23  PHE B CZ  1 
ATOM   898  N  N   . SER B 1 25 ? -3.139  5.970   10.939  1.00 33.25 ? 24  SER B N   1 
ATOM   899  C  CA  . SER B 1 25 ? -3.027  5.377   12.241  1.00 34.16 ? 24  SER B CA  1 
ATOM   900  C  C   . SER B 1 25 ? -3.191  3.891   12.092  1.00 34.83 ? 24  SER B C   1 
ATOM   901  O  O   . SER B 1 25 ? -4.094  3.444   11.389  1.00 35.17 ? 24  SER B O   1 
ATOM   902  C  CB  . SER B 1 25 ? -4.136  5.907   13.151  1.00 33.57 ? 24  SER B CB  1 
ATOM   903  O  OG  . SER B 1 25 ? -4.094  5.282   14.415  1.00 32.84 ? 24  SER B OG  1 
ATOM   904  N  N   . LEU B 1 26 ? -2.323  3.142   12.759  1.00 34.07 ? 25  LEU B N   1 
ATOM   905  C  CA  . LEU B 1 26 ? -2.362  1.693   12.773  1.00 35.56 ? 25  LEU B CA  1 
ATOM   906  C  C   . LEU B 1 26 ? -2.455  1.228   14.213  1.00 34.86 ? 25  LEU B C   1 
ATOM   907  O  O   . LEU B 1 26 ? -1.969  1.880   15.137  1.00 34.04 ? 25  LEU B O   1 
ATOM   908  C  CB  . LEU B 1 26 ? -1.084  1.093   12.148  1.00 35.25 ? 25  LEU B CB  1 
ATOM   909  C  CG  . LEU B 1 26 ? -0.743  1.440   10.693  1.00 38.87 ? 25  LEU B CG  1 
ATOM   910  C  CD1 . LEU B 1 26 ? 0.533   0.725   10.282  1.00 36.72 ? 25  LEU B CD1 1 
ATOM   911  C  CD2 . LEU B 1 26 ? -1.867  1.115   9.718   1.00 37.62 ? 25  LEU B CD2 1 
ATOM   912  N  N   . HIS B 1 27 ? -3.080  0.084   14.402  1.00 36.14 ? 26  HIS B N   1 
ATOM   913  C  CA  . HIS B 1 27 ? -3.062  -0.555  15.690  1.00 36.40 ? 26  HIS B CA  1 
ATOM   914  C  C   . HIS B 1 27 ? -1.666  -1.113  15.995  1.00 38.24 ? 26  HIS B C   1 
ATOM   915  O  O   . HIS B 1 27 ? -1.153  -0.931  17.101  1.00 37.49 ? 26  HIS B O   1 
ATOM   916  C  CB  . HIS B 1 27 ? -4.080  -1.673  15.756  1.00 37.49 ? 26  HIS B CB  1 
ATOM   917  C  CG  . HIS B 1 27 ? -4.129  -2.297  17.101  1.00 41.24 ? 26  HIS B CG  1 
ATOM   918  N  ND1 . HIS B 1 27 ? -3.563  -3.524  17.369  1.00 47.00 ? 26  HIS B ND1 1 
ATOM   919  C  CD2 . HIS B 1 27 ? -4.554  -1.803  18.287  1.00 43.25 ? 26  HIS B CD2 1 
ATOM   920  C  CE1 . HIS B 1 27 ? -3.695  -3.787  18.657  1.00 43.73 ? 26  HIS B CE1 1 
ATOM   921  N  NE2 . HIS B 1 27 ? -4.286  -2.757  19.238  1.00 46.91 ? 26  HIS B NE2 1 
ATOM   922  N  N   . ASP B 1 28 ? -1.055  -1.767  15.003  1.00 39.84 ? 27  ASP B N   1 
ATOM   923  C  CA  . ASP B 1 28 ? 0.254   -2.384  15.164  1.00 41.87 ? 27  ASP B CA  1 
ATOM   924  C  C   . ASP B 1 28 ? 1.365   -1.370  15.005  1.00 40.39 ? 27  ASP B C   1 
ATOM   925  O  O   . ASP B 1 28 ? 1.185   -0.339  14.382  1.00 39.93 ? 27  ASP B O   1 
ATOM   926  C  CB  . ASP B 1 28 ? 0.492   -3.479  14.114  1.00 43.81 ? 27  ASP B CB  1 
ATOM   927  C  CG  . ASP B 1 28 ? -0.499  -4.630  14.216  1.00 52.15 ? 27  ASP B CG  1 
ATOM   928  O  OD1 . ASP B 1 28 ? -0.965  -4.954  15.337  1.00 60.53 ? 27  ASP B OD1 1 
ATOM   929  O  OD2 . ASP B 1 28 ? -0.790  -5.226  13.153  1.00 62.28 ? 27  ASP B OD2 1 
ATOM   930  N  N   . ASP B 1 29 ? 2.513   -1.713  15.577  1.00 38.17 ? 28  ASP B N   1 
ATOM   931  C  CA  . ASP B 1 29 ? 3.744   -0.954  15.456  1.00 37.64 ? 28  ASP B CA  1 
ATOM   932  C  C   . ASP B 1 29 ? 4.351   -1.331  14.096  1.00 35.74 ? 28  ASP B C   1 
ATOM   933  O  O   . ASP B 1 29 ? 4.866   -2.430  13.929  1.00 35.73 ? 28  ASP B O   1 
ATOM   934  C  CB  . ASP B 1 29 ? 4.667   -1.317  16.635  1.00 37.54 ? 28  ASP B CB  1 
ATOM   935  C  CG  . ASP B 1 29 ? 5.965   -0.521  16.657  1.00 39.57 ? 28  ASP B CG  1 
ATOM   936  O  OD1 . ASP B 1 29 ? 6.482   -0.132  15.590  1.00 41.12 ? 28  ASP B OD1 1 
ATOM   937  O  OD2 . ASP B 1 29 ? 6.484   -0.313  17.768  1.00 44.47 ? 28  ASP B OD2 1 
ATOM   938  N  N   . LEU B 1 30 ? 4.240   -0.427  13.124  1.00 34.04 ? 29  LEU B N   1 
ATOM   939  C  CA  . LEU B 1 30 ? 4.743   -0.642  11.764  1.00 34.69 ? 29  LEU B CA  1 
ATOM   940  C  C   . LEU B 1 30 ? 6.251   -0.957  11.689  1.00 35.13 ? 29  LEU B C   1 
ATOM   941  O  O   . LEU B 1 30 ? 6.664   -1.782  10.883  1.00 35.50 ? 29  LEU B O   1 
ATOM   942  C  CB  . LEU B 1 30 ? 4.444   0.591   10.908  1.00 36.19 ? 29  LEU B CB  1 
ATOM   943  C  CG  . LEU B 1 30 ? 4.855   0.606   9.431   1.00 36.20 ? 29  LEU B CG  1 
ATOM   944  C  CD1 . LEU B 1 30 ? 4.083   -0.465  8.659   1.00 37.09 ? 29  LEU B CD1 1 
ATOM   945  C  CD2 . LEU B 1 30 ? 4.650   1.981   8.849   1.00 33.70 ? 29  LEU B CD2 1 
ATOM   946  N  N   . PHE B 1 31 ? 7.051   -0.306  12.531  1.00 34.93 ? 30  PHE B N   1 
ATOM   947  C  CA  . PHE B 1 31 ? 8.511   -0.451  12.512  1.00 34.92 ? 30  PHE B CA  1 
ATOM   948  C  C   . PHE B 1 31 ? 8.954   -1.788  13.104  1.00 37.02 ? 30  PHE B C   1 
ATOM   949  O  O   . PHE B 1 31 ? 9.842   -2.447  12.562  1.00 36.47 ? 30  PHE B O   1 
ATOM   950  C  CB  . PHE B 1 31 ? 9.167   0.748   13.213  1.00 35.54 ? 30  PHE B CB  1 
ATOM   951  C  CG  . PHE B 1 31 ? 9.200   2.003   12.358  1.00 37.44 ? 30  PHE B CG  1 
ATOM   952  C  CD1 . PHE B 1 31 ? 8.055   2.614   11.906  1.00 43.89 ? 30  PHE B CD1 1 
ATOM   953  C  CD2 . PHE B 1 31 ? 10.395  2.548   11.992  1.00 44.95 ? 30  PHE B CD2 1 
ATOM   954  C  CE1 . PHE B 1 31 ? 8.111   3.747   11.085  1.00 44.51 ? 30  PHE B CE1 1 
ATOM   955  C  CE2 . PHE B 1 31 ? 10.464  3.670   11.183  1.00 45.82 ? 30  PHE B CE2 1 
ATOM   956  C  CZ  . PHE B 1 31 ? 9.318   4.276   10.738  1.00 39.84 ? 30  PHE B CZ  1 
ATOM   957  N  N   . LYS B 1 32 ? 8.332   -2.180  14.216  1.00 38.36 ? 31  LYS B N   1 
ATOM   958  C  CA  . LYS B 1 32 ? 8.540   -3.502  14.806  1.00 40.65 ? 31  LYS B CA  1 
ATOM   959  C  C   . LYS B 1 32 ? 8.127   -4.612  13.825  1.00 41.10 ? 31  LYS B C   1 
ATOM   960  O  O   . LYS B 1 32 ? 8.784   -5.641  13.732  1.00 40.32 ? 31  LYS B O   1 
ATOM   961  C  CB  . LYS B 1 32 ? 7.753   -3.632  16.118  1.00 40.64 ? 31  LYS B CB  1 
ATOM   962  C  CG  . LYS B 1 32 ? 8.090   -4.874  16.944  1.00 42.81 ? 31  LYS B CG  1 
ATOM   963  C  CD  . LYS B 1 32 ? 7.962   -4.594  18.455  1.00 45.82 ? 31  LYS B CD  1 
ATOM   964  C  CE  . LYS B 1 32 ? 8.210   -5.835  19.332  1.00 51.42 ? 31  LYS B CE  1 
ATOM   965  N  NZ  . LYS B 1 32 ? 6.976   -6.663  19.496  1.00 53.81 ? 31  LYS B NZ  1 
ATOM   966  N  N   . LEU B 1 33 ? 7.052   -4.376  13.082  1.00 40.30 ? 32  LEU B N   1 
ATOM   967  C  CA  . LEU B 1 33 ? 6.572   -5.323  12.098  1.00 43.14 ? 32  LEU B CA  1 
ATOM   968  C  C   . LEU B 1 33 ? 7.591   -5.500  10.954  1.00 43.08 ? 32  LEU B C   1 
ATOM   969  O  O   . LEU B 1 33 ? 7.870   -6.624  10.550  1.00 42.41 ? 32  LEU B O   1 
ATOM   970  C  CB  . LEU B 1 33 ? 5.220   -4.854  11.541  1.00 44.20 ? 32  LEU B CB  1 
ATOM   971  C  CG  . LEU B 1 33 ? 4.238   -5.854  10.956  1.00 49.00 ? 32  LEU B CG  1 
ATOM   972  C  CD1 . LEU B 1 33 ? 3.891   -6.924  11.983  1.00 49.88 ? 32  LEU B CD1 1 
ATOM   973  C  CD2 . LEU B 1 33 ? 2.969   -5.093  10.519  1.00 46.80 ? 32  LEU B CD2 1 
ATOM   974  N  N   . LEU B 1 34 ? 8.114   -4.389  10.433  1.00 42.45 ? 33  LEU B N   1 
ATOM   975  C  CA  . LEU B 1 34 ? 9.139   -4.412  9.392   1.00 43.95 ? 33  LEU B CA  1 
ATOM   976  C  C   . LEU B 1 34 ? 10.376  -5.177  9.837   1.00 46.21 ? 33  LEU B C   1 
ATOM   977  O  O   . LEU B 1 34 ? 10.956  -5.917  9.038   1.00 45.66 ? 33  LEU B O   1 
ATOM   978  C  CB  . LEU B 1 34 ? 9.554   -2.993  8.981   1.00 43.45 ? 33  LEU B CB  1 
ATOM   979  C  CG  . LEU B 1 34 ? 8.566   -2.235  8.104   1.00 46.80 ? 33  LEU B CG  1 
ATOM   980  C  CD1 . LEU B 1 34 ? 9.017   -0.785  7.969   1.00 45.18 ? 33  LEU B CD1 1 
ATOM   981  C  CD2 . LEU B 1 34 ? 8.437   -2.901  6.736   1.00 46.20 ? 33  LEU B CD2 1 
ATOM   982  N  N   . GLU B 1 35 ? 10.778  -4.981  11.097  1.00 48.13 ? 34  GLU B N   1 
ATOM   983  C  CA  . GLU B 1 35 ? 11.908  -5.703  11.684  1.00 49.92 ? 34  GLU B CA  1 
ATOM   984  C  C   . GLU B 1 35 ? 11.687  -7.209  11.679  1.00 49.79 ? 34  GLU B C   1 
ATOM   985  O  O   . GLU B 1 35 ? 12.599  -7.954  11.342  1.00 49.99 ? 34  GLU B O   1 
ATOM   986  C  CB  . GLU B 1 35 ? 12.182  -5.227  13.117  1.00 50.33 ? 34  GLU B CB  1 
ATOM   987  C  CG  . GLU B 1 35 ? 12.781  -3.818  13.195  1.00 54.50 ? 34  GLU B CG  1 
ATOM   988  C  CD  . GLU B 1 35 ? 12.805  -3.240  14.621  1.00 55.27 ? 34  GLU B CD  1 
ATOM   989  O  OE1 . GLU B 1 35 ? 12.596  -3.994  15.607  1.00 64.70 ? 34  GLU B OE1 1 
ATOM   990  O  OE2 . GLU B 1 35 ? 13.047  -2.018  14.747  1.00 61.05 ? 34  GLU B OE2 1 
ATOM   991  N  N   . LYS B 1 36 ? 10.479  -7.647  12.039  1.00 49.93 ? 35  LYS B N   1 
ATOM   992  C  CA  . LYS B 1 36 ? 10.156  -9.074  12.097  1.00 50.11 ? 35  LYS B CA  1 
ATOM   993  C  C   . LYS B 1 36 ? 10.237  -9.739  10.726  1.00 50.44 ? 35  LYS B C   1 
ATOM   994  O  O   . LYS B 1 36 ? 10.837  -10.796 10.601  1.00 50.95 ? 35  LYS B O   1 
ATOM   995  C  CB  . LYS B 1 36 ? 8.775   -9.319  12.722  1.00 50.41 ? 35  LYS B CB  1 
ATOM   996  C  CG  . LYS B 1 36 ? 8.764   -9.265  14.236  1.00 52.06 ? 35  LYS B CG  1 
ATOM   997  N  N   . VAL B 1 37 ? 9.655   -9.111  9.710   1.00 50.15 ? 36  VAL B N   1 
ATOM   998  C  CA  . VAL B 1 37 ? 9.653   -9.663  8.346   1.00 51.37 ? 36  VAL B CA  1 
ATOM   999  C  C   . VAL B 1 37 ? 10.906  -9.311  7.522   1.00 52.63 ? 36  VAL B C   1 
ATOM   1000 O  O   . VAL B 1 37 ? 11.014  -9.718  6.365   1.00 51.85 ? 36  VAL B O   1 
ATOM   1001 C  CB  . VAL B 1 37 ? 8.394   -9.230  7.551   1.00 50.14 ? 36  VAL B CB  1 
ATOM   1002 C  CG1 . VAL B 1 37 ? 7.122   -9.583  8.330   1.00 49.06 ? 36  VAL B CG1 1 
ATOM   1003 C  CG2 . VAL B 1 37 ? 8.440   -7.745  7.201   1.00 41.18 ? 36  VAL B CG2 1 
ATOM   1004 N  N   . ASP B 1 38 ? 11.826  -8.545  8.105   1.00 54.69 ? 37  ASP B N   1 
ATOM   1005 C  CA  . ASP B 1 38 ? 13.079  -8.162  7.449   1.00 56.79 ? 37  ASP B CA  1 
ATOM   1006 C  C   . ASP B 1 38 ? 13.810  -9.372  6.884   1.00 59.75 ? 37  ASP B C   1 
ATOM   1007 O  O   . ASP B 1 38 ? 14.131  -10.309 7.630   1.00 60.29 ? 37  ASP B O   1 
ATOM   1008 C  CB  . ASP B 1 38 ? 14.015  -7.474  8.446   1.00 58.60 ? 37  ASP B CB  1 
ATOM   1009 C  CG  . ASP B 1 38 ? 15.431  -7.303  7.906   1.00 61.07 ? 37  ASP B CG  1 
ATOM   1010 O  OD1 . ASP B 1 38 ? 15.600  -6.668  6.839   1.00 65.94 ? 37  ASP B OD1 1 
ATOM   1011 O  OD2 . ASP B 1 38 ? 16.371  -7.807  8.561   1.00 67.60 ? 37  ASP B OD2 1 
ATOM   1012 N  N   . GLY B 1 39 ? 14.048  -9.353  5.569   1.00 61.08 ? 38  GLY B N   1 
ATOM   1013 C  CA  . GLY B 1 39 ? 14.790  -10.410 4.881   1.00 62.35 ? 38  GLY B CA  1 
ATOM   1014 C  C   . GLY B 1 39 ? 14.321  -11.826 5.153   1.00 63.07 ? 38  GLY B C   1 
ATOM   1015 O  O   . GLY B 1 39 ? 15.114  -12.763 5.074   1.00 64.80 ? 38  GLY B O   1 
ATOM   1016 N  N   . LYS B 1 40 ? 13.044  -11.977 5.498   1.00 63.20 ? 39  LYS B N   1 
ATOM   1017 C  CA  . LYS B 1 40 ? 12.445  -13.282 5.758   1.00 63.47 ? 39  LYS B CA  1 
ATOM   1018 C  C   . LYS B 1 40 ? 11.179  -13.401 4.913   1.00 62.82 ? 39  LYS B C   1 
ATOM   1019 O  O   . LYS B 1 40 ? 10.178  -13.952 5.374   1.00 63.93 ? 39  LYS B O   1 
ATOM   1020 C  CB  . LYS B 1 40 ? 12.147  -13.456 7.256   1.00 63.63 ? 39  LYS B CB  1 
HETATM 1021 N  N   . MSE B 1 41 ? 11.224  -12.838 3.698   1.00 61.64 ? 40  MSE B N   1 
HETATM 1022 C  CA  . MSE B 1 41 ? 10.149  -12.984 2.708   1.00 63.08 ? 40  MSE B CA  1 
HETATM 1023 C  C   . MSE B 1 41 ? 10.627  -13.355 1.286   1.00 59.95 ? 40  MSE B C   1 
HETATM 1024 O  O   . MSE B 1 41 ? 9.798   -13.506 0.385   1.00 60.52 ? 40  MSE B O   1 
HETATM 1025 C  CB  . MSE B 1 41 ? 9.317   -11.694 2.639   1.00 64.67 ? 40  MSE B CB  1 
HETATM 1026 C  CG  . MSE B 1 41 ? 8.910   -11.096 4.000   1.00 68.85 ? 40  MSE B CG  1 
HETATM 1027 SE SE  . MSE B 1 41 ? 7.129   -10.274 4.036   0.75 78.86 ? 40  MSE B SE  1 
HETATM 1028 C  CE  . MSE B 1 41 ? 6.057   -11.940 4.281   1.00 73.31 ? 40  MSE B CE  1 
ATOM   1029 N  N   . ASP B 1 42 ? 11.938  -13.542 1.102   1.00 56.96 ? 41  ASP B N   1 
ATOM   1030 C  CA  . ASP B 1 42 ? 12.582  -13.751 -0.208  1.00 54.51 ? 41  ASP B CA  1 
ATOM   1031 C  C   . ASP B 1 42 ? 12.479  -12.529 -1.141  1.00 52.02 ? 41  ASP B C   1 
ATOM   1032 O  O   . ASP B 1 42 ? 12.549  -12.672 -2.358  1.00 53.02 ? 41  ASP B O   1 
ATOM   1033 C  CB  . ASP B 1 42 ? 12.063  -15.022 -0.898  1.00 54.72 ? 41  ASP B CB  1 
HETATM 1034 N  N   . MSE B 1 43 ? 12.357  -11.335 -0.559  1.00 48.20 ? 42  MSE B N   1 
HETATM 1035 C  CA  . MSE B 1 43 ? 12.215  -10.076 -1.298  1.00 47.19 ? 42  MSE B CA  1 
HETATM 1036 C  C   . MSE B 1 43 ? 13.400  -9.176  -1.019  1.00 42.62 ? 42  MSE B C   1 
HETATM 1037 O  O   . MSE B 1 43 ? 14.096  -9.389  -0.047  1.00 40.72 ? 42  MSE B O   1 
HETATM 1038 C  CB  . MSE B 1 43 ? 10.988  -9.325  -0.805  1.00 45.16 ? 42  MSE B CB  1 
HETATM 1039 C  CG  . MSE B 1 43 ? 9.677   -9.943  -1.100  1.00 48.30 ? 42  MSE B CG  1 
HETATM 1040 SE SE  . MSE B 1 43 ? 8.277   -8.872  -0.253  0.75 48.87 ? 42  MSE B SE  1 
HETATM 1041 C  CE  . MSE B 1 43 ? 7.038   -9.419  -1.491  1.00 51.47 ? 42  MSE B CE  1 
ATOM   1042 N  N   . THR B 1 44 ? 13.592  -8.141  -1.837  1.00 39.41 ? 43  THR B N   1 
ATOM   1043 C  CA  . THR B 1 44 ? 14.626  -7.146  -1.572  1.00 38.65 ? 43  THR B CA  1 
ATOM   1044 C  C   . THR B 1 44 ? 14.112  -6.210  -0.456  1.00 39.39 ? 43  THR B C   1 
ATOM   1045 O  O   . THR B 1 44 ? 12.903  -6.185  -0.181  1.00 37.29 ? 43  THR B O   1 
ATOM   1046 C  CB  . THR B 1 44 ? 14.972  -6.314  -2.818  1.00 40.43 ? 43  THR B CB  1 
ATOM   1047 O  OG1 . THR B 1 44 ? 13.873  -5.465  -3.154  1.00 36.37 ? 43  THR B OG1 1 
ATOM   1048 C  CG2 . THR B 1 44 ? 15.365  -7.207  -4.033  1.00 34.87 ? 43  THR B CG2 1 
ATOM   1049 N  N   . PRO B 1 45 ? 15.020  -5.458  0.210   1.00 39.61 ? 44  PRO B N   1 
ATOM   1050 C  CA  . PRO B 1 45 ? 14.594  -4.506  1.261   1.00 39.02 ? 44  PRO B CA  1 
ATOM   1051 C  C   . PRO B 1 45 ? 13.537  -3.478  0.820   1.00 36.86 ? 44  PRO B C   1 
ATOM   1052 O  O   . PRO B 1 45 ? 12.590  -3.229  1.549   1.00 38.68 ? 44  PRO B O   1 
ATOM   1053 C  CB  . PRO B 1 45 ? 15.908  -3.812  1.641   1.00 40.01 ? 44  PRO B CB  1 
ATOM   1054 C  CG  . PRO B 1 45 ? 16.959  -4.810  1.315   1.00 39.59 ? 44  PRO B CG  1 
ATOM   1055 C  CD  . PRO B 1 45 ? 16.492  -5.468  0.073   1.00 39.80 ? 44  PRO B CD  1 
ATOM   1056 N  N   . GLU B 1 46 ? 13.686  -2.940  -0.382  1.00 36.67 ? 45  GLU B N   1 
ATOM   1057 C  CA  . GLU B 1 46 ? 12.755  -1.957  -0.948  1.00 37.49 ? 45  GLU B CA  1 
ATOM   1058 C  C   . GLU B 1 46 ? 11.366  -2.576  -1.207  1.00 36.28 ? 45  GLU B C   1 
ATOM   1059 O  O   . GLU B 1 46 ? 10.354  -1.917  -1.005  1.00 35.07 ? 45  GLU B O   1 
ATOM   1060 C  CB  . GLU B 1 46 ? 13.293  -1.363  -2.251  1.00 38.90 ? 45  GLU B CB  1 
ATOM   1061 C  CG  . GLU B 1 46 ? 14.611  -0.589  -2.131  1.00 45.06 ? 45  GLU B CG  1 
ATOM   1062 C  CD  . GLU B 1 46 ? 15.887  -1.460  -2.133  1.00 53.51 ? 45  GLU B CD  1 
ATOM   1063 O  OE1 . GLU B 1 46 ? 15.833  -2.704  -2.321  1.00 50.30 ? 45  GLU B OE1 1 
ATOM   1064 O  OE2 . GLU B 1 46 ? 16.970  -0.870  -1.950  1.00 64.83 ? 45  GLU B OE2 1 
ATOM   1065 N  N   . GLN B 1 47 ? 11.344  -3.827  -1.666  1.00 35.78 ? 46  GLN B N   1 
ATOM   1066 C  CA  . GLN B 1 47 ? 10.097  -4.569  -1.885  1.00 34.88 ? 46  GLN B CA  1 
ATOM   1067 C  C   . GLN B 1 47 ? 9.392   -4.841  -0.560  1.00 33.84 ? 46  GLN B C   1 
ATOM   1068 O  O   . GLN B 1 47 ? 8.210   -4.587  -0.435  1.00 31.03 ? 46  GLN B O   1 
ATOM   1069 C  CB  . GLN B 1 47 ? 10.370  -5.885  -2.590  1.00 35.29 ? 46  GLN B CB  1 
ATOM   1070 C  CG  . GLN B 1 47 ? 10.819  -5.717  -4.022  1.00 34.95 ? 46  GLN B CG  1 
ATOM   1071 C  CD  . GLN B 1 47 ? 11.166  -7.020  -4.697  1.00 35.05 ? 46  GLN B CD  1 
ATOM   1072 O  OE1 . GLN B 1 47 ? 11.609  -7.973  -4.060  1.00 37.05 ? 46  GLN B OE1 1 
ATOM   1073 N  NE2 . GLN B 1 47 ? 10.978  -7.065  -6.015  1.00 36.33 ? 46  GLN B NE2 1 
ATOM   1074 N  N   . THR B 1 48 ? 10.136  -5.336  0.426   1.00 35.31 ? 47  THR B N   1 
ATOM   1075 C  CA  . THR B 1 48 ? 9.592   -5.610  1.753   1.00 35.82 ? 47  THR B CA  1 
ATOM   1076 C  C   . THR B 1 48 ? 8.940   -4.377  2.370   1.00 35.29 ? 47  THR B C   1 
ATOM   1077 O  O   . THR B 1 48 ? 7.828   -4.455  2.911   1.00 34.25 ? 47  THR B O   1 
ATOM   1078 C  CB  . THR B 1 48 ? 10.681  -6.107  2.689   1.00 37.57 ? 47  THR B CB  1 
ATOM   1079 O  OG1 . THR B 1 48 ? 11.230  -7.322  2.165   1.00 37.98 ? 47  THR B OG1 1 
ATOM   1080 C  CG2 . THR B 1 48 ? 10.119  -6.353  4.081   1.00 37.53 ? 47  THR B CG2 1 
ATOM   1081 N  N   . GLN B 1 49 ? 9.628   -3.243  2.262   1.00 35.41 ? 48  GLN B N   1 
ATOM   1082 C  CA  A GLN B 1 49 ? 9.128   -1.970  2.802   0.50 35.28 ? 48  GLN B CA  1 
ATOM   1083 C  CA  B GLN B 1 49 ? 9.137   -1.982  2.814   0.50 35.24 ? 48  GLN B CA  1 
ATOM   1084 C  C   . GLN B 1 49 ? 7.902   -1.494  2.059   1.00 35.28 ? 48  GLN B C   1 
ATOM   1085 O  O   . GLN B 1 49 ? 6.910   -1.119  2.678   1.00 36.14 ? 48  GLN B O   1 
ATOM   1086 C  CB  A GLN B 1 49 ? 10.176  -0.870  2.710   0.50 35.83 ? 48  GLN B CB  1 
ATOM   1087 C  CB  B GLN B 1 49 ? 10.264  -0.942  2.825   0.50 35.75 ? 48  GLN B CB  1 
ATOM   1088 C  CG  A GLN B 1 49 ? 11.373  -1.069  3.579   0.50 37.34 ? 48  GLN B CG  1 
ATOM   1089 C  CG  B GLN B 1 49 ? 11.373  -1.313  3.830   0.50 37.14 ? 48  GLN B CG  1 
ATOM   1090 C  CD  A GLN B 1 49 ? 12.412  -0.022  3.303   0.50 36.50 ? 48  GLN B CD  1 
ATOM   1091 C  CD  B GLN B 1 49 ? 12.768  -0.800  3.485   0.50 36.35 ? 48  GLN B CD  1 
ATOM   1092 O  OE1 A GLN B 1 49 ? 13.402  -0.276  2.608   0.50 30.70 ? 48  GLN B OE1 1 
ATOM   1093 O  OE1 B GLN B 1 49 ? 12.981  -0.095  2.491   0.50 34.94 ? 48  GLN B OE1 1 
ATOM   1094 N  NE2 A GLN B 1 49 ? 12.168  1.188   3.799   0.50 33.42 ? 48  GLN B NE2 1 
ATOM   1095 N  NE2 B GLN B 1 49 ? 13.738  -1.182  4.310   0.50 30.30 ? 48  GLN B NE2 1 
ATOM   1096 N  N   . ALA B 1 50 ? 7.971   -1.513  0.722   1.00 33.89 ? 49  ALA B N   1 
ATOM   1097 C  CA  . ALA B 1 50 ? 6.850   -1.088  -0.106  1.00 31.77 ? 49  ALA B CA  1 
ATOM   1098 C  C   . ALA B 1 50 ? 5.649   -1.992  0.161   1.00 31.02 ? 49  ALA B C   1 
ATOM   1099 O  O   . ALA B 1 50 ? 4.523   -1.516  0.313   1.00 31.39 ? 49  ALA B O   1 
ATOM   1100 C  CB  . ALA B 1 50 ? 7.220   -1.134  -1.591  1.00 32.72 ? 49  ALA B CB  1 
ATOM   1101 N  N   . PHE B 1 51 ? 5.911   -3.295  0.239   1.00 30.89 ? 50  PHE B N   1 
ATOM   1102 C  CA  . PHE B 1 51 ? 4.891   -4.297  0.503   1.00 34.59 ? 50  PHE B CA  1 
ATOM   1103 C  C   . PHE B 1 51 ? 4.186   -4.100  1.846   1.00 32.98 ? 50  PHE B C   1 
ATOM   1104 O  O   . PHE B 1 51 ? 2.969   -4.051  1.890   1.00 33.52 ? 50  PHE B O   1 
ATOM   1105 C  CB  . PHE B 1 51 ? 5.487   -5.704  0.439   1.00 36.33 ? 50  PHE B CB  1 
ATOM   1106 C  CG  . PHE B 1 51 ? 4.480   -6.790  0.654   1.00 40.22 ? 50  PHE B CG  1 
ATOM   1107 C  CD1 . PHE B 1 51 ? 3.547   -7.085  -0.339  1.00 43.98 ? 50  PHE B CD1 1 
ATOM   1108 C  CD2 . PHE B 1 51 ? 4.454   -7.510  1.847   1.00 42.28 ? 50  PHE B CD2 1 
ATOM   1109 C  CE1 . PHE B 1 51 ? 2.597   -8.088  -0.149  1.00 44.33 ? 50  PHE B CE1 1 
ATOM   1110 C  CE2 . PHE B 1 51 ? 3.514   -8.507  2.046   1.00 47.43 ? 50  PHE B CE2 1 
ATOM   1111 C  CZ  . PHE B 1 51 ? 2.585   -8.797  1.042   1.00 45.20 ? 50  PHE B CZ  1 
HETATM 1112 N  N   . MSE B 1 52 ? 4.951   -3.991  2.925   1.00 33.98 ? 51  MSE B N   1 
HETATM 1113 C  CA  . MSE B 1 52 ? 4.375   -3.851  4.266   1.00 35.45 ? 51  MSE B CA  1 
HETATM 1114 C  C   . MSE B 1 52 ? 3.674   -2.511  4.451   1.00 34.94 ? 51  MSE B C   1 
HETATM 1115 O  O   . MSE B 1 52 ? 2.559   -2.457  4.969   1.00 34.24 ? 51  MSE B O   1 
HETATM 1116 C  CB  . MSE B 1 52 ? 5.442   -4.057  5.338   1.00 38.94 ? 51  MSE B CB  1 
HETATM 1117 C  CG  . MSE B 1 52 ? 5.939   -5.504  5.462   1.00 48.66 ? 51  MSE B CG  1 
HETATM 1118 SE SE  . MSE B 1 52 ? 4.525   -6.835  5.874   0.75 58.86 ? 51  MSE B SE  1 
HETATM 1119 C  CE  . MSE B 1 52 ? 3.494   -5.684  7.213   1.00 48.54 ? 51  MSE B CE  1 
ATOM   1120 N  N   . VAL B 1 53 ? 4.302   -1.427  4.000   1.00 35.44 ? 52  VAL B N   1 
ATOM   1121 C  CA  . VAL B 1 53 ? 3.670   -0.111  4.087   1.00 33.36 ? 52  VAL B CA  1 
ATOM   1122 C  C   . VAL B 1 53 ? 2.382   -0.079  3.244   1.00 32.64 ? 52  VAL B C   1 
ATOM   1123 O  O   . VAL B 1 53 ? 1.354   0.383   3.713   1.00 32.62 ? 52  VAL B O   1 
ATOM   1124 C  CB  . VAL B 1 53 ? 4.613   1.036   3.653   1.00 34.85 ? 52  VAL B CB  1 
ATOM   1125 C  CG1 . VAL B 1 53 ? 3.859   2.354   3.641   1.00 33.63 ? 52  VAL B CG1 1 
ATOM   1126 C  CG2 . VAL B 1 53 ? 5.854   1.120   4.572   1.00 30.65 ? 52  VAL B CG2 1 
ATOM   1127 N  N   . GLY B 1 54 ? 2.437   -0.578  2.010   1.00 31.56 ? 53  GLY B N   1 
ATOM   1128 C  CA  . GLY B 1 54 ? 1.282   -0.568  1.144   1.00 32.90 ? 53  GLY B CA  1 
ATOM   1129 C  C   . GLY B 1 54 ? 0.141   -1.387  1.696   1.00 33.47 ? 53  GLY B C   1 
ATOM   1130 O  O   . GLY B 1 54 ? -0.991  -0.940  1.745   1.00 34.23 ? 53  GLY B O   1 
ATOM   1131 N  N   . LEU B 1 55 ? 0.467   -2.590  2.142   1.00 35.13 ? 54  LEU B N   1 
ATOM   1132 C  CA  . LEU B 1 55 ? -0.515  -3.500  2.703   1.00 35.64 ? 54  LEU B CA  1 
ATOM   1133 C  C   . LEU B 1 55 ? -1.212  -2.949  3.952   1.00 36.14 ? 54  LEU B C   1 
ATOM   1134 O  O   . LEU B 1 55 ? -2.447  -3.063  4.087   1.00 34.48 ? 54  LEU B O   1 
ATOM   1135 C  CB  . LEU B 1 55 ? 0.172   -4.815  3.021   1.00 33.71 ? 54  LEU B CB  1 
ATOM   1136 C  CG  . LEU B 1 55 ? -0.639  -5.965  3.551   1.00 39.79 ? 54  LEU B CG  1 
ATOM   1137 C  CD1 . LEU B 1 55 ? -1.590  -6.445  2.455   1.00 45.12 ? 54  LEU B CD1 1 
ATOM   1138 C  CD2 . LEU B 1 55 ? 0.334   -7.056  3.993   1.00 36.75 ? 54  LEU B CD2 1 
ATOM   1139 N  N   . LYS B 1 56 ? -0.438  -2.355  4.862   1.00 36.77 ? 55  LYS B N   1 
ATOM   1140 C  CA  . LYS B 1 56 ? -1.012  -1.796  6.105   1.00 36.55 ? 55  LYS B CA  1 
ATOM   1141 C  C   . LYS B 1 56 ? -1.856  -0.566  5.856   1.00 34.74 ? 55  LYS B C   1 
ATOM   1142 O  O   . LYS B 1 56 ? -2.864  -0.381  6.531   1.00 36.33 ? 55  LYS B O   1 
ATOM   1143 C  CB  . LYS B 1 56 ? 0.069   -1.500  7.159   1.00 37.39 ? 55  LYS B CB  1 
ATOM   1144 C  CG  . LYS B 1 56 ? 0.854   -2.737  7.644   1.00 39.33 ? 55  LYS B CG  1 
ATOM   1145 C  CD  . LYS B 1 56 ? 0.033   -3.771  8.401   1.00 44.64 ? 55  LYS B CD  1 
ATOM   1146 C  CE  . LYS B 1 56 ? -0.495  -3.246  9.714   1.00 46.10 ? 55  LYS B CE  1 
ATOM   1147 N  NZ  . LYS B 1 56 ? -1.022  -4.347  10.600  1.00 48.51 ? 55  LYS B NZ  1 
ATOM   1148 N  N   . LEU B 1 57 ? -1.444  0.281   4.912   1.00 35.89 ? 56  LEU B N   1 
ATOM   1149 C  CA  . LEU B 1 57 ? -2.228  1.452   4.496   1.00 35.28 ? 56  LEU B CA  1 
ATOM   1150 C  C   . LEU B 1 57 ? -3.549  1.069   3.861   1.00 34.32 ? 56  LEU B C   1 
ATOM   1151 O  O   . LEU B 1 57 ? -4.583  1.651   4.154   1.00 32.30 ? 56  LEU B O   1 
ATOM   1152 C  CB  . LEU B 1 57 ? -1.502  2.278   3.430   1.00 36.74 ? 56  LEU B CB  1 
ATOM   1153 C  CG  . LEU B 1 57 ? -0.662  3.487   3.750   1.00 43.70 ? 56  LEU B CG  1 
ATOM   1154 C  CD1 . LEU B 1 57 ? -0.215  4.095   2.422   1.00 34.71 ? 56  LEU B CD1 1 
ATOM   1155 C  CD2 . LEU B 1 57 ? -1.515  4.451   4.548   1.00 42.08 ? 56  LEU B CD2 1 
ATOM   1156 N  N   . PHE B 1 58 ? -3.475  0.158   2.898   1.00 35.78 ? 57  PHE B N   1 
ATOM   1157 C  CA  . PHE B 1 58 ? -4.670  -0.337  2.208   1.00 37.11 ? 57  PHE B CA  1 
ATOM   1158 C  C   . PHE B 1 58 ? -5.618  -1.054  3.180   1.00 34.77 ? 57  PHE B C   1 
ATOM   1159 O  O   . PHE B 1 58 ? -6.825  -0.845  3.138   1.00 34.85 ? 57  PHE B O   1 
ATOM   1160 C  CB  . PHE B 1 58 ? -4.218  -1.240  1.047   1.00 42.92 ? 57  PHE B CB  1 
ATOM   1161 C  CG  . PHE B 1 58 ? -5.312  -2.019  0.408   1.00 40.14 ? 57  PHE B CG  1 
ATOM   1162 C  CD1 . PHE B 1 58 ? -6.089  -1.464  -0.582  1.00 45.80 ? 57  PHE B CD1 1 
ATOM   1163 C  CD2 . PHE B 1 58 ? -5.539  -3.337  0.782   1.00 48.17 ? 57  PHE B CD2 1 
ATOM   1164 C  CE1 . PHE B 1 58 ? -7.085  -2.222  -1.183  1.00 49.57 ? 57  PHE B CE1 1 
ATOM   1165 C  CE2 . PHE B 1 58 ? -6.519  -4.081  0.194   1.00 45.30 ? 57  PHE B CE2 1 
ATOM   1166 C  CZ  . PHE B 1 58 ? -7.298  -3.526  -0.792  1.00 47.10 ? 57  PHE B CZ  1 
ATOM   1167 N  N   . GLY B 1 59 ? -5.058  -1.888  4.053   1.00 34.94 ? 58  GLY B N   1 
ATOM   1168 C  CA  . GLY B 1 59 ? -5.839  -2.629  5.058   1.00 34.49 ? 58  GLY B CA  1 
ATOM   1169 C  C   . GLY B 1 59 ? -6.568  -1.726  6.019   1.00 33.76 ? 58  GLY B C   1 
ATOM   1170 O  O   . GLY B 1 59 ? -7.686  -2.019  6.429   1.00 34.19 ? 58  GLY B O   1 
ATOM   1171 N  N   . GLU B 1 60 ? -5.935  -0.607  6.376   1.00 33.86 ? 59  GLU B N   1 
ATOM   1172 C  CA  . GLU B 1 60 ? -6.553  0.358   7.266   1.00 33.24 ? 59  GLU B CA  1 
ATOM   1173 C  C   . GLU B 1 60 ? -7.809  0.976   6.638   1.00 33.12 ? 59  GLU B C   1 
ATOM   1174 O  O   . GLU B 1 60 ? -8.850  1.042   7.287   1.00 32.27 ? 59  GLU B O   1 
ATOM   1175 C  CB  . GLU B 1 60 ? -5.553  1.442   7.677   1.00 33.65 ? 59  GLU B CB  1 
ATOM   1176 C  CG  . GLU B 1 60 ? -5.911  2.144   8.919   1.00 36.84 ? 59  GLU B CG  1 
ATOM   1177 C  CD  . GLU B 1 60 ? -6.039  1.214   10.148  1.00 41.76 ? 59  GLU B CD  1 
ATOM   1178 O  OE1 . GLU B 1 60 ? -5.295  0.207   10.299  1.00 41.43 ? 59  GLU B OE1 1 
ATOM   1179 O  OE2 . GLU B 1 60 ? -6.910  1.511   10.963  1.00 40.88 ? 59  GLU B OE2 1 
ATOM   1180 N  N   . VAL B 1 61 ? -7.718  1.409   5.385   1.00 34.08 ? 60  VAL B N   1 
ATOM   1181 C  CA  . VAL B 1 61 ? -8.890  1.955   4.672   1.00 34.36 ? 60  VAL B CA  1 
ATOM   1182 C  C   . VAL B 1 61 ? -9.999  0.902   4.504   1.00 37.01 ? 60  VAL B C   1 
ATOM   1183 O  O   . VAL B 1 61 ? -11.169 1.217   4.627   1.00 37.79 ? 60  VAL B O   1 
ATOM   1184 C  CB  . VAL B 1 61 ? -8.518  2.513   3.289   1.00 34.65 ? 60  VAL B CB  1 
ATOM   1185 C  CG1 . VAL B 1 61 ? -9.752  3.024   2.566   1.00 32.36 ? 60  VAL B CG1 1 
ATOM   1186 C  CG2 . VAL B 1 61 ? -7.486  3.627   3.423   1.00 36.31 ? 60  VAL B CG2 1 
HETATM 1187 N  N   . MSE B 1 62 ? -9.617  -0.339  4.220   1.00 38.76 ? 61  MSE B N   1 
HETATM 1188 C  CA  . MSE B 1 62 ? -10.564 -1.432  4.107   1.00 44.16 ? 61  MSE B CA  1 
HETATM 1189 C  C   . MSE B 1 62 ? -11.303 -1.680  5.419   1.00 40.71 ? 61  MSE B C   1 
HETATM 1190 O  O   . MSE B 1 62 ? -12.503 -1.923  5.403   1.00 39.93 ? 61  MSE B O   1 
HETATM 1191 C  CB  . MSE B 1 62 ? -9.852  -2.714  3.694   1.00 40.99 ? 61  MSE B CB  1 
HETATM 1192 C  CG  . MSE B 1 62 ? -10.796 -3.901  3.589   1.00 53.32 ? 61  MSE B CG  1 
HETATM 1193 SE SE  . MSE B 1 62 ? -10.025 -5.359  2.620   0.75 65.76 ? 61  MSE B SE  1 
HETATM 1194 C  CE  . MSE B 1 62 ? -9.611  -4.350  1.021   1.00 52.36 ? 61  MSE B CE  1 
HETATM 1195 N  N   . MSE B 1 63 ? -10.577 -1.667  6.533   1.00 38.80 ? 62  MSE B N   1 
HETATM 1196 C  CA  . MSE B 1 63 ? -11.204 -1.802  7.842   1.00 43.54 ? 62  MSE B CA  1 
HETATM 1197 C  C   . MSE B 1 63 ? -12.137 -0.630  8.160   1.00 42.07 ? 62  MSE B C   1 
HETATM 1198 O  O   . MSE B 1 63 ? -13.148 -0.838  8.783   1.00 43.99 ? 62  MSE B O   1 
HETATM 1199 C  CB  . MSE B 1 63 ? -10.165 -2.010  8.941   1.00 43.10 ? 62  MSE B CB  1 
HETATM 1200 C  CG  . MSE B 1 63 ? -9.608  -3.411  8.967   1.00 45.75 ? 62  MSE B CG  1 
HETATM 1201 SE SE  . MSE B 1 63 ? -8.451  -3.638  10.473  0.75 54.03 ? 62  MSE B SE  1 
HETATM 1202 C  CE  . MSE B 1 63 ? -7.052  -2.439  10.009  1.00 49.47 ? 62  MSE B CE  1 
ATOM   1203 N  N   . GLN B 1 64 ? -11.811 0.585   7.721   1.00 42.91 ? 63  GLN B N   1 
ATOM   1204 C  CA  . GLN B 1 64 ? -12.736 1.725   7.860   1.00 43.61 ? 63  GLN B CA  1 
ATOM   1205 C  C   . GLN B 1 64 ? -13.966 1.595   6.940   1.00 43.86 ? 63  GLN B C   1 
ATOM   1206 O  O   . GLN B 1 64 ? -15.050 2.004   7.303   1.00 46.26 ? 63  GLN B O   1 
ATOM   1207 C  CB  . GLN B 1 64 ? -12.042 3.039   7.533   1.00 42.11 ? 63  GLN B CB  1 
ATOM   1208 C  CG  . GLN B 1 64 ? -10.907 3.422   8.441   1.00 39.74 ? 63  GLN B CG  1 
ATOM   1209 C  CD  . GLN B 1 64 ? -10.091 4.575   7.878   1.00 44.80 ? 63  GLN B CD  1 
ATOM   1210 O  OE1 . GLN B 1 64 ? -10.545 5.283   6.975   1.00 49.09 ? 63  GLN B OE1 1 
ATOM   1211 N  NE2 . GLN B 1 64 ? -8.880  4.771   8.407   1.00 39.95 ? 63  GLN B NE2 1 
ATOM   1212 N  N   . GLN B 1 65 ? -13.778 1.014   5.756   1.00 45.49 ? 64  GLN B N   1 
ATOM   1213 C  CA  . GLN B 1 65 ? -14.817 0.901   4.716   1.00 45.24 ? 64  GLN B CA  1 
ATOM   1214 C  C   . GLN B 1 65 ? -15.219 -0.567  4.465   1.00 43.73 ? 64  GLN B C   1 
ATOM   1215 O  O   . GLN B 1 65 ? -15.450 -0.986  3.345   1.00 40.93 ? 64  GLN B O   1 
ATOM   1216 C  CB  . GLN B 1 65 ? -14.273 1.562   3.431   1.00 44.81 ? 64  GLN B CB  1 
ATOM   1217 C  CG  . GLN B 1 65 ? -14.154 3.087   3.504   1.00 45.25 ? 64  GLN B CG  1 
ATOM   1218 C  CD  . GLN B 1 65 ? -15.504 3.806   3.350   1.00 50.58 ? 64  GLN B CD  1 
ATOM   1219 O  OE1 . GLN B 1 65 ? -16.561 3.185   3.332   1.00 53.56 ? 64  GLN B OE1 1 
ATOM   1220 N  NE2 . GLN B 1 65 ? -15.459 5.122   3.242   1.00 53.68 ? 64  GLN B NE2 1 
ATOM   1221 N  N   . ARG B 1 66 ? -15.342 -1.324  5.545   1.00 46.50 ? 65  ARG B N   1 
ATOM   1222 C  CA  . ARG B 1 66 ? -15.562 -2.787  5.512   1.00 48.58 ? 65  ARG B CA  1 
ATOM   1223 C  C   . ARG B 1 66 ? -16.795 -3.259  4.702   1.00 48.13 ? 65  ARG B C   1 
ATOM   1224 O  O   . ARG B 1 66 ? -16.718 -4.230  3.941   1.00 48.26 ? 65  ARG B O   1 
ATOM   1225 C  CB  . ARG B 1 66 ? -15.666 -3.279  6.964   1.00 49.51 ? 65  ARG B CB  1 
ATOM   1226 C  CG  . ARG B 1 66 ? -15.582 -4.771  7.155   1.00 53.10 ? 65  ARG B CG  1 
ATOM   1227 C  CD  . ARG B 1 66 ? -15.817 -5.152  8.634   1.00 52.05 ? 65  ARG B CD  1 
ATOM   1228 N  NE  . ARG B 1 66 ? -14.724 -4.739  9.527   1.00 57.59 ? 65  ARG B NE  1 
ATOM   1229 C  CZ  . ARG B 1 66 ? -13.507 -5.298  9.569   1.00 57.41 ? 65  ARG B CZ  1 
ATOM   1230 N  NH1 . ARG B 1 66 ? -13.160 -6.293  8.738   1.00 57.67 ? 65  ARG B NH1 1 
ATOM   1231 N  NH2 . ARG B 1 66 ? -12.604 -4.844  10.439  1.00 56.06 ? 65  ARG B NH2 1 
ATOM   1232 N  N   . LYS B 1 67 ? -17.916 -2.566  4.876   1.00 48.32 ? 66  LYS B N   1 
ATOM   1233 C  CA  . LYS B 1 67 ? -19.155 -2.883  4.161   1.00 49.86 ? 66  LYS B CA  1 
ATOM   1234 C  C   . LYS B 1 67 ? -19.255 -2.217  2.769   1.00 48.90 ? 66  LYS B C   1 
ATOM   1235 O  O   . LYS B 1 67 ? -20.240 -2.422  2.067   1.00 48.78 ? 66  LYS B O   1 
ATOM   1236 C  CB  . LYS B 1 67 ? -20.374 -2.499  5.021   1.00 49.91 ? 66  LYS B CB  1 
ATOM   1237 C  CG  . LYS B 1 67 ? -20.377 -3.105  6.440   1.00 53.85 ? 66  LYS B CG  1 
ATOM   1238 C  CD  . LYS B 1 67 ? -20.271 -4.634  6.437   1.00 53.23 ? 66  LYS B CD  1 
ATOM   1239 N  N   . HIS B 1 68 ? -18.244 -1.437  2.376   1.00 48.84 ? 67  HIS B N   1 
ATOM   1240 C  CA  . HIS B 1 68 ? -18.216 -0.765  1.074   1.00 50.54 ? 67  HIS B CA  1 
ATOM   1241 C  C   . HIS B 1 68 ? -18.300 -1.832  -0.044  1.00 50.96 ? 67  HIS B C   1 
ATOM   1242 O  O   . HIS B 1 68 ? -17.692 -2.904  0.085   1.00 46.58 ? 67  HIS B O   1 
ATOM   1243 C  CB  . HIS B 1 68 ? -16.933 0.064   0.951   1.00 51.58 ? 67  HIS B CB  1 
ATOM   1244 C  CG  . HIS B 1 68 ? -16.966 1.140   -0.090  1.00 56.33 ? 67  HIS B CG  1 
ATOM   1245 N  ND1 . HIS B 1 68 ? -17.051 0.879   -1.441  1.00 61.58 ? 67  HIS B ND1 1 
ATOM   1246 C  CD2 . HIS B 1 68 ? -16.847 2.483   0.023   1.00 59.39 ? 67  HIS B CD2 1 
ATOM   1247 C  CE1 . HIS B 1 68 ? -17.029 2.017   -2.110  1.00 61.26 ? 67  HIS B CE1 1 
ATOM   1248 N  NE2 . HIS B 1 68 ? -16.897 3.005   -1.244  1.00 61.42 ? 67  HIS B NE2 1 
ATOM   1249 N  N   . PRO B 1 69 ? -19.115 -1.582  -1.100  1.00 53.15 ? 68  PRO B N   1 
ATOM   1250 C  CA  . PRO B 1 69 ? -19.249 -2.525  -2.228  1.00 53.19 ? 68  PRO B CA  1 
ATOM   1251 C  C   . PRO B 1 69 ? -17.944 -2.907  -2.943  1.00 53.34 ? 68  PRO B C   1 
ATOM   1252 O  O   . PRO B 1 69 ? -17.790 -4.058  -3.364  1.00 52.98 ? 68  PRO B O   1 
ATOM   1253 C  CB  . PRO B 1 69 ? -20.176 -1.774  -3.193  1.00 54.62 ? 68  PRO B CB  1 
ATOM   1254 C  CG  . PRO B 1 69 ? -20.956 -0.885  -2.334  1.00 54.56 ? 68  PRO B CG  1 
ATOM   1255 C  CD  . PRO B 1 69 ? -20.013 -0.422  -1.281  1.00 52.81 ? 68  PRO B CD  1 
ATOM   1256 N  N   . LEU B 1 70 ? -17.027 -1.947  -3.071  1.00 53.25 ? 69  LEU B N   1 
ATOM   1257 C  CA  . LEU B 1 70 ? -15.690 -2.198  -3.626  1.00 53.06 ? 69  LEU B CA  1 
ATOM   1258 C  C   . LEU B 1 70 ? -14.865 -3.254  -2.867  1.00 52.40 ? 69  LEU B C   1 
ATOM   1259 O  O   . LEU B 1 70 ? -14.004 -3.885  -3.480  1.00 52.43 ? 69  LEU B O   1 
ATOM   1260 C  CB  . LEU B 1 70 ? -14.868 -0.888  -3.712  1.00 54.01 ? 69  LEU B CB  1 
ATOM   1261 C  CG  . LEU B 1 70 ? -15.358 0.262   -4.628  1.00 59.20 ? 69  LEU B CG  1 
ATOM   1262 C  CD1 . LEU B 1 70 ? -14.435 1.492   -4.516  1.00 53.43 ? 69  LEU B CD1 1 
ATOM   1263 C  CD2 . LEU B 1 70 ? -15.516 -0.152  -6.102  1.00 62.29 ? 69  LEU B CD2 1 
ATOM   1264 N  N   . PHE B 1 71 ? -15.135 -3.442  -1.564  1.00 50.15 ? 70  PHE B N   1 
ATOM   1265 C  CA  . PHE B 1 71 ? -14.346 -4.322  -0.679  1.00 49.33 ? 70  PHE B CA  1 
ATOM   1266 C  C   . PHE B 1 71 ? -15.011 -5.584  -0.170  1.00 47.88 ? 70  PHE B C   1 
ATOM   1267 O  O   . PHE B 1 71 ? -14.318 -6.471  0.320   1.00 45.72 ? 70  PHE B O   1 
ATOM   1268 C  CB  . PHE B 1 71 ? -13.945 -3.560  0.588   1.00 48.58 ? 70  PHE B CB  1 
ATOM   1269 C  CG  . PHE B 1 71 ? -13.045 -2.390  0.354   1.00 48.65 ? 70  PHE B CG  1 
ATOM   1270 C  CD1 . PHE B 1 71 ? -11.880 -2.527  -0.375  1.00 50.60 ? 70  PHE B CD1 1 
ATOM   1271 C  CD2 . PHE B 1 71 ? -13.323 -1.162  0.935   1.00 49.77 ? 70  PHE B CD2 1 
ATOM   1272 C  CE1 . PHE B 1 71 ? -11.032 -1.452  -0.559  1.00 55.76 ? 70  PHE B CE1 1 
ATOM   1273 C  CE2 . PHE B 1 71 ? -12.477 -0.079  0.755   1.00 53.62 ? 70  PHE B CE2 1 
ATOM   1274 C  CZ  . PHE B 1 71 ? -11.328 -0.225  0.007   1.00 54.53 ? 70  PHE B CZ  1 
ATOM   1275 N  N   . LYS B 1 72 ? -16.332 -5.646  -0.254  1.00 48.25 ? 71  LYS B N   1 
ATOM   1276 C  CA  . LYS B 1 72 ? -17.131 -6.680  0.413   1.00 50.34 ? 71  LYS B CA  1 
ATOM   1277 C  C   . LYS B 1 72 ? -16.742 -8.087  -0.059  1.00 49.21 ? 71  LYS B C   1 
ATOM   1278 O  O   . LYS B 1 72 ? -16.450 -8.958  0.764   1.00 50.82 ? 71  LYS B O   1 
ATOM   1279 C  CB  . LYS B 1 72 ? -18.644 -6.428  0.197   1.00 51.19 ? 71  LYS B CB  1 
ATOM   1280 C  CG  . LYS B 1 72 ? -19.493 -6.471  1.465   1.00 52.64 ? 71  LYS B CG  1 
ATOM   1281 C  CD  . LYS B 1 72 ? -20.937 -6.104  1.151   1.00 53.33 ? 71  LYS B CD  1 
ATOM   1282 C  CE  . LYS B 1 72 ? -21.753 -5.808  2.397   1.00 56.78 ? 71  LYS B CE  1 
ATOM   1283 N  NZ  . LYS B 1 72 ? -23.200 -5.571  2.078   1.00 58.35 ? 71  LYS B NZ  1 
ATOM   1284 N  N   . GLU B 1 73 ? -16.729 -8.287  -1.374  1.00 45.42 ? 72  GLU B N   1 
ATOM   1285 C  CA  . GLU B 1 73 ? -16.348 -9.565  -1.968  1.00 45.28 ? 72  GLU B CA  1 
ATOM   1286 C  C   . GLU B 1 73 ? -14.862 -9.906  -1.851  1.00 42.08 ? 72  GLU B C   1 
ATOM   1287 O  O   . GLU B 1 73 ? -14.498 -11.057 -1.962  1.00 40.84 ? 72  GLU B O   1 
ATOM   1288 C  CB  . GLU B 1 73 ? -16.741 -9.595  -3.437  1.00 44.41 ? 72  GLU B CB  1 
ATOM   1289 C  CG  . GLU B 1 73 ? -18.253 -9.612  -3.631  1.00 52.89 ? 72  GLU B CG  1 
ATOM   1290 C  CD  . GLU B 1 73 ? -18.667 -9.765  -5.084  1.00 53.05 ? 72  GLU B CD  1 
ATOM   1291 O  OE1 . GLU B 1 73 ? -17.779 -9.864  -5.963  1.00 67.67 ? 72  GLU B OE1 1 
ATOM   1292 O  OE2 . GLU B 1 73 ? -19.890 -9.776  -5.344  1.00 69.86 ? 72  GLU B OE2 1 
ATOM   1293 N  N   . PHE B 1 74 ? -14.020 -8.901  -1.643  1.00 39.72 ? 73  PHE B N   1 
ATOM   1294 C  CA  . PHE B 1 74 ? -12.576 -9.075  -1.558  1.00 39.04 ? 73  PHE B CA  1 
ATOM   1295 C  C   . PHE B 1 74 ? -12.130 -9.455  -0.164  1.00 38.11 ? 73  PHE B C   1 
ATOM   1296 O  O   . PHE B 1 74 ? -10.977 -9.841  0.011   1.00 37.17 ? 73  PHE B O   1 
ATOM   1297 C  CB  . PHE B 1 74 ? -11.890 -7.771  -1.978  1.00 38.77 ? 73  PHE B CB  1 
ATOM   1298 C  CG  . PHE B 1 74 ? -10.397 -7.850  -2.105  1.00 37.45 ? 73  PHE B CG  1 
ATOM   1299 C  CD1 . PHE B 1 74 ? -9.789  -8.839  -2.872  1.00 38.43 ? 73  PHE B CD1 1 
ATOM   1300 C  CD2 . PHE B 1 74 ? -9.591  -6.885  -1.509  1.00 37.68 ? 73  PHE B CD2 1 
ATOM   1301 C  CE1 . PHE B 1 74 ? -8.414  -8.890  -3.019  1.00 36.01 ? 73  PHE B CE1 1 
ATOM   1302 C  CE2 . PHE B 1 74 ? -8.222  -6.922  -1.653  1.00 36.94 ? 73  PHE B CE2 1 
ATOM   1303 C  CZ  . PHE B 1 74 ? -7.626  -7.933  -2.411  1.00 36.62 ? 73  PHE B CZ  1 
ATOM   1304 N  N   . SER B 1 75 ? -13.033 -9.398  0.815   1.00 37.13 ? 74  SER B N   1 
ATOM   1305 C  CA  . SER B 1 75 ? -12.649 -9.611  2.202   1.00 38.19 ? 74  SER B CA  1 
ATOM   1306 C  C   . SER B 1 75 ? -12.246 -11.052 2.516   1.00 36.84 ? 74  SER B C   1 
ATOM   1307 O  O   . SER B 1 75 ? -11.240 -11.241 3.179   1.00 37.93 ? 74  SER B O   1 
ATOM   1308 C  CB  . SER B 1 75 ? -13.719 -9.095  3.161   1.00 37.68 ? 74  SER B CB  1 
ATOM   1309 O  OG  . SER B 1 75 ? -14.958 -9.666  2.853   1.00 47.03 ? 74  SER B OG  1 
ATOM   1310 N  N   . ALA B 1 76 ? -13.000 -12.054 2.052   1.00 35.97 ? 75  ALA B N   1 
ATOM   1311 C  CA  . ALA B 1 76 ? -12.597 -13.464 2.263   1.00 36.49 ? 75  ALA B CA  1 
ATOM   1312 C  C   . ALA B 1 76 ? -11.204 -13.762 1.660   1.00 36.47 ? 75  ALA B C   1 
ATOM   1313 O  O   . ALA B 1 76 ? -10.348 -14.304 2.363   1.00 36.86 ? 75  ALA B O   1 
ATOM   1314 C  CB  . ALA B 1 76 ? -13.654 -14.462 1.734   1.00 34.95 ? 75  ALA B CB  1 
ATOM   1315 N  N   . PRO B 1 77 ? -10.990 -13.453 0.356   1.00 35.83 ? 76  PRO B N   1 
ATOM   1316 C  CA  . PRO B 1 77 ? -9.660  -13.596 -0.247  1.00 35.51 ? 76  PRO B CA  1 
ATOM   1317 C  C   . PRO B 1 77 ? -8.539  -12.809 0.464   1.00 34.00 ? 76  PRO B C   1 
ATOM   1318 O  O   . PRO B 1 77 ? -7.432  -13.323 0.613   1.00 34.95 ? 76  PRO B O   1 
ATOM   1319 C  CB  . PRO B 1 77 ? -9.860  -13.054 -1.674  1.00 35.17 ? 76  PRO B CB  1 
ATOM   1320 C  CG  . PRO B 1 77 ? -11.260 -13.171 -1.947  1.00 34.94 ? 76  PRO B CG  1 
ATOM   1321 C  CD  . PRO B 1 77 ? -11.988 -13.058 -0.657  1.00 36.39 ? 76  PRO B CD  1 
ATOM   1322 N  N   . PHE B 1 78 ? -8.828  -11.571 0.858   1.00 31.66 ? 77  PHE B N   1 
ATOM   1323 C  CA  . PHE B 1 78 ? -7.872  -10.741 1.554   1.00 32.19 ? 77  PHE B CA  1 
ATOM   1324 C  C   . PHE B 1 78 ? -7.566  -11.278 2.953   1.00 31.82 ? 77  PHE B C   1 
ATOM   1325 O  O   . PHE B 1 78 ? -6.435  -11.247 3.362   1.00 32.66 ? 77  PHE B O   1 
ATOM   1326 C  CB  . PHE B 1 78 ? -8.336  -9.295  1.603   1.00 34.07 ? 77  PHE B CB  1 
ATOM   1327 C  CG  . PHE B 1 78 ? -7.290  -8.344  2.088   1.00 35.41 ? 77  PHE B CG  1 
ATOM   1328 C  CD1 . PHE B 1 78 ? -6.199  -8.023  1.280   1.00 40.40 ? 77  PHE B CD1 1 
ATOM   1329 C  CD2 . PHE B 1 78 ? -7.387  -7.749  3.336   1.00 37.35 ? 77  PHE B CD2 1 
ATOM   1330 C  CE1 . PHE B 1 78 ? -5.225  -7.142  1.720   1.00 40.32 ? 77  PHE B CE1 1 
ATOM   1331 C  CE2 . PHE B 1 78 ? -6.405  -6.852  3.769   1.00 35.09 ? 77  PHE B CE2 1 
ATOM   1332 C  CZ  . PHE B 1 78 ? -5.330  -6.564  2.969   1.00 35.66 ? 77  PHE B CZ  1 
ATOM   1333 N  N   . ARG B 1 79 ? -8.556  -11.798 3.668   1.00 33.58 ? 78  ARG B N   1 
ATOM   1334 C  CA  . ARG B 1 79 ? -8.292  -12.396 4.977   1.00 35.42 ? 78  ARG B CA  1 
ATOM   1335 C  C   . ARG B 1 79 ? -7.426  -13.642 4.887   1.00 32.87 ? 78  ARG B C   1 
ATOM   1336 O  O   . ARG B 1 79 ? -6.514  -13.797 5.682   1.00 34.10 ? 78  ARG B O   1 
ATOM   1337 C  CB  . ARG B 1 79 ? -9.578  -12.674 5.761   1.00 36.18 ? 78  ARG B CB  1 
ATOM   1338 C  CG  . ARG B 1 79 ? -10.090 -11.457 6.472   1.00 38.67 ? 78  ARG B CG  1 
ATOM   1339 C  CD  . ARG B 1 79 ? -11.248 -11.740 7.375   1.00 40.61 ? 78  ARG B CD  1 
ATOM   1340 N  NE  . ARG B 1 79 ? -12.462 -12.069 6.630   1.00 41.64 ? 78  ARG B NE  1 
ATOM   1341 C  CZ  . ARG B 1 79 ? -12.851 -13.287 6.289   1.00 37.71 ? 78  ARG B CZ  1 
ATOM   1342 N  NH1 . ARG B 1 79 ? -12.142 -14.356 6.629   1.00 44.75 ? 78  ARG B NH1 1 
ATOM   1343 N  NH2 . ARG B 1 79 ? -13.970 -13.427 5.594   1.00 34.51 ? 78  ARG B NH2 1 
ATOM   1344 N  N   . ALA B 1 80 ? -7.700  -14.503 3.915   1.00 33.14 ? 79  ALA B N   1 
ATOM   1345 C  CA  . ALA B 1 80 ? -6.872  -15.690 3.655   1.00 32.87 ? 79  ALA B CA  1 
ATOM   1346 C  C   . ALA B 1 80 ? -5.451  -15.295 3.295   1.00 33.31 ? 79  ALA B C   1 
ATOM   1347 O  O   . ALA B 1 80 ? -4.494  -15.947 3.702   1.00 33.69 ? 79  ALA B O   1 
ATOM   1348 C  CB  . ALA B 1 80 ? -7.489  -16.572 2.544   1.00 31.38 ? 79  ALA B CB  1 
ATOM   1349 N  N   . PHE B 1 81 ? -5.309  -14.218 2.529   1.00 34.74 ? 80  PHE B N   1 
ATOM   1350 C  CA  . PHE B 1 81 ? -3.995  -13.695 2.167   1.00 32.22 ? 80  PHE B CA  1 
ATOM   1351 C  C   . PHE B 1 81 ? -3.234  -13.224 3.411   1.00 32.28 ? 80  PHE B C   1 
ATOM   1352 O  O   . PHE B 1 81 ? -2.088  -13.613 3.611   1.00 28.85 ? 80  PHE B O   1 
ATOM   1353 C  CB  . PHE B 1 81 ? -4.150  -12.569 1.152   1.00 33.09 ? 80  PHE B CB  1 
ATOM   1354 C  CG  . PHE B 1 81 ? -2.865  -11.956 0.731   1.00 31.71 ? 80  PHE B CG  1 
ATOM   1355 C  CD1 . PHE B 1 81 ? -1.951  -12.685 -0.017  1.00 37.96 ? 80  PHE B CD1 1 
ATOM   1356 C  CD2 . PHE B 1 81 ? -2.568  -10.645 1.057   1.00 36.60 ? 80  PHE B CD2 1 
ATOM   1357 C  CE1 . PHE B 1 81 ? -0.766  -12.118 -0.424  1.00 34.86 ? 80  PHE B CE1 1 
ATOM   1358 C  CE2 . PHE B 1 81 ? -1.376  -10.078 0.665   1.00 41.52 ? 80  PHE B CE2 1 
ATOM   1359 C  CZ  . PHE B 1 81 ? -0.475  -10.817 -0.086  1.00 38.52 ? 80  PHE B CZ  1 
HETATM 1360 N  N   . MSE B 1 82 ? -3.884  -12.414 4.253   1.00 33.40 ? 81  MSE B N   1 
HETATM 1361 C  CA  . MSE B 1 82 ? -3.276  -11.939 5.505   1.00 34.97 ? 81  MSE B CA  1 
HETATM 1362 C  C   . MSE B 1 82 ? -2.854  -13.078 6.432   1.00 35.56 ? 81  MSE B C   1 
HETATM 1363 O  O   . MSE B 1 82 ? -1.787  -13.048 7.045   1.00 36.31 ? 81  MSE B O   1 
HETATM 1364 C  CB  . MSE B 1 82 ? -4.252  -11.035 6.260   1.00 37.48 ? 81  MSE B CB  1 
HETATM 1365 C  CG  . MSE B 1 82 ? -4.493  -9.707  5.605   1.00 43.29 ? 81  MSE B CG  1 
HETATM 1366 SE SE  . MSE B 1 82 ? -2.851  -8.767  5.285   0.75 49.91 ? 81  MSE B SE  1 
HETATM 1367 C  CE  . MSE B 1 82 ? -2.329  -8.407  7.192   1.00 50.56 ? 81  MSE B CE  1 
HETATM 1368 N  N   . MSE B 1 83 ? -3.702  -14.081 6.521   1.00 35.77 ? 82  MSE B N   1 
HETATM 1369 C  CA  . MSE B 1 83 ? -3.431  -15.240 7.339   1.00 38.26 ? 82  MSE B CA  1 
HETATM 1370 C  C   . MSE B 1 83 ? -2.222  -16.015 6.809   1.00 36.97 ? 82  MSE B C   1 
HETATM 1371 O  O   . MSE B 1 83 ? -1.368  -16.444 7.589   1.00 34.81 ? 82  MSE B O   1 
HETATM 1372 C  CB  . MSE B 1 83 ? -4.645  -16.155 7.338   1.00 37.65 ? 82  MSE B CB  1 
HETATM 1373 C  CG  . MSE B 1 83 ? -4.500  -17.344 8.237   1.00 38.56 ? 82  MSE B CG  1 
HETATM 1374 SE SE  . MSE B 1 83 ? -5.870  -18.514 7.836   0.75 41.23 ? 82  MSE B SE  1 
HETATM 1375 C  CE  . MSE B 1 83 ? -5.332  -19.149 6.045   1.00 40.56 ? 82  MSE B CE  1 
ATOM   1376 N  N   . ASN B 1 84 ? -2.197  -16.229 5.494   1.00 37.01 ? 83  ASN B N   1 
ATOM   1377 C  CA  . ASN B 1 84 ? -1.097  -16.938 4.848   1.00 38.07 ? 83  ASN B CA  1 
ATOM   1378 C  C   . ASN B 1 84 ? 0.217   -16.180 4.964   1.00 38.05 ? 83  ASN B C   1 
ATOM   1379 O  O   . ASN B 1 84 ? 1.243   -16.802 5.138   1.00 39.95 ? 83  ASN B O   1 
ATOM   1380 C  CB  . ASN B 1 84 ? -1.442  -17.300 3.398   1.00 39.15 ? 83  ASN B CB  1 
ATOM   1381 C  CG  . ASN B 1 84 ? -2.552  -18.388 3.314   1.00 44.74 ? 83  ASN B CG  1 
ATOM   1382 O  OD1 . ASN B 1 84 ? -2.456  -19.436 3.957   1.00 53.03 ? 83  ASN B OD1 1 
ATOM   1383 N  ND2 . ASN B 1 84 ? -3.599  -18.125 2.530   1.00 44.15 ? 83  ASN B ND2 1 
ATOM   1384 N  N   . LEU B 1 85 ? 0.179   -14.849 4.915   1.00 39.83 ? 84  LEU B N   1 
ATOM   1385 C  CA  . LEU B 1 85 ? 1.377   -14.022 5.152   1.00 42.00 ? 84  LEU B CA  1 
ATOM   1386 C  C   . LEU B 1 85 ? 1.984   -14.229 6.539   1.00 43.13 ? 84  LEU B C   1 
ATOM   1387 O  O   . LEU B 1 85 ? 3.194   -14.276 6.668   1.00 43.40 ? 84  LEU B O   1 
ATOM   1388 C  CB  . LEU B 1 85 ? 1.085   -12.529 4.971   1.00 40.57 ? 84  LEU B CB  1 
ATOM   1389 C  CG  . LEU B 1 85 ? 0.971   -12.031 3.545   1.00 48.08 ? 84  LEU B CG  1 
ATOM   1390 C  CD1 . LEU B 1 85 ? 0.607   -10.538 3.561   1.00 47.76 ? 84  LEU B CD1 1 
ATOM   1391 C  CD2 . LEU B 1 85 ? 2.278   -12.292 2.777   1.00 45.30 ? 84  LEU B CD2 1 
ATOM   1392 N  N   . LYS B 1 86 ? 1.145   -14.335 7.564   1.00 46.41 ? 85  LYS B N   1 
ATOM   1393 C  CA  . LYS B 1 86 ? 1.621   -14.589 8.933   1.00 52.06 ? 85  LYS B CA  1 
ATOM   1394 C  C   . LYS B 1 86 ? 2.361   -15.930 9.068   1.00 54.07 ? 85  LYS B C   1 
ATOM   1395 O  O   . LYS B 1 86 ? 3.267   -16.044 9.891   1.00 56.27 ? 85  LYS B O   1 
ATOM   1396 C  CB  . LYS B 1 86 ? 0.471   -14.484 9.940   1.00 51.40 ? 85  LYS B CB  1 
ATOM   1397 C  CG  . LYS B 1 86 ? -0.031  -13.050 10.083  1.00 52.39 ? 85  LYS B CG  1 
ATOM   1398 C  CD  . LYS B 1 86 ? -1.438  -12.972 10.644  1.00 54.59 ? 85  LYS B CD  1 
ATOM   1399 C  CE  . LYS B 1 86 ? -1.998  -11.560 10.517  1.00 55.76 ? 85  LYS B CE  1 
ATOM   1400 N  NZ  . LYS B 1 86 ? -3.446  -11.552 10.845  1.00 60.43 ? 85  LYS B NZ  1 
ATOM   1401 N  N   . LYS B 1 87 ? 1.988   -16.922 8.257   1.00 56.30 ? 86  LYS B N   1 
ATOM   1402 C  CA  . LYS B 1 87 ? 2.713   -18.209 8.190   1.00 57.69 ? 86  LYS B CA  1 
ATOM   1403 C  C   . LYS B 1 87 ? 4.067   -18.122 7.438   1.00 59.09 ? 86  LYS B C   1 
ATOM   1404 O  O   . LYS B 1 87 ? 4.921   -18.990 7.613   1.00 59.94 ? 86  LYS B O   1 
ATOM   1405 C  CB  . LYS B 1 87 ? 1.832   -19.273 7.532   1.00 57.29 ? 86  LYS B CB  1 
ATOM   1406 C  CG  . LYS B 1 87 ? 0.583   -19.598 8.332   1.00 58.81 ? 86  LYS B CG  1 
ATOM   1407 C  CD  . LYS B 1 87 ? -0.575  -20.052 7.452   1.00 59.40 ? 86  LYS B CD  1 
ATOM   1408 C  CE  . LYS B 1 87 ? -0.390  -21.421 6.855   1.00 61.50 ? 86  LYS B CE  1 
ATOM   1409 N  NZ  . LYS B 1 87 ? -1.525  -21.649 5.921   1.00 60.21 ? 86  LYS B NZ  1 
ATOM   1410 N  N   . GLN B 1 88 ? 4.249   -17.101 6.594   1.00 60.53 ? 87  GLN B N   1 
ATOM   1411 C  CA  . GLN B 1 88 ? 5.510   -16.891 5.859   1.00 61.39 ? 87  GLN B CA  1 
ATOM   1412 C  C   . GLN B 1 88 ? 6.600   -16.335 6.789   1.00 63.53 ? 87  GLN B C   1 
ATOM   1413 O  O   . GLN B 1 88 ? 6.531   -15.182 7.233   1.00 64.50 ? 87  GLN B O   1 
ATOM   1414 C  CB  . GLN B 1 88 ? 5.307   -15.938 4.666   1.00 61.84 ? 87  GLN B CB  1 
ATOM   1415 O  OXT . GLN B 1 88 ? 7.575   -17.018 7.126   1.00 63.38 ? 87  GLN B OXT 1 
HETATM 1416 C  C1  . EDO C 2 .  ? -7.188  2.566   -11.281 1.00 62.28 ? 88  EDO A C1  1 
HETATM 1417 O  O1  . EDO C 2 .  ? -8.290  2.597   -10.360 1.00 63.21 ? 88  EDO A O1  1 
HETATM 1418 C  C2  . EDO C 2 .  ? -6.151  1.540   -10.824 1.00 61.25 ? 88  EDO A C2  1 
HETATM 1419 O  O2  . EDO C 2 .  ? -5.014  1.532   -11.709 1.00 58.45 ? 88  EDO A O2  1 
HETATM 1420 O  O   . HOH D 3 .  ? 6.816   11.552  6.008   1.00 33.89 ? 89  HOH A O   1 
HETATM 1421 O  O   . HOH D 3 .  ? 9.318   10.527  -10.739 1.00 35.86 ? 90  HOH A O   1 
HETATM 1422 O  O   . HOH D 3 .  ? 3.478   10.628  -10.605 1.00 38.79 ? 91  HOH A O   1 
HETATM 1423 O  O   . HOH D 3 .  ? 15.757  2.849   -1.191  1.00 36.32 ? 92  HOH A O   1 
HETATM 1424 O  O   . HOH D 3 .  ? 7.380   -10.858 -11.777 1.00 39.29 ? 93  HOH A O   1 
HETATM 1425 O  O   . HOH D 3 .  ? -11.622 -10.100 -5.234  1.00 37.45 ? 94  HOH A O   1 
HETATM 1426 O  O   . HOH D 3 .  ? 3.439   5.386   -16.113 1.00 41.93 ? 95  HOH A O   1 
HETATM 1427 O  O   . HOH D 3 .  ? 11.616  4.188   -15.139 1.00 44.00 ? 96  HOH A O   1 
HETATM 1428 O  O   . HOH D 3 .  ? -12.294 -3.431  -15.558 1.00 45.18 ? 97  HOH A O   1 
HETATM 1429 O  O   . HOH D 3 .  ? 16.542  5.745   -0.453  1.00 46.66 ? 98  HOH A O   1 
HETATM 1430 O  O   . HOH D 3 .  ? -16.188 10.095  -3.264  1.00 44.95 ? 99  HOH A O   1 
HETATM 1431 O  O   . HOH D 3 .  ? 11.629  2.648   -13.255 1.00 46.83 ? 100 HOH A O   1 
HETATM 1432 O  O   . HOH D 3 .  ? 13.510  2.488   -8.409  1.00 50.89 ? 101 HOH A O   1 
HETATM 1433 O  O   . HOH D 3 .  ? 3.989   -3.463  -12.972 1.00 50.93 ? 102 HOH A O   1 
HETATM 1434 O  O   . HOH D 3 .  ? 1.242   -0.915  -8.682  1.00 56.21 ? 103 HOH A O   1 
HETATM 1435 O  O   . HOH D 3 .  ? 14.789  10.647  2.318   1.00 49.51 ? 104 HOH A O   1 
HETATM 1436 O  O   . HOH D 3 .  ? 14.518  8.933   16.266  1.00 53.23 ? 105 HOH A O   1 
HETATM 1437 O  O   . HOH D 3 .  ? -5.196  10.303  3.279   1.00 51.15 ? 106 HOH A O   1 
HETATM 1438 O  O   . HOH D 3 .  ? -13.443 8.970   -4.021  1.00 55.02 ? 107 HOH A O   1 
HETATM 1439 O  O   . HOH D 3 .  ? -2.592  14.025  -7.593  1.00 58.77 ? 108 HOH A O   1 
HETATM 1440 O  O   . HOH D 3 .  ? -8.733  15.759  -9.391  1.00 55.88 ? 109 HOH A O   1 
HETATM 1441 O  O   . HOH D 3 .  ? -1.403  -2.417  -9.022  1.00 65.92 ? 110 HOH A O   1 
HETATM 1442 O  O   . HOH D 3 .  ? 4.666   8.281   -16.798 1.00 61.63 ? 111 HOH A O   1 
HETATM 1443 O  O   . HOH D 3 .  ? -6.669  -5.579  -13.807 1.00 60.51 ? 112 HOH A O   1 
HETATM 1444 O  O   . HOH D 3 .  ? -7.379  16.436  -7.230  1.00 64.91 ? 113 HOH A O   1 
HETATM 1445 O  O   . HOH D 3 .  ? 10.393  9.072   -12.644 1.00 36.59 ? 114 HOH A O   1 
HETATM 1446 O  O   . HOH D 3 .  ? -13.288 -8.252  -5.736  1.00 39.62 ? 115 HOH A O   1 
HETATM 1447 O  O   . HOH D 3 .  ? -13.285 -3.603  -6.250  1.00 48.65 ? 116 HOH A O   1 
HETATM 1448 O  O   . HOH D 3 .  ? 13.779  6.914   22.532  1.00 52.87 ? 117 HOH A O   1 
HETATM 1449 O  O   . HOH D 3 .  ? -14.223 -8.102  -10.734 1.00 47.15 ? 118 HOH A O   1 
HETATM 1450 O  O   . HOH E 3 .  ? 9.540   11.030  0.626   1.00 27.48 ? 88  HOH B O   1 
HETATM 1451 O  O   . HOH E 3 .  ? -3.727  -1.827  8.658   1.00 29.50 ? 89  HOH B O   1 
HETATM 1452 O  O   . HOH E 3 .  ? -5.849  5.902   10.070  1.00 31.73 ? 90  HOH B O   1 
HETATM 1453 O  O   . HOH E 3 .  ? 3.713   7.375   16.292  1.00 34.93 ? 91  HOH B O   1 
HETATM 1454 O  O   . HOH E 3 .  ? -7.859  3.825   10.901  1.00 35.94 ? 92  HOH B O   1 
HETATM 1455 O  O   . HOH E 3 .  ? 15.662  0.820   1.373   1.00 35.61 ? 93  HOH B O   1 
HETATM 1456 O  O   . HOH E 3 .  ? -15.699 -11.914 0.890   1.00 39.17 ? 94  HOH B O   1 
HETATM 1457 O  O   . HOH E 3 .  ? -6.127  -15.463 -1.008  1.00 43.74 ? 95  HOH B O   1 
HETATM 1458 O  O   . HOH E 3 .  ? 6.257   2.170   14.575  1.00 41.71 ? 96  HOH B O   1 
HETATM 1459 O  O   . HOH E 3 .  ? 6.620   10.834  -12.238 1.00 42.56 ? 97  HOH B O   1 
HETATM 1460 O  O   . HOH E 3 .  ? -2.538  13.419  14.208  1.00 44.16 ? 98  HOH B O   1 
HETATM 1461 O  O   . HOH E 3 .  ? 13.606  12.373  -0.321  1.00 44.60 ? 99  HOH B O   1 
HETATM 1462 O  O   . HOH E 3 .  ? -5.127  7.316   16.449  1.00 44.34 ? 100 HOH B O   1 
HETATM 1463 O  O   . HOH E 3 .  ? 1.521   7.871   17.628  1.00 45.95 ? 101 HOH B O   1 
HETATM 1464 O  O   . HOH E 3 .  ? 3.239   19.089  -5.199  1.00 45.96 ? 102 HOH B O   1 
HETATM 1465 O  O   . HOH E 3 .  ? 13.902  -3.957  -5.471  1.00 47.93 ? 103 HOH B O   1 
HETATM 1466 O  O   . HOH E 3 .  ? -2.202  -2.773  12.354  1.00 48.83 ? 104 HOH B O   1 
HETATM 1467 O  O   . HOH E 3 .  ? -3.564  -16.402 -0.628  1.00 51.06 ? 105 HOH B O   1 
HETATM 1468 O  O   . HOH E 3 .  ? 12.346  -8.821  -8.240  1.00 50.76 ? 106 HOH B O   1 
HETATM 1469 O  O   . HOH E 3 .  ? -15.937 -13.216 -1.386  1.00 50.84 ? 107 HOH B O   1 
HETATM 1470 O  O   . HOH E 3 .  ? -6.886  6.912   7.242   1.00 49.39 ? 108 HOH B O   1 
HETATM 1471 O  O   . HOH E 3 .  ? -14.394 -6.694  -3.904  1.00 57.24 ? 109 HOH B O   1 
HETATM 1472 O  O   . HOH E 3 .  ? -16.947 7.648   3.065   1.00 63.44 ? 110 HOH B O   1 
HETATM 1473 O  O   . HOH E 3 .  ? -5.738  -11.047 9.556   1.00 62.34 ? 111 HOH B O   1 
HETATM 1474 O  O   . HOH E 3 .  ? -4.391  -1.220  12.417  1.00 40.55 ? 112 HOH B O   1 
HETATM 1475 O  O   . HOH E 3 .  ? -3.750  -4.791  8.094   1.00 53.03 ? 113 HOH B O   1 
# 
